data_7WII
# 
_entry.id   7WII 
# 
_audit_conform.dict_name       mmcif_pdbx.dic 
_audit_conform.dict_version    5.392 
_audit_conform.dict_location   http://mmcif.pdb.org/dictionaries/ascii/mmcif_pdbx.dic 
# 
loop_
_database_2.database_id 
_database_2.database_code 
_database_2.pdbx_database_accession 
_database_2.pdbx_DOI 
PDB   7WII         pdb_00007wii 10.2210/pdb7wii/pdb 
WWPDB D_1300026767 ?            ?                   
# 
loop_
_pdbx_audit_revision_history.ordinal 
_pdbx_audit_revision_history.data_content_type 
_pdbx_audit_revision_history.major_revision 
_pdbx_audit_revision_history.minor_revision 
_pdbx_audit_revision_history.revision_date 
1 'Structure model' 1 0 2023-01-18 
2 'Structure model' 1 1 2023-02-08 
3 'Structure model' 1 2 2024-05-29 
# 
_pdbx_audit_revision_details.ordinal             1 
_pdbx_audit_revision_details.revision_ordinal    1 
_pdbx_audit_revision_details.data_content_type   'Structure model' 
_pdbx_audit_revision_details.provider            repository 
_pdbx_audit_revision_details.type                'Initial release' 
_pdbx_audit_revision_details.description         ? 
_pdbx_audit_revision_details.details             ? 
# 
loop_
_pdbx_audit_revision_group.ordinal 
_pdbx_audit_revision_group.revision_ordinal 
_pdbx_audit_revision_group.data_content_type 
_pdbx_audit_revision_group.group 
1 2 'Structure model' 'Database references' 
2 3 'Structure model' 'Data collection'     
# 
loop_
_pdbx_audit_revision_category.ordinal 
_pdbx_audit_revision_category.revision_ordinal 
_pdbx_audit_revision_category.data_content_type 
_pdbx_audit_revision_category.category 
1 2 'Structure model' citation        
2 2 'Structure model' citation_author 
3 3 'Structure model' chem_comp_atom  
4 3 'Structure model' chem_comp_bond  
# 
loop_
_pdbx_audit_revision_item.ordinal 
_pdbx_audit_revision_item.revision_ordinal 
_pdbx_audit_revision_item.data_content_type 
_pdbx_audit_revision_item.item 
1 2 'Structure model' '_citation.journal_volume'          
2 2 'Structure model' '_citation.page_first'              
3 2 'Structure model' '_citation.page_last'               
4 2 'Structure model' '_citation_author.identifier_ORCID' 
# 
_pdbx_database_status.status_code                     REL 
_pdbx_database_status.status_code_sf                  REL 
_pdbx_database_status.status_code_mr                  ? 
_pdbx_database_status.entry_id                        7WII 
_pdbx_database_status.recvd_initial_deposition_date   2022-01-03 
_pdbx_database_status.SG_entry                        N 
_pdbx_database_status.deposit_site                    PDBJ 
_pdbx_database_status.process_site                    PDBJ 
_pdbx_database_status.status_code_cs                  ? 
_pdbx_database_status.status_code_nmr_data            ? 
_pdbx_database_status.methods_development_category    ? 
_pdbx_database_status.pdb_format_compatible           Y 
# 
_pdbx_contact_author.id                 2 
_pdbx_contact_author.email              fangxy@mail.tsinghua.edu.cn 
_pdbx_contact_author.name_first         Xianyang 
_pdbx_contact_author.name_last          Fang 
_pdbx_contact_author.name_mi            ? 
_pdbx_contact_author.role               'principal investigator/group leader' 
_pdbx_contact_author.identifier_ORCID   0000-0001-9432-9736 
# 
loop_
_audit_author.name 
_audit_author.pdbx_ordinal 
_audit_author.identifier_ORCID 
'Xu, L.'   1 0000-0003-1584-2772 
'Fang, X.' 2 0000-0001-9432-9736 
'Xiao, Y.' 3 0000-0003-2518-9594 
# 
_citation.abstract                  ? 
_citation.abstract_id_CAS           ? 
_citation.book_id_ISBN              ? 
_citation.book_publisher            ? 
_citation.book_publisher_city       ? 
_citation.book_title                ? 
_citation.coordinate_linkage        ? 
_citation.country                   UK 
_citation.database_id_Medline       ? 
_citation.details                   ? 
_citation.id                        primary 
_citation.journal_abbrev            'Nucleic Acids Res.' 
_citation.journal_id_ASTM           NARHAD 
_citation.journal_id_CSD            0389 
_citation.journal_id_ISSN           1362-4962 
_citation.journal_full              ? 
_citation.journal_issue             ? 
_citation.journal_volume            51 
_citation.language                  ? 
_citation.page_first                952 
_citation.page_last                 965 
_citation.title                     'Structural insights into translation regulation by the THF-II riboswitch.' 
_citation.year                      2023 
_citation.database_id_CSD           ? 
_citation.pdbx_database_id_DOI      10.1093/nar/gkac1257 
_citation.pdbx_database_id_PubMed   36620887 
_citation.pdbx_database_id_patent   ? 
_citation.unpublished_flag          ? 
# 
loop_
_citation_author.citation_id 
_citation_author.name 
_citation_author.ordinal 
_citation_author.identifier_ORCID 
primary 'Xu, L.'    1 ? 
primary 'Xiao, Y.'  2 ? 
primary 'Zhang, J.' 3 ? 
primary 'Fang, X.'  4 ? 
# 
loop_
_entity.id 
_entity.type 
_entity.src_method 
_entity.pdbx_description 
_entity.formula_weight 
_entity.pdbx_number_of_molecules 
_entity.pdbx_ec 
_entity.pdbx_mutation 
_entity.pdbx_fragment 
_entity.details 
1 polymer     man 'RNA (50-MER)'                                                     16287.591 1 ? ? ? ? 
2 non-polymer syn '2-AMINO-7,8-DIHYDRO-6-(1,2,3-TRIHYDROXYPROPYL)-4(1H)-PTERIDINONE' 255.231   1 ? ? ? ? 
# 
_entity_poly.entity_id                      1 
_entity_poly.type                           polyribonucleotide 
_entity_poly.nstd_linkage                   no 
_entity_poly.nstd_monomer                   yes 
_entity_poly.pdbx_seq_one_letter_code       '(GTP)GCGUGGUCCGUUCAACUCGUUCCUCGAAAGAGGAACUACGGGAGACGCC' 
_entity_poly.pdbx_seq_one_letter_code_can   GGCGUGGUCCGUUCAACUCGUUCCUCGAAAGAGGAACUACGGGAGACGCC 
_entity_poly.pdbx_strand_id                 V 
_entity_poly.pdbx_target_identifier         ? 
# 
_pdbx_entity_nonpoly.entity_id   2 
_pdbx_entity_nonpoly.name        '2-AMINO-7,8-DIHYDRO-6-(1,2,3-TRIHYDROXYPROPYL)-4(1H)-PTERIDINONE' 
_pdbx_entity_nonpoly.comp_id     NPR 
# 
loop_
_entity_poly_seq.entity_id 
_entity_poly_seq.num 
_entity_poly_seq.mon_id 
_entity_poly_seq.hetero 
1 1  GTP n 
1 2  G   n 
1 3  C   n 
1 4  G   n 
1 5  U   n 
1 6  G   n 
1 7  G   n 
1 8  U   n 
1 9  C   n 
1 10 C   n 
1 11 G   n 
1 12 U   n 
1 13 U   n 
1 14 C   n 
1 15 A   n 
1 16 A   n 
1 17 C   n 
1 18 U   n 
1 19 C   n 
1 20 G   n 
1 21 U   n 
1 22 U   n 
1 23 C   n 
1 24 C   n 
1 25 U   n 
1 26 C   n 
1 27 G   n 
1 28 A   n 
1 29 A   n 
1 30 A   n 
1 31 G   n 
1 32 A   n 
1 33 G   n 
1 34 G   n 
1 35 A   n 
1 36 A   n 
1 37 C   n 
1 38 U   n 
1 39 A   n 
1 40 C   n 
1 41 G   n 
1 42 G   n 
1 43 G   n 
1 44 A   n 
1 45 G   n 
1 46 A   n 
1 47 C   n 
1 48 G   n 
1 49 C   n 
1 50 C   n 
# 
_entity_src_gen.entity_id                          1 
_entity_src_gen.pdbx_src_id                        1 
_entity_src_gen.pdbx_alt_source_flag               sample 
_entity_src_gen.pdbx_seq_type                      'Biological sequence' 
_entity_src_gen.pdbx_beg_seq_num                   1 
_entity_src_gen.pdbx_end_seq_num                   50 
_entity_src_gen.gene_src_common_name               ? 
_entity_src_gen.gene_src_genus                     ? 
_entity_src_gen.pdbx_gene_src_gene                 ? 
_entity_src_gen.gene_src_species                   ? 
_entity_src_gen.gene_src_strain                    ? 
_entity_src_gen.gene_src_tissue                    ? 
_entity_src_gen.gene_src_tissue_fraction           ? 
_entity_src_gen.gene_src_details                   ? 
_entity_src_gen.pdbx_gene_src_fragment             ? 
_entity_src_gen.pdbx_gene_src_scientific_name      'Mesorhizobium loti' 
_entity_src_gen.pdbx_gene_src_ncbi_taxonomy_id     381 
_entity_src_gen.pdbx_gene_src_variant              ? 
_entity_src_gen.pdbx_gene_src_cell_line            ? 
_entity_src_gen.pdbx_gene_src_atcc                 ? 
_entity_src_gen.pdbx_gene_src_organ                ? 
_entity_src_gen.pdbx_gene_src_organelle            ? 
_entity_src_gen.pdbx_gene_src_cell                 ? 
_entity_src_gen.pdbx_gene_src_cellular_location    ? 
_entity_src_gen.host_org_common_name               ? 
_entity_src_gen.pdbx_host_org_scientific_name      'in vitro transcription vector pT7-TP(deltai)' 
_entity_src_gen.pdbx_host_org_ncbi_taxonomy_id     905931 
_entity_src_gen.host_org_genus                     ? 
_entity_src_gen.pdbx_host_org_gene                 ? 
_entity_src_gen.pdbx_host_org_organ                ? 
_entity_src_gen.host_org_species                   ? 
_entity_src_gen.pdbx_host_org_tissue               ? 
_entity_src_gen.pdbx_host_org_tissue_fraction      ? 
_entity_src_gen.pdbx_host_org_strain               ? 
_entity_src_gen.pdbx_host_org_variant              ? 
_entity_src_gen.pdbx_host_org_cell_line            ? 
_entity_src_gen.pdbx_host_org_atcc                 ? 
_entity_src_gen.pdbx_host_org_culture_collection   ? 
_entity_src_gen.pdbx_host_org_cell                 ? 
_entity_src_gen.pdbx_host_org_organelle            ? 
_entity_src_gen.pdbx_host_org_cellular_location    ? 
_entity_src_gen.pdbx_host_org_vector_type          ? 
_entity_src_gen.pdbx_host_org_vector               ? 
_entity_src_gen.host_org_details                   ? 
_entity_src_gen.expression_system_id               ? 
_entity_src_gen.plasmid_name                       ? 
_entity_src_gen.plasmid_details                    ? 
_entity_src_gen.pdbx_description                   ? 
# 
loop_
_chem_comp.id 
_chem_comp.type 
_chem_comp.mon_nstd_flag 
_chem_comp.name 
_chem_comp.pdbx_synonyms 
_chem_comp.formula 
_chem_comp.formula_weight 
A   'RNA linking' y "ADENOSINE-5'-MONOPHOSPHATE"                                       ?                    'C10 H14 N5 O7 P'   
347.221 
C   'RNA linking' y "CYTIDINE-5'-MONOPHOSPHATE"                                        ?                    'C9 H14 N3 O8 P'    
323.197 
G   'RNA linking' y "GUANOSINE-5'-MONOPHOSPHATE"                                       ?                    'C10 H14 N5 O8 P'   
363.221 
GTP non-polymer   n "GUANOSINE-5'-TRIPHOSPHATE"                                        ?                    'C10 H16 N5 O14 P3' 
523.180 
NPR non-polymer   . '2-AMINO-7,8-DIHYDRO-6-(1,2,3-TRIHYDROXYPROPYL)-4(1H)-PTERIDINONE' 7,8-DIHYDRONEOPTERIN 'C9 H13 N5 O4'      
255.231 
U   'RNA linking' y "URIDINE-5'-MONOPHOSPHATE"                                         ?                    'C9 H13 N2 O9 P'    
324.181 
# 
loop_
_pdbx_poly_seq_scheme.asym_id 
_pdbx_poly_seq_scheme.entity_id 
_pdbx_poly_seq_scheme.seq_id 
_pdbx_poly_seq_scheme.mon_id 
_pdbx_poly_seq_scheme.ndb_seq_num 
_pdbx_poly_seq_scheme.pdb_seq_num 
_pdbx_poly_seq_scheme.auth_seq_num 
_pdbx_poly_seq_scheme.pdb_mon_id 
_pdbx_poly_seq_scheme.auth_mon_id 
_pdbx_poly_seq_scheme.pdb_strand_id 
_pdbx_poly_seq_scheme.pdb_ins_code 
_pdbx_poly_seq_scheme.hetero 
A 1 1  GTP 1  6  6  GTP GTP V . n 
A 1 2  G   2  7  7  G   G   V . n 
A 1 3  C   3  8  8  C   C   V . n 
A 1 4  G   4  9  9  G   G   V . n 
A 1 5  U   5  10 10 U   U   V . n 
A 1 6  G   6  11 11 G   G   V . n 
A 1 7  G   7  12 12 G   G   V . n 
A 1 8  U   8  13 13 U   U   V . n 
A 1 9  C   9  14 14 C   C   V . n 
A 1 10 C   10 15 15 C   C   V . n 
A 1 11 G   11 16 16 G   G   V . n 
A 1 12 U   12 17 17 U   U   V . n 
A 1 13 U   13 18 18 U   U   V . n 
A 1 14 C   14 19 19 C   C   V . n 
A 1 15 A   15 20 20 A   A   V . n 
A 1 16 A   16 21 21 A   A   V . n 
A 1 17 C   17 22 22 C   C   V . n 
A 1 18 U   18 23 23 U   U   V . n 
A 1 19 C   19 24 24 C   C   V . n 
A 1 20 G   20 25 25 G   G   V . n 
A 1 21 U   21 26 26 U   U   V . n 
A 1 22 U   22 27 27 U   U   V . n 
A 1 23 C   23 28 28 C   C   V . n 
A 1 24 C   24 29 29 C   C   V . n 
A 1 25 U   25 30 30 U   U   V . n 
A 1 26 C   26 31 31 C   C   V . n 
A 1 27 G   27 32 32 G   G   V . n 
A 1 28 A   28 33 33 A   A   V . n 
A 1 29 A   29 34 34 A   A   V . n 
A 1 30 A   30 35 35 A   A   V . n 
A 1 31 G   31 37 37 G   G   V . n 
A 1 32 A   32 38 38 A   A   V . n 
A 1 33 G   33 39 39 G   G   V . n 
A 1 34 G   34 40 40 G   G   V . n 
A 1 35 A   35 41 41 A   A   V . n 
A 1 36 A   36 42 42 A   A   V . n 
A 1 37 C   37 43 43 C   C   V . n 
A 1 38 U   38 44 44 U   U   V . n 
A 1 39 A   39 45 45 A   A   V . n 
A 1 40 C   40 46 46 C   C   V . n 
A 1 41 G   41 47 47 G   G   V . n 
A 1 42 G   42 48 48 G   G   V . n 
A 1 43 G   43 49 49 G   G   V . n 
A 1 44 A   44 50 50 A   A   V . n 
A 1 45 G   45 51 51 G   G   V . n 
A 1 46 A   46 52 52 A   A   V . n 
A 1 47 C   47 53 53 C   C   V . n 
A 1 48 G   48 54 54 G   G   V . n 
A 1 49 C   49 55 55 C   C   V . n 
A 1 50 C   50 56 56 C   C   V . n 
# 
_pdbx_nonpoly_scheme.asym_id         B 
_pdbx_nonpoly_scheme.entity_id       2 
_pdbx_nonpoly_scheme.mon_id          NPR 
_pdbx_nonpoly_scheme.ndb_seq_num     1 
_pdbx_nonpoly_scheme.pdb_seq_num     101 
_pdbx_nonpoly_scheme.auth_seq_num    101 
_pdbx_nonpoly_scheme.pdb_mon_id      NPR 
_pdbx_nonpoly_scheme.auth_mon_id     NPR 
_pdbx_nonpoly_scheme.pdb_strand_id   V 
_pdbx_nonpoly_scheme.pdb_ins_code    . 
# 
_pdbx_unobs_or_zero_occ_atoms.id               1 
_pdbx_unobs_or_zero_occ_atoms.PDB_model_num    1 
_pdbx_unobs_or_zero_occ_atoms.polymer_flag     N 
_pdbx_unobs_or_zero_occ_atoms.occupancy_flag   0 
_pdbx_unobs_or_zero_occ_atoms.auth_asym_id     V 
_pdbx_unobs_or_zero_occ_atoms.auth_comp_id     NPR 
_pdbx_unobs_or_zero_occ_atoms.auth_seq_id      101 
_pdbx_unobs_or_zero_occ_atoms.PDB_ins_code     ? 
_pdbx_unobs_or_zero_occ_atoms.auth_atom_id     C17 
_pdbx_unobs_or_zero_occ_atoms.label_alt_id     ? 
_pdbx_unobs_or_zero_occ_atoms.label_asym_id    B 
_pdbx_unobs_or_zero_occ_atoms.label_comp_id    NPR 
_pdbx_unobs_or_zero_occ_atoms.label_seq_id     ? 
_pdbx_unobs_or_zero_occ_atoms.label_atom_id    C17 
# 
loop_
_software.citation_id 
_software.classification 
_software.compiler_name 
_software.compiler_version 
_software.contact_author 
_software.contact_author_email 
_software.date 
_software.description 
_software.dependencies 
_software.hardware 
_software.language 
_software.location 
_software.mods 
_software.name 
_software.os 
_software.os_version 
_software.type 
_software.version 
_software.pdbx_ordinal 
? refinement        ? ? ? ? ? ? ? ? ? ? ? PHENIX      ? ? ? 1.17.1_3660 1 
? 'data scaling'    ? ? ? ? ? ? ? ? ? ? ? HKL-2000    ? ? ? .           2 
? 'data extraction' ? ? ? ? ? ? ? ? ? ? ? PDB_EXTRACT ? ? ? 3.27        3 
? 'data reduction'  ? ? ? ? ? ? ? ? ? ? ? HKL-2000    ? ? ? .           4 
? phasing           ? ? ? ? ? ? ? ? ? ? ? AutoSol     ? ? ? .           5 
# 
_cell.angle_alpha                  90.000 
_cell.angle_alpha_esd              ? 
_cell.angle_beta                   90.000 
_cell.angle_beta_esd               ? 
_cell.angle_gamma                  120.000 
_cell.angle_gamma_esd              ? 
_cell.entry_id                     7WII 
_cell.details                      ? 
_cell.formula_units_Z              ? 
_cell.length_a                     66.605 
_cell.length_a_esd                 ? 
_cell.length_b                     66.605 
_cell.length_b_esd                 ? 
_cell.length_c                     93.060 
_cell.length_c_esd                 ? 
_cell.volume                       357525.765 
_cell.volume_esd                   ? 
_cell.Z_PDB                        6 
_cell.reciprocal_angle_alpha       ? 
_cell.reciprocal_angle_beta        ? 
_cell.reciprocal_angle_gamma       ? 
_cell.reciprocal_angle_alpha_esd   ? 
_cell.reciprocal_angle_beta_esd    ? 
_cell.reciprocal_angle_gamma_esd   ? 
_cell.reciprocal_length_a          ? 
_cell.reciprocal_length_b          ? 
_cell.reciprocal_length_c          ? 
_cell.reciprocal_length_a_esd      ? 
_cell.reciprocal_length_b_esd      ? 
_cell.reciprocal_length_c_esd      ? 
_cell.pdbx_unique_axis             ? 
_cell.pdbx_esd_method              ? 
# 
_symmetry.entry_id                         7WII 
_symmetry.cell_setting                     ? 
_symmetry.Int_Tables_number                152 
_symmetry.space_group_name_Hall            
;P 31 2"
;
_symmetry.space_group_name_H-M             'P 31 2 1' 
_symmetry.pdbx_full_space_group_name_H-M   ? 
# 
_exptl.absorpt_coefficient_mu     ? 
_exptl.absorpt_correction_T_max   ? 
_exptl.absorpt_correction_T_min   ? 
_exptl.absorpt_correction_type    ? 
_exptl.absorpt_process_details    ? 
_exptl.entry_id                   7WII 
_exptl.crystals_number            1 
_exptl.details                    ? 
_exptl.method                     'X-RAY DIFFRACTION' 
_exptl.method_details             ? 
# 
_exptl_crystal.colour                       ? 
_exptl_crystal.density_diffrn               ? 
_exptl_crystal.density_Matthews             3.68 
_exptl_crystal.density_method               ? 
_exptl_crystal.density_percent_sol          66.54 
_exptl_crystal.description                  ? 
_exptl_crystal.F_000                        ? 
_exptl_crystal.id                           1 
_exptl_crystal.preparation                  ? 
_exptl_crystal.size_max                     ? 
_exptl_crystal.size_mid                     ? 
_exptl_crystal.size_min                     ? 
_exptl_crystal.size_rad                     ? 
_exptl_crystal.colour_lustre                ? 
_exptl_crystal.colour_modifier              ? 
_exptl_crystal.colour_primary               ? 
_exptl_crystal.density_meas                 ? 
_exptl_crystal.density_meas_esd             ? 
_exptl_crystal.density_meas_gt              ? 
_exptl_crystal.density_meas_lt              ? 
_exptl_crystal.density_meas_temp            ? 
_exptl_crystal.density_meas_temp_esd        ? 
_exptl_crystal.density_meas_temp_gt         ? 
_exptl_crystal.density_meas_temp_lt         ? 
_exptl_crystal.pdbx_crystal_image_url       ? 
_exptl_crystal.pdbx_crystal_image_format    ? 
_exptl_crystal.pdbx_mosaicity               ? 
_exptl_crystal.pdbx_mosaicity_esd           ? 
_exptl_crystal.pdbx_mosaic_method           ? 
_exptl_crystal.pdbx_mosaic_block_size       ? 
_exptl_crystal.pdbx_mosaic_block_size_esd   ? 
# 
_exptl_crystal_grow.apparatus       ? 
_exptl_crystal_grow.atmosphere      ? 
_exptl_crystal_grow.crystal_id      1 
_exptl_crystal_grow.details         ? 
_exptl_crystal_grow.method          'VAPOR DIFFUSION, HANGING DROP' 
_exptl_crystal_grow.method_ref      ? 
_exptl_crystal_grow.pH              ? 
_exptl_crystal_grow.pressure        ? 
_exptl_crystal_grow.pressure_esd    ? 
_exptl_crystal_grow.seeding         ? 
_exptl_crystal_grow.seeding_ref     ? 
_exptl_crystal_grow.temp_details    ? 
_exptl_crystal_grow.temp_esd        ? 
_exptl_crystal_grow.time            ? 
_exptl_crystal_grow.pdbx_details    '100mM sodium citrate pH6.5, 1.5-2.5M Ammonium Sulfate' 
_exptl_crystal_grow.pdbx_pH_range   ? 
_exptl_crystal_grow.temp            291 
# 
_diffrn.ambient_environment              ? 
_diffrn.ambient_temp                     100 
_diffrn.ambient_temp_details             ? 
_diffrn.ambient_temp_esd                 ? 
_diffrn.crystal_id                       1 
_diffrn.crystal_support                  ? 
_diffrn.crystal_treatment                ? 
_diffrn.details                          ? 
_diffrn.id                               1 
_diffrn.ambient_pressure                 ? 
_diffrn.ambient_pressure_esd             ? 
_diffrn.ambient_pressure_gt              ? 
_diffrn.ambient_pressure_lt              ? 
_diffrn.ambient_temp_gt                  ? 
_diffrn.ambient_temp_lt                  ? 
_diffrn.pdbx_serial_crystal_experiment   N 
# 
_diffrn_detector.details                      ? 
_diffrn_detector.detector                     PIXEL 
_diffrn_detector.diffrn_id                    1 
_diffrn_detector.type                         'DECTRIS PILATUS 6M' 
_diffrn_detector.area_resol_mean              ? 
_diffrn_detector.dtime                        ? 
_diffrn_detector.pdbx_frames_total            ? 
_diffrn_detector.pdbx_collection_time_total   ? 
_diffrn_detector.pdbx_collection_date         2021-07-22 
_diffrn_detector.pdbx_frequency               ? 
# 
_diffrn_radiation.collimation                      ? 
_diffrn_radiation.diffrn_id                        1 
_diffrn_radiation.filter_edge                      ? 
_diffrn_radiation.inhomogeneity                    ? 
_diffrn_radiation.monochromator                    ? 
_diffrn_radiation.polarisn_norm                    ? 
_diffrn_radiation.polarisn_ratio                   ? 
_diffrn_radiation.probe                            ? 
_diffrn_radiation.type                             ? 
_diffrn_radiation.xray_symbol                      ? 
_diffrn_radiation.wavelength_id                    1 
_diffrn_radiation.pdbx_monochromatic_or_laue_m_l   M 
_diffrn_radiation.pdbx_wavelength_list             ? 
_diffrn_radiation.pdbx_wavelength                  ? 
_diffrn_radiation.pdbx_diffrn_protocol             'SINGLE WAVELENGTH' 
_diffrn_radiation.pdbx_analyzer                    ? 
_diffrn_radiation.pdbx_scattering_type             x-ray 
# 
_diffrn_radiation_wavelength.id           1 
_diffrn_radiation_wavelength.wavelength   0.979 
_diffrn_radiation_wavelength.wt           1.0 
# 
_diffrn_source.current                     ? 
_diffrn_source.details                     ? 
_diffrn_source.diffrn_id                   1 
_diffrn_source.power                       ? 
_diffrn_source.size                        ? 
_diffrn_source.source                      SYNCHROTRON 
_diffrn_source.target                      ? 
_diffrn_source.type                        'SSRF BEAMLINE BL19U1' 
_diffrn_source.voltage                     ? 
_diffrn_source.take-off_angle              ? 
_diffrn_source.pdbx_wavelength_list        0.979 
_diffrn_source.pdbx_wavelength             ? 
_diffrn_source.pdbx_synchrotron_beamline   BL19U1 
_diffrn_source.pdbx_synchrotron_site       SSRF 
# 
_reflns.B_iso_Wilson_estimate                          88.67 
_reflns.entry_id                                       7WII 
_reflns.data_reduction_details                         ? 
_reflns.data_reduction_method                          ? 
_reflns.d_resolution_high                              2.75 
_reflns.d_resolution_low                               50.00 
_reflns.details                                        ? 
_reflns.limit_h_max                                    ? 
_reflns.limit_h_min                                    ? 
_reflns.limit_k_max                                    ? 
_reflns.limit_k_min                                    ? 
_reflns.limit_l_max                                    ? 
_reflns.limit_l_min                                    ? 
_reflns.number_all                                     ? 
_reflns.number_obs                                     6580 
_reflns.observed_criterion                             ? 
_reflns.observed_criterion_F_max                       ? 
_reflns.observed_criterion_F_min                       ? 
_reflns.observed_criterion_I_max                       ? 
_reflns.observed_criterion_I_min                       ? 
_reflns.observed_criterion_sigma_F                     ? 
_reflns.observed_criterion_sigma_I                     ? 
_reflns.percent_possible_obs                           100.0 
_reflns.R_free_details                                 ? 
_reflns.Rmerge_F_all                                   ? 
_reflns.Rmerge_F_obs                                   ? 
_reflns.Friedel_coverage                               ? 
_reflns.number_gt                                      ? 
_reflns.threshold_expression                           ? 
_reflns.pdbx_redundancy                                9.3 
_reflns.pdbx_netI_over_av_sigmaI                       ? 
_reflns.pdbx_netI_over_sigmaI                          10.0 
_reflns.pdbx_res_netI_over_av_sigmaI_2                 ? 
_reflns.pdbx_res_netI_over_sigmaI_2                    ? 
_reflns.pdbx_chi_squared                               0.033 
_reflns.pdbx_scaling_rejects                           ? 
_reflns.pdbx_d_res_high_opt                            ? 
_reflns.pdbx_d_res_low_opt                             ? 
_reflns.pdbx_d_res_opt_method                          ? 
_reflns.phase_calculation_details                      ? 
_reflns.pdbx_Rrim_I_all                                0.095 
_reflns.pdbx_Rpim_I_all                                ? 
_reflns.pdbx_d_opt                                     ? 
_reflns.pdbx_number_measured_all                       111627 
_reflns.pdbx_diffrn_id                                 1 
_reflns.pdbx_ordinal                                   1 
_reflns.pdbx_CC_half                                   0.975 
_reflns.pdbx_CC_star                                   ? 
_reflns.pdbx_R_split                                   ? 
_reflns.pdbx_Rmerge_I_obs                              0.092 
_reflns.pdbx_Rmerge_I_all                              ? 
_reflns.pdbx_Rsym_value                                ? 
_reflns.pdbx_CC_split_method                           ? 
_reflns.pdbx_aniso_diffraction_limit_axis_1_ortho[1]   ? 
_reflns.pdbx_aniso_diffraction_limit_axis_1_ortho[2]   ? 
_reflns.pdbx_aniso_diffraction_limit_axis_1_ortho[3]   ? 
_reflns.pdbx_aniso_diffraction_limit_axis_2_ortho[1]   ? 
_reflns.pdbx_aniso_diffraction_limit_axis_2_ortho[2]   ? 
_reflns.pdbx_aniso_diffraction_limit_axis_2_ortho[3]   ? 
_reflns.pdbx_aniso_diffraction_limit_axis_3_ortho[1]   ? 
_reflns.pdbx_aniso_diffraction_limit_axis_3_ortho[2]   ? 
_reflns.pdbx_aniso_diffraction_limit_axis_3_ortho[3]   ? 
_reflns.pdbx_aniso_diffraction_limit_1                 ? 
_reflns.pdbx_aniso_diffraction_limit_2                 ? 
_reflns.pdbx_aniso_diffraction_limit_3                 ? 
_reflns.pdbx_aniso_B_tensor_eigenvector_1_ortho[1]     ? 
_reflns.pdbx_aniso_B_tensor_eigenvector_1_ortho[2]     ? 
_reflns.pdbx_aniso_B_tensor_eigenvector_1_ortho[3]     ? 
_reflns.pdbx_aniso_B_tensor_eigenvector_2_ortho[1]     ? 
_reflns.pdbx_aniso_B_tensor_eigenvector_2_ortho[2]     ? 
_reflns.pdbx_aniso_B_tensor_eigenvector_2_ortho[3]     ? 
_reflns.pdbx_aniso_B_tensor_eigenvector_3_ortho[1]     ? 
_reflns.pdbx_aniso_B_tensor_eigenvector_3_ortho[2]     ? 
_reflns.pdbx_aniso_B_tensor_eigenvector_3_ortho[3]     ? 
_reflns.pdbx_aniso_B_tensor_eigenvalue_1               ? 
_reflns.pdbx_aniso_B_tensor_eigenvalue_2               ? 
_reflns.pdbx_aniso_B_tensor_eigenvalue_3               ? 
_reflns.pdbx_orthogonalization_convention              ? 
_reflns.pdbx_percent_possible_ellipsoidal              ? 
_reflns.pdbx_percent_possible_spherical                ? 
_reflns.pdbx_percent_possible_ellipsoidal_anomalous    ? 
_reflns.pdbx_percent_possible_spherical_anomalous      ? 
_reflns.pdbx_redundancy_anomalous                      ? 
_reflns.pdbx_CC_half_anomalous                         ? 
_reflns.pdbx_absDiff_over_sigma_anomalous              ? 
_reflns.pdbx_percent_possible_anomalous                ? 
_reflns.pdbx_observed_signal_threshold                 ? 
_reflns.pdbx_signal_type                               ? 
_reflns.pdbx_signal_details                            ? 
_reflns.pdbx_signal_software_id                        ? 
# 
loop_
_reflns_shell.d_res_high 
_reflns_shell.d_res_low 
_reflns_shell.meanI_over_sigI_all 
_reflns_shell.meanI_over_sigI_obs 
_reflns_shell.number_measured_all 
_reflns_shell.number_measured_obs 
_reflns_shell.number_possible 
_reflns_shell.number_unique_all 
_reflns_shell.number_unique_obs 
_reflns_shell.percent_possible_obs 
_reflns_shell.Rmerge_F_all 
_reflns_shell.Rmerge_F_obs 
_reflns_shell.meanI_over_sigI_gt 
_reflns_shell.meanI_over_uI_all 
_reflns_shell.meanI_over_uI_gt 
_reflns_shell.number_measured_gt 
_reflns_shell.number_unique_gt 
_reflns_shell.percent_possible_gt 
_reflns_shell.Rmerge_F_gt 
_reflns_shell.Rmerge_I_gt 
_reflns_shell.pdbx_redundancy 
_reflns_shell.pdbx_chi_squared 
_reflns_shell.pdbx_netI_over_sigmaI_all 
_reflns_shell.pdbx_netI_over_sigmaI_obs 
_reflns_shell.pdbx_Rrim_I_all 
_reflns_shell.pdbx_Rpim_I_all 
_reflns_shell.pdbx_rejects 
_reflns_shell.pdbx_ordinal 
_reflns_shell.pdbx_diffrn_id 
_reflns_shell.pdbx_CC_half 
_reflns_shell.pdbx_CC_star 
_reflns_shell.pdbx_R_split 
_reflns_shell.percent_possible_all 
_reflns_shell.Rmerge_I_all 
_reflns_shell.Rmerge_I_obs 
_reflns_shell.pdbx_Rsym_value 
_reflns_shell.pdbx_percent_possible_ellipsoidal 
_reflns_shell.pdbx_percent_possible_spherical 
_reflns_shell.pdbx_percent_possible_ellipsoidal_anomalous 
_reflns_shell.pdbx_percent_possible_spherical_anomalous 
_reflns_shell.pdbx_redundancy_anomalous 
_reflns_shell.pdbx_CC_half_anomalous 
_reflns_shell.pdbx_absDiff_over_sigma_anomalous 
_reflns_shell.pdbx_percent_possible_anomalous 
2.75 2.80  ? ? ? ? ? ? 624 ? ? ? ? ? ? ? ? ? ? ? 10.3 0.960 ? ? ? ? ? 1  1 ? ? ? 100.0 ? 0.927 ? ? ? ? ? ? ? ? ? 
2.80 2.85  ? ? ? ? ? ? 585 ? ? ? ? ? ? ? ? ? ? ? 10.5 1.000 ? ? ? ? ? 2  1 ? ? ? 100.0 ? 0.869 ? ? ? ? ? ? ? ? ? 
2.85 2.90  ? ? ? ? ? ? 615 ? ? ? ? ? ? ? ? ? ? ? 10.4 1.123 ? ? ? ? ? 3  1 ? ? ? 100.0 ? 0.641 ? ? ? ? ? ? ? ? ? 
2.90 2.96  ? ? ? ? ? ? 581 ? ? ? ? ? ? ? ? ? ? ? 10.2 1.233 ? ? ? ? ? 4  1 ? ? ? 100.0 ? 0.429 ? ? ? ? ? ? ? ? ? 
2.96 3.03  ? ? ? ? ? ? 627 ? ? ? ? ? ? ? ? ? ? ? 9.9  1.183 ? ? ? ? ? 5  1 ? ? ? 100.0 ? 0.287 ? ? ? ? ? ? ? ? ? 
3.03 3.10  ? ? ? ? ? ? 579 ? ? ? ? ? ? ? ? ? ? ? 9.3  1.184 ? ? ? ? ? 6  1 ? ? ? 100.0 ? 0.219 ? ? ? ? ? ? ? ? ? 
3.10 3.17  ? ? ? ? ? ? 611 ? ? ? ? ? ? ? ? ? ? ? 9.4  1.242 ? ? ? ? ? 7  1 ? ? ? 100.0 ? 0.200 ? ? ? ? ? ? ? ? ? 
3.17 3.26  ? ? ? ? ? ? 596 ? ? ? ? ? ? ? ? ? ? ? 9.7  1.272 ? ? ? ? ? 8  1 ? ? ? 100.0 ? 0.171 ? ? ? ? ? ? ? ? ? 
3.26 3.36  ? ? ? ? ? ? 601 ? ? ? ? ? ? ? ? ? ? ? 9.6  1.135 ? ? ? ? ? 9  1 ? ? ? 100.0 ? 0.136 ? ? ? ? ? ? ? ? ? 
3.36 3.46  ? ? ? ? ? ? 612 ? ? ? ? ? ? ? ? ? ? ? 9.7  1.178 ? ? ? ? ? 10 1 ? ? ? 100.0 ? 0.139 ? ? ? ? ? ? ? ? ? 
3.46 3.59  ? ? ? ? ? ? 591 ? ? ? ? ? ? ? ? ? ? ? 9.6  1.167 ? ? ? ? ? 11 1 ? ? ? 100.0 ? 0.141 ? ? ? ? ? ? ? ? ? 
3.59 3.73  ? ? ? ? ? ? 600 ? ? ? ? ? ? ? ? ? ? ? 9.1  1.110 ? ? ? ? ? 12 1 ? ? ? 100.0 ? 0.115 ? ? ? ? ? ? ? ? ? 
3.73 3.90  ? ? ? ? ? ? 608 ? ? ? ? ? ? ? ? ? ? ? 8.6  1.137 ? ? ? ? ? 13 1 ? ? ? 100.0 ? 0.109 ? ? ? ? ? ? ? ? ? 
3.90 4.11  ? ? ? ? ? ? 601 ? ? ? ? ? ? ? ? ? ? ? 8.2  1.040 ? ? ? ? ? 14 1 ? ? ? 100.0 ? 0.104 ? ? ? ? ? ? ? ? ? 
4.11 4.36  ? ? ? ? ? ? 600 ? ? ? ? ? ? ? ? ? ? ? 8.2  0.885 ? ? ? ? ? 15 1 ? ? ? 100.0 ? 0.096 ? ? ? ? ? ? ? ? ? 
4.36 4.70  ? ? ? ? ? ? 595 ? ? ? ? ? ? ? ? ? ? ? 8.7  0.827 ? ? ? ? ? 16 1 ? ? ? 100.0 ? 0.093 ? ? ? ? ? ? ? ? ? 
4.70 5.17  ? ? ? ? ? ? 606 ? ? ? ? ? ? ? ? ? ? ? 8.6  1.106 ? ? ? ? ? 17 1 ? ? ? 99.8  ? 0.090 ? ? ? ? ? ? ? ? ? 
5.17 5.92  ? ? ? ? ? ? 598 ? ? ? ? ? ? ? ? ? ? ? 8.1  0.971 ? ? ? ? ? 18 1 ? ? ? 100.0 ? 0.082 ? ? ? ? ? ? ? ? ? 
5.92 7.46  ? ? ? ? ? ? 611 ? ? ? ? ? ? ? ? ? ? ? 8.7  1.147 ? ? ? ? ? 19 1 ? ? ? 100.0 ? 0.080 ? ? ? ? ? ? ? ? ? 
7.46 50.00 ? ? ? ? ? ? 614 ? ? ? ? ? ? ? ? ? ? ? 8.3  0.934 ? ? ? ? ? 20 1 ? ? ? 99.8  ? 0.068 ? ? ? ? ? ? ? ? ? 
# 
_refine.aniso_B[1][1]                            ? 
_refine.aniso_B[1][2]                            ? 
_refine.aniso_B[1][3]                            ? 
_refine.aniso_B[2][2]                            ? 
_refine.aniso_B[2][3]                            ? 
_refine.aniso_B[3][3]                            ? 
_refine.B_iso_max                                ? 
_refine.B_iso_mean                               98.52 
_refine.B_iso_min                                ? 
_refine.correlation_coeff_Fo_to_Fc               ? 
_refine.correlation_coeff_Fo_to_Fc_free          ? 
_refine.details                                  ? 
_refine.diff_density_max                         ? 
_refine.diff_density_max_esd                     ? 
_refine.diff_density_min                         ? 
_refine.diff_density_min_esd                     ? 
_refine.diff_density_rms                         ? 
_refine.diff_density_rms_esd                     ? 
_refine.entry_id                                 7WII 
_refine.pdbx_refine_id                           'X-RAY DIFFRACTION' 
_refine.ls_abs_structure_details                 ? 
_refine.ls_abs_structure_Flack                   ? 
_refine.ls_abs_structure_Flack_esd               ? 
_refine.ls_abs_structure_Rogers                  ? 
_refine.ls_abs_structure_Rogers_esd              ? 
_refine.ls_d_res_high                            2.75 
_refine.ls_d_res_low                             33.30 
_refine.ls_extinction_coef                       ? 
_refine.ls_extinction_coef_esd                   ? 
_refine.ls_extinction_expression                 ? 
_refine.ls_extinction_method                     ? 
_refine.ls_goodness_of_fit_all                   ? 
_refine.ls_goodness_of_fit_all_esd               ? 
_refine.ls_goodness_of_fit_obs                   ? 
_refine.ls_goodness_of_fit_obs_esd               ? 
_refine.ls_hydrogen_treatment                    ? 
_refine.ls_matrix_type                           ? 
_refine.ls_number_constraints                    ? 
_refine.ls_number_parameters                     ? 
_refine.ls_number_reflns_all                     ? 
_refine.ls_number_reflns_obs                     6473 
_refine.ls_number_reflns_R_free                  641 
_refine.ls_number_reflns_R_work                  5832 
_refine.ls_number_restraints                     ? 
_refine.ls_percent_reflns_obs                    98.73 
_refine.ls_percent_reflns_R_free                 9.90 
_refine.ls_R_factor_all                          ? 
_refine.ls_R_factor_obs                          0.2061 
_refine.ls_R_factor_R_free                       0.2376 
_refine.ls_R_factor_R_free_error                 ? 
_refine.ls_R_factor_R_free_error_details         ? 
_refine.ls_R_factor_R_work                       0.2029 
_refine.ls_R_Fsqd_factor_obs                     ? 
_refine.ls_R_I_factor_obs                        ? 
_refine.ls_redundancy_reflns_all                 ? 
_refine.ls_redundancy_reflns_obs                 ? 
_refine.ls_restrained_S_all                      ? 
_refine.ls_restrained_S_obs                      ? 
_refine.ls_shift_over_esd_max                    ? 
_refine.ls_shift_over_esd_mean                   ? 
_refine.ls_structure_factor_coef                 ? 
_refine.ls_weighting_details                     ? 
_refine.ls_weighting_scheme                      ? 
_refine.ls_wR_factor_all                         ? 
_refine.ls_wR_factor_obs                         ? 
_refine.ls_wR_factor_R_free                      ? 
_refine.ls_wR_factor_R_work                      ? 
_refine.occupancy_max                            ? 
_refine.occupancy_min                            ? 
_refine.solvent_model_details                    'FLAT BULK SOLVENT MODEL' 
_refine.solvent_model_param_bsol                 ? 
_refine.solvent_model_param_ksol                 ? 
_refine.pdbx_R_complete                          ? 
_refine.ls_R_factor_gt                           ? 
_refine.ls_goodness_of_fit_gt                    ? 
_refine.ls_goodness_of_fit_ref                   ? 
_refine.ls_shift_over_su_max                     ? 
_refine.ls_shift_over_su_max_lt                  ? 
_refine.ls_shift_over_su_mean                    ? 
_refine.ls_shift_over_su_mean_lt                 ? 
_refine.pdbx_ls_sigma_I                          ? 
_refine.pdbx_ls_sigma_F                          1.35 
_refine.pdbx_ls_sigma_Fsqd                       ? 
_refine.pdbx_data_cutoff_high_absF               ? 
_refine.pdbx_data_cutoff_high_rms_absF           ? 
_refine.pdbx_data_cutoff_low_absF                ? 
_refine.pdbx_isotropic_thermal_model             ? 
_refine.pdbx_ls_cross_valid_method               'FREE R-VALUE' 
_refine.pdbx_method_to_determine_struct          'MOLECULAR REPLACEMENT' 
_refine.pdbx_starting_model                      7WI9 
_refine.pdbx_stereochemistry_target_values       'GeoStd + Monomer Library + CDL v1.2' 
_refine.pdbx_R_Free_selection_details            ? 
_refine.pdbx_stereochem_target_val_spec_case     ? 
_refine.pdbx_overall_ESU_R                       ? 
_refine.pdbx_overall_ESU_R_Free                  ? 
_refine.pdbx_solvent_vdw_probe_radii             1.1000 
_refine.pdbx_solvent_ion_probe_radii             ? 
_refine.pdbx_solvent_shrinkage_radii             0.9000 
_refine.pdbx_real_space_R                        ? 
_refine.pdbx_density_correlation                 ? 
_refine.pdbx_pd_number_of_powder_patterns        ? 
_refine.pdbx_pd_number_of_points                 ? 
_refine.pdbx_pd_meas_number_of_points            ? 
_refine.pdbx_pd_proc_ls_prof_R_factor            ? 
_refine.pdbx_pd_proc_ls_prof_wR_factor           ? 
_refine.pdbx_pd_Marquardt_correlation_coeff      ? 
_refine.pdbx_pd_Fsqrd_R_factor                   ? 
_refine.pdbx_pd_ls_matrix_band_width             ? 
_refine.pdbx_overall_phase_error                 37.4707 
_refine.pdbx_overall_SU_R_free_Cruickshank_DPI   ? 
_refine.pdbx_overall_SU_R_free_Blow_DPI          ? 
_refine.pdbx_overall_SU_R_Blow_DPI               ? 
_refine.pdbx_TLS_residual_ADP_flag               ? 
_refine.pdbx_diffrn_id                           1 
_refine.overall_SU_B                             ? 
_refine.overall_SU_ML                            0.2973 
_refine.overall_SU_R_Cruickshank_DPI             ? 
_refine.overall_SU_R_free                        ? 
_refine.overall_FOM_free_R_set                   ? 
_refine.overall_FOM_work_R_set                   ? 
_refine.pdbx_average_fsc_overall                 ? 
_refine.pdbx_average_fsc_work                    ? 
_refine.pdbx_average_fsc_free                    ? 
# 
_refine_hist.pdbx_refine_id                   'X-RAY DIFFRACTION' 
_refine_hist.cycle_id                         LAST 
_refine_hist.details                          ? 
_refine_hist.d_res_high                       2.75 
_refine_hist.d_res_low                        33.30 
_refine_hist.number_atoms_solvent             0 
_refine_hist.number_atoms_total               1097 
_refine_hist.number_reflns_all                ? 
_refine_hist.number_reflns_obs                ? 
_refine_hist.number_reflns_R_free             ? 
_refine_hist.number_reflns_R_work             ? 
_refine_hist.R_factor_all                     ? 
_refine_hist.R_factor_obs                     ? 
_refine_hist.R_factor_R_free                  ? 
_refine_hist.R_factor_R_work                  ? 
_refine_hist.pdbx_number_residues_total       ? 
_refine_hist.pdbx_B_iso_mean_ligand           ? 
_refine_hist.pdbx_B_iso_mean_solvent          ? 
_refine_hist.pdbx_number_atoms_protein        0 
_refine_hist.pdbx_number_atoms_nucleic_acid   1079 
_refine_hist.pdbx_number_atoms_ligand         18 
_refine_hist.pdbx_number_atoms_lipid          ? 
_refine_hist.pdbx_number_atoms_carb           ? 
_refine_hist.pdbx_pseudo_atom_details         ? 
# 
loop_
_refine_ls_restr.pdbx_refine_id 
_refine_ls_restr.criterion 
_refine_ls_restr.dev_ideal 
_refine_ls_restr.dev_ideal_target 
_refine_ls_restr.number 
_refine_ls_restr.rejects 
_refine_ls_restr.type 
_refine_ls_restr.weight 
_refine_ls_restr.pdbx_restraint_function 
'X-RAY DIFFRACTION' ? 0.0009  ? 1224 ? f_bond_d           ? ? 
'X-RAY DIFFRACTION' ? 0.3646  ? 1907 ? f_angle_d          ? ? 
'X-RAY DIFFRACTION' ? 0.0184  ? 254  ? f_chiral_restr     ? ? 
'X-RAY DIFFRACTION' ? 0.0011  ? 51   ? f_plane_restr      ? ? 
'X-RAY DIFFRACTION' ? 11.6563 ? 616  ? f_dihedral_angle_d ? ? 
# 
loop_
_refine_ls_shell.pdbx_refine_id 
_refine_ls_shell.d_res_high 
_refine_ls_shell.d_res_low 
_refine_ls_shell.number_reflns_all 
_refine_ls_shell.number_reflns_obs 
_refine_ls_shell.number_reflns_R_free 
_refine_ls_shell.number_reflns_R_work 
_refine_ls_shell.percent_reflns_obs 
_refine_ls_shell.percent_reflns_R_free 
_refine_ls_shell.R_factor_all 
_refine_ls_shell.R_factor_obs 
_refine_ls_shell.R_factor_R_free_error 
_refine_ls_shell.R_factor_R_work 
_refine_ls_shell.redundancy_reflns_all 
_refine_ls_shell.redundancy_reflns_obs 
_refine_ls_shell.wR_factor_all 
_refine_ls_shell.wR_factor_obs 
_refine_ls_shell.wR_factor_R_free 
_refine_ls_shell.wR_factor_R_work 
_refine_ls_shell.pdbx_R_complete 
_refine_ls_shell.pdbx_total_number_of_bins_used 
_refine_ls_shell.pdbx_phase_error 
_refine_ls_shell.pdbx_fsc_work 
_refine_ls_shell.pdbx_fsc_free 
_refine_ls_shell.R_factor_R_free 
'X-RAY DIFFRACTION' 2.75 2.96  . . 127 1099 96.16 . . . . 0.4245 . . . . . . . . . . . 0.3711 
'X-RAY DIFFRACTION' 2.96 3.26  . . 126 1140 98.52 . . . . 0.2656 . . . . . . . . . . . 0.3004 
'X-RAY DIFFRACTION' 3.26 3.73  . . 123 1164 99.69 . . . . 0.2355 . . . . . . . . . . . 0.2656 
'X-RAY DIFFRACTION' 3.73 4.69  . . 129 1178 99.69 . . . . 0.2194 . . . . . . . . . . . 0.2462 
'X-RAY DIFFRACTION' 4.70 33.30 . . 136 1251 99.64 . . . . 0.1597 . . . . . . . . . . . 0.2044 
# 
_struct.entry_id                     7WII 
_struct.title                        'The THF-II riboswitch bound to NPR' 
_struct.pdbx_model_details           ? 
_struct.pdbx_formula_weight          ? 
_struct.pdbx_formula_weight_method   ? 
_struct.pdbx_model_type_details      ? 
_struct.pdbx_CASP_flag               N 
# 
_struct_keywords.entry_id        7WII 
_struct_keywords.text            'THF-II riboswitch, NPR, RNA' 
_struct_keywords.pdbx_keywords   RNA 
# 
loop_
_struct_asym.id 
_struct_asym.pdbx_blank_PDB_chainid_flag 
_struct_asym.pdbx_modified 
_struct_asym.entity_id 
_struct_asym.details 
A N N 1 ? 
B N N 2 ? 
# 
_struct_ref.id                         1 
_struct_ref.db_name                    PDB 
_struct_ref.db_code                    7WII 
_struct_ref.pdbx_db_accession          7WII 
_struct_ref.pdbx_db_isoform            ? 
_struct_ref.entity_id                  1 
_struct_ref.pdbx_seq_one_letter_code   ? 
_struct_ref.pdbx_align_begin           1 
# 
_struct_ref_seq.align_id                      1 
_struct_ref_seq.ref_id                        1 
_struct_ref_seq.pdbx_PDB_id_code              7WII 
_struct_ref_seq.pdbx_strand_id                V 
_struct_ref_seq.seq_align_beg                 1 
_struct_ref_seq.pdbx_seq_align_beg_ins_code   ? 
_struct_ref_seq.seq_align_end                 50 
_struct_ref_seq.pdbx_seq_align_end_ins_code   ? 
_struct_ref_seq.pdbx_db_accession             7WII 
_struct_ref_seq.db_align_beg                  6 
_struct_ref_seq.pdbx_db_align_beg_ins_code    ? 
_struct_ref_seq.db_align_end                  56 
_struct_ref_seq.pdbx_db_align_end_ins_code    ? 
_struct_ref_seq.pdbx_auth_seq_align_beg       6 
_struct_ref_seq.pdbx_auth_seq_align_end       56 
# 
_pdbx_struct_assembly.id                   1 
_pdbx_struct_assembly.details              author_and_software_defined_assembly 
_pdbx_struct_assembly.method_details       PISA 
_pdbx_struct_assembly.oligomeric_details   monomeric 
_pdbx_struct_assembly.oligomeric_count     1 
# 
loop_
_pdbx_struct_assembly_prop.biol_id 
_pdbx_struct_assembly_prop.type 
_pdbx_struct_assembly_prop.value 
_pdbx_struct_assembly_prop.details 
1 'ABSA (A^2)' 750  ? 
1 MORE         -2   ? 
1 'SSA (A^2)'  9030 ? 
# 
_pdbx_struct_assembly_gen.assembly_id       1 
_pdbx_struct_assembly_gen.oper_expression   1 
_pdbx_struct_assembly_gen.asym_id_list      A,B 
# 
_pdbx_struct_assembly_auth_evidence.id                     1 
_pdbx_struct_assembly_auth_evidence.assembly_id            1 
_pdbx_struct_assembly_auth_evidence.experimental_support   none 
_pdbx_struct_assembly_auth_evidence.details                ? 
# 
_pdbx_struct_oper_list.id                   1 
_pdbx_struct_oper_list.type                 'identity operation' 
_pdbx_struct_oper_list.name                 1_555 
_pdbx_struct_oper_list.symmetry_operation   x,y,z 
_pdbx_struct_oper_list.matrix[1][1]         1.0000000000 
_pdbx_struct_oper_list.matrix[1][2]         0.0000000000 
_pdbx_struct_oper_list.matrix[1][3]         0.0000000000 
_pdbx_struct_oper_list.vector[1]            0.0000000000 
_pdbx_struct_oper_list.matrix[2][1]         0.0000000000 
_pdbx_struct_oper_list.matrix[2][2]         1.0000000000 
_pdbx_struct_oper_list.matrix[2][3]         0.0000000000 
_pdbx_struct_oper_list.vector[2]            0.0000000000 
_pdbx_struct_oper_list.matrix[3][1]         0.0000000000 
_pdbx_struct_oper_list.matrix[3][2]         0.0000000000 
_pdbx_struct_oper_list.matrix[3][3]         1.0000000000 
_pdbx_struct_oper_list.vector[3]            0.0000000000 
# 
loop_
_struct_conn.id 
_struct_conn.conn_type_id 
_struct_conn.pdbx_leaving_atom_flag 
_struct_conn.pdbx_PDB_id 
_struct_conn.ptnr1_label_asym_id 
_struct_conn.ptnr1_label_comp_id 
_struct_conn.ptnr1_label_seq_id 
_struct_conn.ptnr1_label_atom_id 
_struct_conn.pdbx_ptnr1_label_alt_id 
_struct_conn.pdbx_ptnr1_PDB_ins_code 
_struct_conn.pdbx_ptnr1_standard_comp_id 
_struct_conn.ptnr1_symmetry 
_struct_conn.ptnr2_label_asym_id 
_struct_conn.ptnr2_label_comp_id 
_struct_conn.ptnr2_label_seq_id 
_struct_conn.ptnr2_label_atom_id 
_struct_conn.pdbx_ptnr2_label_alt_id 
_struct_conn.pdbx_ptnr2_PDB_ins_code 
_struct_conn.ptnr1_auth_asym_id 
_struct_conn.ptnr1_auth_comp_id 
_struct_conn.ptnr1_auth_seq_id 
_struct_conn.ptnr2_auth_asym_id 
_struct_conn.ptnr2_auth_comp_id 
_struct_conn.ptnr2_auth_seq_id 
_struct_conn.ptnr2_symmetry 
_struct_conn.pdbx_ptnr3_label_atom_id 
_struct_conn.pdbx_ptnr3_label_seq_id 
_struct_conn.pdbx_ptnr3_label_comp_id 
_struct_conn.pdbx_ptnr3_label_asym_id 
_struct_conn.pdbx_ptnr3_label_alt_id 
_struct_conn.pdbx_ptnr3_PDB_ins_code 
_struct_conn.details 
_struct_conn.pdbx_dist_value 
_struct_conn.pdbx_value_order 
_struct_conn.pdbx_role 
covale1  covale both ? A GTP 1  "O3'" ? ? ? 1_555 A G 2  P  ? ? V GTP 6  V G 7  1_555 ? ? ? ? ? ? ?             1.599 ? ? 
hydrog1  hydrog ?    ? A GTP 1  N1    ? ? ? 1_555 A C 50 N3 ? ? V GTP 6  V C 56 1_555 ? ? ? ? ? ? WATSON-CRICK  ?     ? ? 
hydrog2  hydrog ?    ? A GTP 1  N2    ? ? ? 1_555 A C 50 O2 ? ? V GTP 6  V C 56 1_555 ? ? ? ? ? ? WATSON-CRICK  ?     ? ? 
hydrog3  hydrog ?    ? A GTP 1  O6    ? ? ? 1_555 A C 50 N4 ? ? V GTP 6  V C 56 1_555 ? ? ? ? ? ? WATSON-CRICK  ?     ? ? 
hydrog4  hydrog ?    ? A G   2  N1    ? ? ? 1_555 A C 49 N3 ? ? V G   7  V C 55 1_555 ? ? ? ? ? ? WATSON-CRICK  ?     ? ? 
hydrog5  hydrog ?    ? A G   2  N2    ? ? ? 1_555 A C 49 O2 ? ? V G   7  V C 55 1_555 ? ? ? ? ? ? WATSON-CRICK  ?     ? ? 
hydrog6  hydrog ?    ? A G   2  O6    ? ? ? 1_555 A C 49 N4 ? ? V G   7  V C 55 1_555 ? ? ? ? ? ? WATSON-CRICK  ?     ? ? 
hydrog7  hydrog ?    ? A C   3  N3    ? ? ? 1_555 A G 48 N1 ? ? V C   8  V G 54 1_555 ? ? ? ? ? ? WATSON-CRICK  ?     ? ? 
hydrog8  hydrog ?    ? A C   3  N4    ? ? ? 1_555 A G 48 O6 ? ? V C   8  V G 54 1_555 ? ? ? ? ? ? WATSON-CRICK  ?     ? ? 
hydrog9  hydrog ?    ? A C   3  O2    ? ? ? 1_555 A G 48 N2 ? ? V C   8  V G 54 1_555 ? ? ? ? ? ? WATSON-CRICK  ?     ? ? 
hydrog10 hydrog ?    ? A G   4  N1    ? ? ? 1_555 A C 47 N3 ? ? V G   9  V C 53 1_555 ? ? ? ? ? ? WATSON-CRICK  ?     ? ? 
hydrog11 hydrog ?    ? A G   4  N2    ? ? ? 1_555 A C 47 O2 ? ? V G   9  V C 53 1_555 ? ? ? ? ? ? WATSON-CRICK  ?     ? ? 
hydrog12 hydrog ?    ? A G   4  O6    ? ? ? 1_555 A C 47 N4 ? ? V G   9  V C 53 1_555 ? ? ? ? ? ? WATSON-CRICK  ?     ? ? 
hydrog13 hydrog ?    ? A U   5  N3    ? ? ? 1_555 A A 46 N1 ? ? V U   10 V A 52 1_555 ? ? ? ? ? ? WATSON-CRICK  ?     ? ? 
hydrog14 hydrog ?    ? A U   5  O4    ? ? ? 1_555 A A 46 N6 ? ? V U   10 V A 52 1_555 ? ? ? ? ? ? WATSON-CRICK  ?     ? ? 
hydrog15 hydrog ?    ? A G   6  N7    ? ? ? 1_555 A G 45 N2 ? ? V G   11 V G 51 1_555 ? ? ? ? ? ? TYPE_6_PAIR   ?     ? ? 
hydrog16 hydrog ?    ? A G   6  O6    ? ? ? 1_555 A G 45 N1 ? ? V G   11 V G 51 1_555 ? ? ? ? ? ? TYPE_6_PAIR   ?     ? ? 
hydrog17 hydrog ?    ? A G   7  N1    ? ? ? 1_555 A A 44 N1 ? ? V G   12 V A 50 1_555 ? ? ? ? ? ? TYPE_8_PAIR   ?     ? ? 
hydrog18 hydrog ?    ? A G   7  O6    ? ? ? 1_555 A A 44 N6 ? ? V G   12 V A 50 1_555 ? ? ? ? ? ? TYPE_8_PAIR   ?     ? ? 
hydrog19 hydrog ?    ? A U   8  N3    ? ? ? 1_555 A G 43 O6 ? ? V U   13 V G 49 1_555 ? ? ? ? ? ? TYPE_28_PAIR  ?     ? ? 
hydrog20 hydrog ?    ? A U   8  O2    ? ? ? 1_555 A G 43 N1 ? ? V U   13 V G 49 1_555 ? ? ? ? ? ? TYPE_28_PAIR  ?     ? ? 
hydrog21 hydrog ?    ? A C   9  N3    ? ? ? 1_555 A G 42 N1 ? ? V C   14 V G 48 1_555 ? ? ? ? ? ? WATSON-CRICK  ?     ? ? 
hydrog22 hydrog ?    ? A C   9  N4    ? ? ? 1_555 A G 42 O6 ? ? V C   14 V G 48 1_555 ? ? ? ? ? ? WATSON-CRICK  ?     ? ? 
hydrog23 hydrog ?    ? A C   9  O2    ? ? ? 1_555 A G 42 N2 ? ? V C   14 V G 48 1_555 ? ? ? ? ? ? WATSON-CRICK  ?     ? ? 
hydrog24 hydrog ?    ? A C   10 N3    ? ? ? 1_555 A G 41 N1 ? ? V C   15 V G 47 1_555 ? ? ? ? ? ? WATSON-CRICK  ?     ? ? 
hydrog25 hydrog ?    ? A C   10 N4    ? ? ? 1_555 A G 41 O6 ? ? V C   15 V G 47 1_555 ? ? ? ? ? ? WATSON-CRICK  ?     ? ? 
hydrog26 hydrog ?    ? A C   10 O2    ? ? ? 1_555 A G 41 N2 ? ? V C   15 V G 47 1_555 ? ? ? ? ? ? WATSON-CRICK  ?     ? ? 
hydrog27 hydrog ?    ? A G   11 N1    ? ? ? 1_555 A C 40 N3 ? ? V G   16 V C 46 1_555 ? ? ? ? ? ? WATSON-CRICK  ?     ? ? 
hydrog28 hydrog ?    ? A G   11 N2    ? ? ? 1_555 A C 40 O2 ? ? V G   16 V C 46 1_555 ? ? ? ? ? ? WATSON-CRICK  ?     ? ? 
hydrog29 hydrog ?    ? A G   11 O6    ? ? ? 1_555 A C 40 N4 ? ? V G   16 V C 46 1_555 ? ? ? ? ? ? WATSON-CRICK  ?     ? ? 
hydrog30 hydrog ?    ? A U   12 O2    ? ? ? 1_555 A A 15 N6 ? ? V U   17 V A 20 1_555 ? ? ? ? ? ? 'U-A PAIR'    ?     ? ? 
hydrog31 hydrog ?    ? A U   12 N3    ? ? ? 1_555 A A 39 N1 ? ? V U   17 V A 45 1_555 ? ? ? ? ? ? WATSON-CRICK  ?     ? ? 
hydrog32 hydrog ?    ? A U   12 O4    ? ? ? 1_555 A A 39 N6 ? ? V U   17 V A 45 1_555 ? ? ? ? ? ? WATSON-CRICK  ?     ? ? 
hydrog33 hydrog ?    ? A A   15 N6    ? ? ? 1_555 A C 40 O2 ? ? V A   20 V C 46 1_555 ? ? ? ? ? ? 'A-C MISPAIR' ?     ? ? 
hydrog34 hydrog ?    ? A A   16 N6    ? ? ? 1_555 A A 39 N3 ? ? V A   21 V A 45 1_555 ? ? ? ? ? ? 'A-A MISPAIR' ?     ? ? 
hydrog35 hydrog ?    ? A G   20 N1    ? ? ? 1_555 A C 37 N3 ? ? V G   25 V C 43 1_555 ? ? ? ? ? ? WATSON-CRICK  ?     ? ? 
hydrog36 hydrog ?    ? A G   20 N2    ? ? ? 1_555 A C 37 O2 ? ? V G   25 V C 43 1_555 ? ? ? ? ? ? WATSON-CRICK  ?     ? ? 
hydrog37 hydrog ?    ? A G   20 O6    ? ? ? 1_555 A C 37 N4 ? ? V G   25 V C 43 1_555 ? ? ? ? ? ? WATSON-CRICK  ?     ? ? 
hydrog38 hydrog ?    ? A U   21 N3    ? ? ? 1_555 A A 36 N1 ? ? V U   26 V A 42 1_555 ? ? ? ? ? ? WATSON-CRICK  ?     ? ? 
hydrog39 hydrog ?    ? A U   21 O4    ? ? ? 1_555 A A 36 N6 ? ? V U   26 V A 42 1_555 ? ? ? ? ? ? WATSON-CRICK  ?     ? ? 
hydrog40 hydrog ?    ? A U   22 N3    ? ? ? 1_555 A A 35 N1 ? ? V U   27 V A 41 1_555 ? ? ? ? ? ? WATSON-CRICK  ?     ? ? 
hydrog41 hydrog ?    ? A U   22 O4    ? ? ? 1_555 A A 35 N6 ? ? V U   27 V A 41 1_555 ? ? ? ? ? ? WATSON-CRICK  ?     ? ? 
hydrog42 hydrog ?    ? A C   23 N3    ? ? ? 1_555 A G 34 N1 ? ? V C   28 V G 40 1_555 ? ? ? ? ? ? WATSON-CRICK  ?     ? ? 
hydrog43 hydrog ?    ? A C   23 N4    ? ? ? 1_555 A G 34 O6 ? ? V C   28 V G 40 1_555 ? ? ? ? ? ? WATSON-CRICK  ?     ? ? 
hydrog44 hydrog ?    ? A C   23 O2    ? ? ? 1_555 A G 34 N2 ? ? V C   28 V G 40 1_555 ? ? ? ? ? ? WATSON-CRICK  ?     ? ? 
hydrog45 hydrog ?    ? A C   24 N3    ? ? ? 1_555 A G 33 N1 ? ? V C   29 V G 39 1_555 ? ? ? ? ? ? WATSON-CRICK  ?     ? ? 
hydrog46 hydrog ?    ? A C   24 N4    ? ? ? 1_555 A G 33 O6 ? ? V C   29 V G 39 1_555 ? ? ? ? ? ? WATSON-CRICK  ?     ? ? 
hydrog47 hydrog ?    ? A C   24 O2    ? ? ? 1_555 A G 33 N2 ? ? V C   29 V G 39 1_555 ? ? ? ? ? ? WATSON-CRICK  ?     ? ? 
hydrog48 hydrog ?    ? A U   25 N3    ? ? ? 1_555 A A 32 N1 ? ? V U   30 V A 38 1_555 ? ? ? ? ? ? WATSON-CRICK  ?     ? ? 
hydrog49 hydrog ?    ? A U   25 O4    ? ? ? 1_555 A A 32 N6 ? ? V U   30 V A 38 1_555 ? ? ? ? ? ? WATSON-CRICK  ?     ? ? 
hydrog50 hydrog ?    ? A C   26 N3    ? ? ? 1_555 A G 31 N1 ? ? V C   31 V G 37 1_555 ? ? ? ? ? ? WATSON-CRICK  ?     ? ? 
hydrog51 hydrog ?    ? A C   26 N4    ? ? ? 1_555 A G 31 O6 ? ? V C   31 V G 37 1_555 ? ? ? ? ? ? WATSON-CRICK  ?     ? ? 
hydrog52 hydrog ?    ? A C   26 O2    ? ? ? 1_555 A G 31 N2 ? ? V C   31 V G 37 1_555 ? ? ? ? ? ? WATSON-CRICK  ?     ? ? 
hydrog53 hydrog ?    ? A G   27 N2    ? ? ? 1_555 A A 30 N7 ? ? V G   32 V A 35 1_555 ? ? ? ? ? ? 'G-A MISPAIR' ?     ? ? 
# 
loop_
_struct_conn_type.id 
_struct_conn_type.criteria 
_struct_conn_type.reference 
covale ? ? 
hydrog ? ? 
# 
_pdbx_entry_details.entry_id                 7WII 
_pdbx_entry_details.nonpolymer_details       ? 
_pdbx_entry_details.sequence_details         ? 
_pdbx_entry_details.compound_details         ? 
_pdbx_entry_details.source_details           ? 
_pdbx_entry_details.has_ligand_of_interest   Y 
# 
loop_
_chem_comp_atom.comp_id 
_chem_comp_atom.atom_id 
_chem_comp_atom.type_symbol 
_chem_comp_atom.pdbx_aromatic_flag 
_chem_comp_atom.pdbx_stereo_config 
_chem_comp_atom.pdbx_ordinal 
A   OP3    O N N 1   
A   P      P N N 2   
A   OP1    O N N 3   
A   OP2    O N N 4   
A   "O5'"  O N N 5   
A   "C5'"  C N N 6   
A   "C4'"  C N R 7   
A   "O4'"  O N N 8   
A   "C3'"  C N S 9   
A   "O3'"  O N N 10  
A   "C2'"  C N R 11  
A   "O2'"  O N N 12  
A   "C1'"  C N R 13  
A   N9     N Y N 14  
A   C8     C Y N 15  
A   N7     N Y N 16  
A   C5     C Y N 17  
A   C6     C Y N 18  
A   N6     N N N 19  
A   N1     N Y N 20  
A   C2     C Y N 21  
A   N3     N Y N 22  
A   C4     C Y N 23  
A   HOP3   H N N 24  
A   HOP2   H N N 25  
A   "H5'"  H N N 26  
A   "H5''" H N N 27  
A   "H4'"  H N N 28  
A   "H3'"  H N N 29  
A   "HO3'" H N N 30  
A   "H2'"  H N N 31  
A   "HO2'" H N N 32  
A   "H1'"  H N N 33  
A   H8     H N N 34  
A   H61    H N N 35  
A   H62    H N N 36  
A   H2     H N N 37  
C   OP3    O N N 38  
C   P      P N N 39  
C   OP1    O N N 40  
C   OP2    O N N 41  
C   "O5'"  O N N 42  
C   "C5'"  C N N 43  
C   "C4'"  C N R 44  
C   "O4'"  O N N 45  
C   "C3'"  C N S 46  
C   "O3'"  O N N 47  
C   "C2'"  C N R 48  
C   "O2'"  O N N 49  
C   "C1'"  C N R 50  
C   N1     N N N 51  
C   C2     C N N 52  
C   O2     O N N 53  
C   N3     N N N 54  
C   C4     C N N 55  
C   N4     N N N 56  
C   C5     C N N 57  
C   C6     C N N 58  
C   HOP3   H N N 59  
C   HOP2   H N N 60  
C   "H5'"  H N N 61  
C   "H5''" H N N 62  
C   "H4'"  H N N 63  
C   "H3'"  H N N 64  
C   "HO3'" H N N 65  
C   "H2'"  H N N 66  
C   "HO2'" H N N 67  
C   "H1'"  H N N 68  
C   H41    H N N 69  
C   H42    H N N 70  
C   H5     H N N 71  
C   H6     H N N 72  
G   OP3    O N N 73  
G   P      P N N 74  
G   OP1    O N N 75  
G   OP2    O N N 76  
G   "O5'"  O N N 77  
G   "C5'"  C N N 78  
G   "C4'"  C N R 79  
G   "O4'"  O N N 80  
G   "C3'"  C N S 81  
G   "O3'"  O N N 82  
G   "C2'"  C N R 83  
G   "O2'"  O N N 84  
G   "C1'"  C N R 85  
G   N9     N Y N 86  
G   C8     C Y N 87  
G   N7     N Y N 88  
G   C5     C Y N 89  
G   C6     C N N 90  
G   O6     O N N 91  
G   N1     N N N 92  
G   C2     C N N 93  
G   N2     N N N 94  
G   N3     N N N 95  
G   C4     C Y N 96  
G   HOP3   H N N 97  
G   HOP2   H N N 98  
G   "H5'"  H N N 99  
G   "H5''" H N N 100 
G   "H4'"  H N N 101 
G   "H3'"  H N N 102 
G   "HO3'" H N N 103 
G   "H2'"  H N N 104 
G   "HO2'" H N N 105 
G   "H1'"  H N N 106 
G   H8     H N N 107 
G   H1     H N N 108 
G   H21    H N N 109 
G   H22    H N N 110 
GTP PG     P N N 111 
GTP O1G    O N N 112 
GTP O2G    O N N 113 
GTP O3G    O N N 114 
GTP O3B    O N N 115 
GTP PB     P N N 116 
GTP O1B    O N N 117 
GTP O2B    O N N 118 
GTP O3A    O N N 119 
GTP PA     P N N 120 
GTP O1A    O N N 121 
GTP O2A    O N N 122 
GTP "O5'"  O N N 123 
GTP "C5'"  C N N 124 
GTP "C4'"  C N R 125 
GTP "O4'"  O N N 126 
GTP "C3'"  C N S 127 
GTP "O3'"  O N N 128 
GTP "C2'"  C N R 129 
GTP "O2'"  O N N 130 
GTP "C1'"  C N R 131 
GTP N9     N Y N 132 
GTP C8     C Y N 133 
GTP N7     N Y N 134 
GTP C5     C Y N 135 
GTP C6     C N N 136 
GTP O6     O N N 137 
GTP N1     N N N 138 
GTP C2     C N N 139 
GTP N2     N N N 140 
GTP N3     N N N 141 
GTP C4     C Y N 142 
GTP HOG2   H N N 143 
GTP HOG3   H N N 144 
GTP HOB2   H N N 145 
GTP HOA2   H N N 146 
GTP "H5'"  H N N 147 
GTP "H5''" H N N 148 
GTP "H4'"  H N N 149 
GTP "H3'"  H N N 150 
GTP "HO3'" H N N 151 
GTP "H2'"  H N N 152 
GTP "HO2'" H N N 153 
GTP "H1'"  H N N 154 
GTP H8     H N N 155 
GTP HN1    H N N 156 
GTP HN21   H N N 157 
GTP HN22   H N N 158 
NPR N1     N N N 159 
NPR C2     C Y N 160 
NPR N3     N Y N 161 
NPR C4     C Y N 162 
NPR O5     O N N 163 
NPR C6     C Y N 164 
NPR N7     N N N 165 
NPR C8     C N N 166 
NPR C9     C N N 167 
NPR N10    N N N 168 
NPR C11    C Y N 169 
NPR N12    N Y N 170 
NPR C13    C N S 171 
NPR O14    O N N 172 
NPR C15    C N R 173 
NPR O16    O N N 174 
NPR C17    C N N 175 
NPR O18    O N N 176 
NPR HN11   H N N 177 
NPR HN12   H N N 178 
NPR H91    H N N 179 
NPR H92    H N N 180 
NPR H10    H N N 181 
NPR H12    H N N 182 
NPR H13    H N N 183 
NPR H14    H N N 184 
NPR H15    H N N 185 
NPR H16    H N N 186 
NPR H171   H N N 187 
NPR H172   H N N 188 
NPR H18    H N N 189 
U   OP3    O N N 190 
U   P      P N N 191 
U   OP1    O N N 192 
U   OP2    O N N 193 
U   "O5'"  O N N 194 
U   "C5'"  C N N 195 
U   "C4'"  C N R 196 
U   "O4'"  O N N 197 
U   "C3'"  C N S 198 
U   "O3'"  O N N 199 
U   "C2'"  C N R 200 
U   "O2'"  O N N 201 
U   "C1'"  C N R 202 
U   N1     N N N 203 
U   C2     C N N 204 
U   O2     O N N 205 
U   N3     N N N 206 
U   C4     C N N 207 
U   O4     O N N 208 
U   C5     C N N 209 
U   C6     C N N 210 
U   HOP3   H N N 211 
U   HOP2   H N N 212 
U   "H5'"  H N N 213 
U   "H5''" H N N 214 
U   "H4'"  H N N 215 
U   "H3'"  H N N 216 
U   "HO3'" H N N 217 
U   "H2'"  H N N 218 
U   "HO2'" H N N 219 
U   "H1'"  H N N 220 
U   H3     H N N 221 
U   H5     H N N 222 
U   H6     H N N 223 
# 
loop_
_chem_comp_bond.comp_id 
_chem_comp_bond.atom_id_1 
_chem_comp_bond.atom_id_2 
_chem_comp_bond.value_order 
_chem_comp_bond.pdbx_aromatic_flag 
_chem_comp_bond.pdbx_stereo_config 
_chem_comp_bond.pdbx_ordinal 
A   OP3   P      sing N N 1   
A   OP3   HOP3   sing N N 2   
A   P     OP1    doub N N 3   
A   P     OP2    sing N N 4   
A   P     "O5'"  sing N N 5   
A   OP2   HOP2   sing N N 6   
A   "O5'" "C5'"  sing N N 7   
A   "C5'" "C4'"  sing N N 8   
A   "C5'" "H5'"  sing N N 9   
A   "C5'" "H5''" sing N N 10  
A   "C4'" "O4'"  sing N N 11  
A   "C4'" "C3'"  sing N N 12  
A   "C4'" "H4'"  sing N N 13  
A   "O4'" "C1'"  sing N N 14  
A   "C3'" "O3'"  sing N N 15  
A   "C3'" "C2'"  sing N N 16  
A   "C3'" "H3'"  sing N N 17  
A   "O3'" "HO3'" sing N N 18  
A   "C2'" "O2'"  sing N N 19  
A   "C2'" "C1'"  sing N N 20  
A   "C2'" "H2'"  sing N N 21  
A   "O2'" "HO2'" sing N N 22  
A   "C1'" N9     sing N N 23  
A   "C1'" "H1'"  sing N N 24  
A   N9    C8     sing Y N 25  
A   N9    C4     sing Y N 26  
A   C8    N7     doub Y N 27  
A   C8    H8     sing N N 28  
A   N7    C5     sing Y N 29  
A   C5    C6     sing Y N 30  
A   C5    C4     doub Y N 31  
A   C6    N6     sing N N 32  
A   C6    N1     doub Y N 33  
A   N6    H61    sing N N 34  
A   N6    H62    sing N N 35  
A   N1    C2     sing Y N 36  
A   C2    N3     doub Y N 37  
A   C2    H2     sing N N 38  
A   N3    C4     sing Y N 39  
C   OP3   P      sing N N 40  
C   OP3   HOP3   sing N N 41  
C   P     OP1    doub N N 42  
C   P     OP2    sing N N 43  
C   P     "O5'"  sing N N 44  
C   OP2   HOP2   sing N N 45  
C   "O5'" "C5'"  sing N N 46  
C   "C5'" "C4'"  sing N N 47  
C   "C5'" "H5'"  sing N N 48  
C   "C5'" "H5''" sing N N 49  
C   "C4'" "O4'"  sing N N 50  
C   "C4'" "C3'"  sing N N 51  
C   "C4'" "H4'"  sing N N 52  
C   "O4'" "C1'"  sing N N 53  
C   "C3'" "O3'"  sing N N 54  
C   "C3'" "C2'"  sing N N 55  
C   "C3'" "H3'"  sing N N 56  
C   "O3'" "HO3'" sing N N 57  
C   "C2'" "O2'"  sing N N 58  
C   "C2'" "C1'"  sing N N 59  
C   "C2'" "H2'"  sing N N 60  
C   "O2'" "HO2'" sing N N 61  
C   "C1'" N1     sing N N 62  
C   "C1'" "H1'"  sing N N 63  
C   N1    C2     sing N N 64  
C   N1    C6     sing N N 65  
C   C2    O2     doub N N 66  
C   C2    N3     sing N N 67  
C   N3    C4     doub N N 68  
C   C4    N4     sing N N 69  
C   C4    C5     sing N N 70  
C   N4    H41    sing N N 71  
C   N4    H42    sing N N 72  
C   C5    C6     doub N N 73  
C   C5    H5     sing N N 74  
C   C6    H6     sing N N 75  
G   OP3   P      sing N N 76  
G   OP3   HOP3   sing N N 77  
G   P     OP1    doub N N 78  
G   P     OP2    sing N N 79  
G   P     "O5'"  sing N N 80  
G   OP2   HOP2   sing N N 81  
G   "O5'" "C5'"  sing N N 82  
G   "C5'" "C4'"  sing N N 83  
G   "C5'" "H5'"  sing N N 84  
G   "C5'" "H5''" sing N N 85  
G   "C4'" "O4'"  sing N N 86  
G   "C4'" "C3'"  sing N N 87  
G   "C4'" "H4'"  sing N N 88  
G   "O4'" "C1'"  sing N N 89  
G   "C3'" "O3'"  sing N N 90  
G   "C3'" "C2'"  sing N N 91  
G   "C3'" "H3'"  sing N N 92  
G   "O3'" "HO3'" sing N N 93  
G   "C2'" "O2'"  sing N N 94  
G   "C2'" "C1'"  sing N N 95  
G   "C2'" "H2'"  sing N N 96  
G   "O2'" "HO2'" sing N N 97  
G   "C1'" N9     sing N N 98  
G   "C1'" "H1'"  sing N N 99  
G   N9    C8     sing Y N 100 
G   N9    C4     sing Y N 101 
G   C8    N7     doub Y N 102 
G   C8    H8     sing N N 103 
G   N7    C5     sing Y N 104 
G   C5    C6     sing N N 105 
G   C5    C4     doub Y N 106 
G   C6    O6     doub N N 107 
G   C6    N1     sing N N 108 
G   N1    C2     sing N N 109 
G   N1    H1     sing N N 110 
G   C2    N2     sing N N 111 
G   C2    N3     doub N N 112 
G   N2    H21    sing N N 113 
G   N2    H22    sing N N 114 
G   N3    C4     sing N N 115 
GTP PG    O1G    doub N N 116 
GTP PG    O2G    sing N N 117 
GTP PG    O3G    sing N N 118 
GTP PG    O3B    sing N N 119 
GTP O2G   HOG2   sing N N 120 
GTP O3G   HOG3   sing N N 121 
GTP O3B   PB     sing N N 122 
GTP PB    O1B    doub N N 123 
GTP PB    O2B    sing N N 124 
GTP PB    O3A    sing N N 125 
GTP O2B   HOB2   sing N N 126 
GTP O3A   PA     sing N N 127 
GTP PA    O1A    doub N N 128 
GTP PA    O2A    sing N N 129 
GTP PA    "O5'"  sing N N 130 
GTP O2A   HOA2   sing N N 131 
GTP "O5'" "C5'"  sing N N 132 
GTP "C5'" "C4'"  sing N N 133 
GTP "C5'" "H5'"  sing N N 134 
GTP "C5'" "H5''" sing N N 135 
GTP "C4'" "O4'"  sing N N 136 
GTP "C4'" "C3'"  sing N N 137 
GTP "C4'" "H4'"  sing N N 138 
GTP "O4'" "C1'"  sing N N 139 
GTP "C3'" "O3'"  sing N N 140 
GTP "C3'" "C2'"  sing N N 141 
GTP "C3'" "H3'"  sing N N 142 
GTP "O3'" "HO3'" sing N N 143 
GTP "C2'" "O2'"  sing N N 144 
GTP "C2'" "C1'"  sing N N 145 
GTP "C2'" "H2'"  sing N N 146 
GTP "O2'" "HO2'" sing N N 147 
GTP "C1'" N9     sing N N 148 
GTP "C1'" "H1'"  sing N N 149 
GTP N9    C8     sing Y N 150 
GTP N9    C4     sing Y N 151 
GTP C8    N7     doub Y N 152 
GTP C8    H8     sing N N 153 
GTP N7    C5     sing Y N 154 
GTP C5    C6     sing N N 155 
GTP C5    C4     doub Y N 156 
GTP C6    O6     doub N N 157 
GTP C6    N1     sing N N 158 
GTP N1    C2     sing N N 159 
GTP N1    HN1    sing N N 160 
GTP C2    N2     sing N N 161 
GTP C2    N3     doub N N 162 
GTP N2    HN21   sing N N 163 
GTP N2    HN22   sing N N 164 
GTP N3    C4     sing N N 165 
NPR N1    C2     sing N N 166 
NPR N1    HN11   sing N N 167 
NPR N1    HN12   sing N N 168 
NPR C2    N3     doub Y N 169 
NPR C2    N12    sing Y N 170 
NPR N3    C4     sing Y N 171 
NPR C4    O5     doub N N 172 
NPR C4    C6     sing Y N 173 
NPR C6    N7     sing N N 174 
NPR C6    C11    doub Y N 175 
NPR N7    C8     doub N N 176 
NPR C8    C9     sing N N 177 
NPR C8    C13    sing N N 178 
NPR C9    N10    sing N N 179 
NPR C9    H91    sing N N 180 
NPR C9    H92    sing N N 181 
NPR N10   C11    sing N N 182 
NPR N10   H10    sing N N 183 
NPR C11   N12    sing Y N 184 
NPR N12   H12    sing N N 185 
NPR C13   O14    sing N N 186 
NPR C13   C15    sing N N 187 
NPR C13   H13    sing N N 188 
NPR O14   H14    sing N N 189 
NPR C15   O16    sing N N 190 
NPR C15   C17    sing N N 191 
NPR C15   H15    sing N N 192 
NPR O16   H16    sing N N 193 
NPR C17   O18    sing N N 194 
NPR C17   H171   sing N N 195 
NPR C17   H172   sing N N 196 
NPR O18   H18    sing N N 197 
U   OP3   P      sing N N 198 
U   OP3   HOP3   sing N N 199 
U   P     OP1    doub N N 200 
U   P     OP2    sing N N 201 
U   P     "O5'"  sing N N 202 
U   OP2   HOP2   sing N N 203 
U   "O5'" "C5'"  sing N N 204 
U   "C5'" "C4'"  sing N N 205 
U   "C5'" "H5'"  sing N N 206 
U   "C5'" "H5''" sing N N 207 
U   "C4'" "O4'"  sing N N 208 
U   "C4'" "C3'"  sing N N 209 
U   "C4'" "H4'"  sing N N 210 
U   "O4'" "C1'"  sing N N 211 
U   "C3'" "O3'"  sing N N 212 
U   "C3'" "C2'"  sing N N 213 
U   "C3'" "H3'"  sing N N 214 
U   "O3'" "HO3'" sing N N 215 
U   "C2'" "O2'"  sing N N 216 
U   "C2'" "C1'"  sing N N 217 
U   "C2'" "H2'"  sing N N 218 
U   "O2'" "HO2'" sing N N 219 
U   "C1'" N1     sing N N 220 
U   "C1'" "H1'"  sing N N 221 
U   N1    C2     sing N N 222 
U   N1    C6     sing N N 223 
U   C2    O2     doub N N 224 
U   C2    N3     sing N N 225 
U   N3    C4     sing N N 226 
U   N3    H3     sing N N 227 
U   C4    O4     doub N N 228 
U   C4    C5     sing N N 229 
U   C5    C6     doub N N 230 
U   C5    H5     sing N N 231 
U   C6    H6     sing N N 232 
# 
loop_
_ndb_struct_conf_na.entry_id 
_ndb_struct_conf_na.feature 
7WII 'double helix'         
7WII 'a-form double helix'  
7WII 'hairpin loop'         
7WII tetraloop              
7WII 'mismatched base pair' 
7WII 'internal loop'        
7WII 'triple helix'         
# 
loop_
_ndb_struct_na_base_pair.model_number 
_ndb_struct_na_base_pair.i_label_asym_id 
_ndb_struct_na_base_pair.i_label_comp_id 
_ndb_struct_na_base_pair.i_label_seq_id 
_ndb_struct_na_base_pair.i_symmetry 
_ndb_struct_na_base_pair.j_label_asym_id 
_ndb_struct_na_base_pair.j_label_comp_id 
_ndb_struct_na_base_pair.j_label_seq_id 
_ndb_struct_na_base_pair.j_symmetry 
_ndb_struct_na_base_pair.shear 
_ndb_struct_na_base_pair.stretch 
_ndb_struct_na_base_pair.stagger 
_ndb_struct_na_base_pair.buckle 
_ndb_struct_na_base_pair.propeller 
_ndb_struct_na_base_pair.opening 
_ndb_struct_na_base_pair.pair_number 
_ndb_struct_na_base_pair.pair_name 
_ndb_struct_na_base_pair.i_auth_asym_id 
_ndb_struct_na_base_pair.i_auth_seq_id 
_ndb_struct_na_base_pair.i_PDB_ins_code 
_ndb_struct_na_base_pair.j_auth_asym_id 
_ndb_struct_na_base_pair.j_auth_seq_id 
_ndb_struct_na_base_pair.j_PDB_ins_code 
_ndb_struct_na_base_pair.hbond_type_28 
_ndb_struct_na_base_pair.hbond_type_12 
1 A GTP 1  1_555 A C 50 1_555 -1.222 -0.144 0.310  -3.478 -11.401 2.372   1  V_GTP6:C56_V V 6  ? V 56 ? 19 1 
1 A G   2  1_555 A C 49 1_555 -1.088 -0.202 0.084  -2.651 -9.597  5.072   2  V_G7:C55_V   V 7  ? V 55 ? 19 1 
1 A C   3  1_555 A G 48 1_555 -0.138 0.008  -0.090 3.595  -7.164  3.832   3  V_C8:G54_V   V 8  ? V 54 ? 19 1 
1 A G   4  1_555 A C 47 1_555 -0.415 -0.159 0.181  -2.758 -11.080 7.140   4  V_G9:C53_V   V 9  ? V 53 ? 19 1 
1 A U   5  1_555 A A 46 1_555 0.357  0.013  0.341  -1.504 -10.835 7.647   5  V_U10:A52_V  V 10 ? V 52 ? 20 1 
1 A G   6  1_555 A G 45 1_555 -2.082 -3.693 -0.235 17.719 -4.202  82.980  6  V_G11:G51_V  V 11 ? V 51 ? 6  3 
1 A G   7  1_555 A A 44 1_555 -0.126 1.409  -0.395 9.304  -5.741  -5.541  7  V_G12:A50_V  V 12 ? V 50 ? 8  1 
1 A U   8  1_555 A G 43 1_555 2.636  -0.550 0.265  2.360  -10.767 3.870   8  V_U13:G49_V  V 13 ? V 49 ? 28 1 
1 A C   9  1_555 A G 42 1_555 0.331  -0.166 -0.126 8.883  -11.543 -1.013  9  V_C14:G48_V  V 14 ? V 48 ? 19 1 
1 A C   10 1_555 A G 41 1_555 0.240  -0.224 0.093  3.345  -7.217  4.909   10 V_C15:G47_V  V 15 ? V 47 ? 19 1 
1 A G   11 1_555 A C 40 1_555 0.163  -0.061 -0.009 -8.338 -15.757 -2.336  11 V_G16:C46_V  V 16 ? V 46 ? 19 1 
1 A U   12 1_555 A A 39 1_555 0.315  0.164  -0.102 7.025  -1.638  1.300   12 V_U17:A45_V  V 17 ? V 45 ? 20 1 
1 A G   20 1_555 A C 37 1_555 -0.979 -0.214 0.462  -0.510 -12.444 2.081   13 V_G25:C43_V  V 25 ? V 43 ? 19 1 
1 A U   21 1_555 A A 36 1_555 0.115  -0.339 0.280  -2.319 -13.889 -0.224  14 V_U26:A42_V  V 26 ? V 42 ? 20 1 
1 A U   22 1_555 A A 35 1_555 -0.141 -0.411 0.004  1.583  -6.290  0.304   15 V_U27:A41_V  V 27 ? V 41 ? 20 1 
1 A C   23 1_555 A G 34 1_555 0.758  -0.492 0.125  7.566  -7.740  -4.410  16 V_C28:G40_V  V 28 ? V 40 ? 19 1 
1 A C   24 1_555 A G 33 1_555 0.565  0.022  -0.001 5.013  -5.936  7.096   17 V_C29:G39_V  V 29 ? V 39 ? 19 1 
1 A U   25 1_555 A A 32 1_555 -0.392 -0.184 0.006  6.158  -5.206  1.022   18 V_U30:A38_V  V 30 ? V 38 ? 20 1 
1 A C   26 1_555 A G 31 1_555 0.615  -0.061 0.009  4.349  5.073   3.847   19 V_C31:G37_V  V 31 ? V 37 ? 19 1 
1 A G   27 1_555 A A 30 1_555 6.943  -5.060 1.363  16.517 3.527   -10.735 20 V_G32:A35_V  V 32 ? V 35 ? ?  ? 
# 
loop_
_ndb_struct_na_base_pair_step.model_number 
_ndb_struct_na_base_pair_step.i_label_asym_id_1 
_ndb_struct_na_base_pair_step.i_label_comp_id_1 
_ndb_struct_na_base_pair_step.i_label_seq_id_1 
_ndb_struct_na_base_pair_step.i_symmetry_1 
_ndb_struct_na_base_pair_step.j_label_asym_id_1 
_ndb_struct_na_base_pair_step.j_label_comp_id_1 
_ndb_struct_na_base_pair_step.j_label_seq_id_1 
_ndb_struct_na_base_pair_step.j_symmetry_1 
_ndb_struct_na_base_pair_step.i_label_asym_id_2 
_ndb_struct_na_base_pair_step.i_label_comp_id_2 
_ndb_struct_na_base_pair_step.i_label_seq_id_2 
_ndb_struct_na_base_pair_step.i_symmetry_2 
_ndb_struct_na_base_pair_step.j_label_asym_id_2 
_ndb_struct_na_base_pair_step.j_label_comp_id_2 
_ndb_struct_na_base_pair_step.j_label_seq_id_2 
_ndb_struct_na_base_pair_step.j_symmetry_2 
_ndb_struct_na_base_pair_step.shift 
_ndb_struct_na_base_pair_step.slide 
_ndb_struct_na_base_pair_step.rise 
_ndb_struct_na_base_pair_step.tilt 
_ndb_struct_na_base_pair_step.roll 
_ndb_struct_na_base_pair_step.twist 
_ndb_struct_na_base_pair_step.x_displacement 
_ndb_struct_na_base_pair_step.y_displacement 
_ndb_struct_na_base_pair_step.helical_rise 
_ndb_struct_na_base_pair_step.inclination 
_ndb_struct_na_base_pair_step.tip 
_ndb_struct_na_base_pair_step.helical_twist 
_ndb_struct_na_base_pair_step.step_number 
_ndb_struct_na_base_pair_step.step_name 
_ndb_struct_na_base_pair_step.i_auth_asym_id_1 
_ndb_struct_na_base_pair_step.i_auth_seq_id_1 
_ndb_struct_na_base_pair_step.i_PDB_ins_code_1 
_ndb_struct_na_base_pair_step.j_auth_asym_id_1 
_ndb_struct_na_base_pair_step.j_auth_seq_id_1 
_ndb_struct_na_base_pair_step.j_PDB_ins_code_1 
_ndb_struct_na_base_pair_step.i_auth_asym_id_2 
_ndb_struct_na_base_pair_step.i_auth_seq_id_2 
_ndb_struct_na_base_pair_step.i_PDB_ins_code_2 
_ndb_struct_na_base_pair_step.j_auth_asym_id_2 
_ndb_struct_na_base_pair_step.j_auth_seq_id_2 
_ndb_struct_na_base_pair_step.j_PDB_ins_code_2 
1 A GTP 1  1_555 A C 50 1_555 A G 2  1_555 A C 49 1_555 0.061  -2.016 3.240  -1.980   0.989   30.956  -3.955 -0.487 3.166  1.851   
3.704   31.033  1  VV_GTP6G7:C55C56_VV V 6  ? V 56 ? V 7  ? V 55 ? 
1 A G   2  1_555 A C 49 1_555 A C 3  1_555 A G 48 1_555 -0.380 -1.698 3.074  -0.117   1.844   35.251  -3.054 0.610  2.985  3.043   
0.193   35.298  2  VV_G7C8:G54C55_VV   V 7  ? V 55 ? V 8  ? V 54 ? 
1 A C   3  1_555 A G 48 1_555 A G 4  1_555 A C 47 1_555 0.119  -1.638 3.240  -0.679   8.937   29.645  -4.660 -0.344 2.643  16.983  
1.291   30.941  3  VV_C8G9:C53G54_VV   V 8  ? V 54 ? V 9  ? V 53 ? 
1 A G   4  1_555 A C 47 1_555 A U 5  1_555 A A 46 1_555 0.296  -1.285 3.172  0.158    8.116   35.249  -3.134 -0.456 2.817  13.187  
-0.257  36.143  4  VV_G9U10:A52C53_VV  V 9  ? V 53 ? V 10 ? V 52 ? 
1 A U   5  1_555 A A 46 1_555 A G 6  1_555 A G 45 1_555 0.084  -2.958 -0.967 -166.395 28.879  166.754 -1.469 0.015  -1.028 14.446  
83.234  178.720 5  VV_U10G11:G51A52_VV V 10 ? V 52 ? V 11 ? V 51 ? 
1 A G   6  1_555 A G 45 1_555 A G 7  1_555 A A 44 1_555 -0.243 -3.480 -2.422 135.849  -98.932 115.573 -2.039 -0.285 -1.069 -50.004 
-68.663 173.641 6  VV_G11G12:A50G51_VV V 11 ? V 51 ? V 12 ? V 50 ? 
1 A G   7  1_555 A A 44 1_555 A U 8  1_555 A G 43 1_555 0.123  -1.556 3.443  -4.597   7.808   42.918  -2.836 -0.607 3.099  10.531  
6.200   43.819  7  VV_G12U13:G49A50_VV V 12 ? V 50 ? V 13 ? V 49 ? 
1 A U   8  1_555 A G 43 1_555 A C 9  1_555 A G 42 1_555 -0.140 -1.821 2.762  3.909    7.331   26.910  -5.068 0.993  2.159  15.296  
-8.157  28.140  8  VV_U13C14:G48G49_VV V 13 ? V 49 ? V 14 ? V 48 ? 
1 A C   9  1_555 A G 42 1_555 A C 10 1_555 A G 41 1_555 -0.529 -2.416 3.301  -4.529   7.242   25.946  -6.791 0.076  2.597  15.599  
9.755   27.292  9  VV_C14C15:G47G48_VV V 14 ? V 48 ? V 15 ? V 47 ? 
1 A C   10 1_555 A G 41 1_555 A G 11 1_555 A C 40 1_555 -0.122 -2.245 3.474  1.519    12.373  33.256  -5.401 0.410  2.498  20.735  
-2.545  35.453  10 VV_C15G16:C46G47_VV V 15 ? V 47 ? V 16 ? V 46 ? 
1 A G   11 1_555 A C 40 1_555 A U 12 1_555 A A 39 1_555 0.101  -1.391 3.102  2.426    1.695   27.538  -3.291 0.339  3.011  3.547   
-5.079  27.694  11 VV_G16U17:A45C46_VV V 16 ? V 46 ? V 17 ? V 45 ? 
1 A G   20 1_555 A C 37 1_555 A U 21 1_555 A A 36 1_555 -0.359 -1.320 3.267  1.594    3.322   38.546  -2.391 0.732  3.130  5.018   
-2.407  38.715  12 VV_G25U26:A42C43_VV V 25 ? V 43 ? V 26 ? V 42 ? 
1 A U   21 1_555 A A 36 1_555 A U 22 1_555 A A 35 1_555 0.041  -1.516 3.076  1.478    6.507   30.194  -3.972 0.179  2.697  12.303  
-2.795  30.906  13 VV_U26U27:A41A42_VV V 26 ? V 42 ? V 27 ? V 41 ? 
1 A U   22 1_555 A A 35 1_555 A C 23 1_555 A G 34 1_555 0.138  -1.753 3.163  -2.320   2.595   36.380  -3.135 -0.523 3.021  4.144   
3.706   36.541  14 VV_U27C28:G40A41_VV V 27 ? V 41 ? V 28 ? V 40 ? 
1 A C   23 1_555 A G 34 1_555 A C 24 1_555 A G 33 1_555 -0.060 -2.121 3.264  -0.585   1.141   25.574  -5.104 -0.027 3.168  2.575   
1.320   25.605  15 VV_C28C29:G39G40_VV V 28 ? V 40 ? V 29 ? V 39 ? 
1 A C   24 1_555 A G 33 1_555 A U 25 1_555 A A 32 1_555 -0.547 -2.001 3.196  -1.823   4.690   27.386  -5.206 0.731  2.850  9.801   
3.809   27.836  16 VV_C29U30:A38G39_VV V 29 ? V 39 ? V 30 ? V 38 ? 
1 A U   25 1_555 A A 32 1_555 A C 26 1_555 A G 31 1_555 0.144  -1.908 3.293  -0.459   8.462   35.611  -4.138 -0.289 2.780  13.600  
0.737   36.573  17 VV_U30C31:G37A38_VV V 30 ? V 38 ? V 31 ? V 37 ? 
1 A C   26 1_555 A G 31 1_555 A G 27 1_555 A A 30 1_555 -1.774 -1.076 2.762  -4.127   11.149  51.987  -1.793 1.761  2.620  12.532  
4.639   53.236  18 VV_C31G32:A35G37_VV V 31 ? V 37 ? V 32 ? V 35 ? 
# 
_pdbx_audit_support.funding_organization   'National Natural Science Foundation of China (NSFC)' 
_pdbx_audit_support.country                China 
_pdbx_audit_support.grant_number           ? 
_pdbx_audit_support.ordinal                1 
# 
_pdbx_entity_instance_feature.ordinal        1 
_pdbx_entity_instance_feature.comp_id        NPR 
_pdbx_entity_instance_feature.asym_id        ? 
_pdbx_entity_instance_feature.seq_num        ? 
_pdbx_entity_instance_feature.auth_comp_id   NPR 
_pdbx_entity_instance_feature.auth_asym_id   ? 
_pdbx_entity_instance_feature.auth_seq_num   ? 
_pdbx_entity_instance_feature.feature_type   'SUBJECT OF INVESTIGATION' 
_pdbx_entity_instance_feature.details        ? 
# 
_pdbx_initial_refinement_model.id               1 
_pdbx_initial_refinement_model.entity_id_list   ? 
_pdbx_initial_refinement_model.type             'experimental model' 
_pdbx_initial_refinement_model.source_name      PDB 
_pdbx_initial_refinement_model.accession_code   7WI9 
_pdbx_initial_refinement_model.details          ? 
# 
_atom_sites.entry_id                    7WII 
_atom_sites.Cartn_transf_matrix[1][1]   ? 
_atom_sites.Cartn_transf_matrix[1][2]   ? 
_atom_sites.Cartn_transf_matrix[1][3]   ? 
_atom_sites.Cartn_transf_matrix[2][1]   ? 
_atom_sites.Cartn_transf_matrix[2][2]   ? 
_atom_sites.Cartn_transf_matrix[2][3]   ? 
_atom_sites.Cartn_transf_matrix[3][1]   ? 
_atom_sites.Cartn_transf_matrix[3][2]   ? 
_atom_sites.Cartn_transf_matrix[3][3]   ? 
_atom_sites.Cartn_transf_vector[1]      ? 
_atom_sites.Cartn_transf_vector[2]      ? 
_atom_sites.Cartn_transf_vector[3]      ? 
_atom_sites.fract_transf_matrix[1][1]   -0.01516117 
_atom_sites.fract_transf_matrix[1][2]   -0.00832314 
_atom_sites.fract_transf_matrix[1][3]   0.00119114 
_atom_sites.fract_transf_matrix[2][1]   -0.00960542 
_atom_sites.fract_transf_matrix[2][2]   0.00149597 
_atom_sites.fract_transf_matrix[2][3]   0.01435512 
_atom_sites.fract_transf_matrix[3][1]   -0.00500610 
_atom_sites.fract_transf_matrix[3][2]   0.00851262 
_atom_sites.fract_transf_matrix[3][3]   -0.00423684 
_atom_sites.fract_transf_vector[1]      0.044047 
_atom_sites.fract_transf_vector[2]      -0.471014 
_atom_sites.fract_transf_vector[3]      -0.041620 
_atom_sites.solution_primary            ? 
_atom_sites.solution_secondary          ? 
_atom_sites.solution_hydrogens          ? 
_atom_sites.special_details             ? 
# 
loop_
_atom_type.symbol 
C 
H 
N 
O 
P 
# 
loop_
_atom_site.group_PDB 
_atom_site.id 
_atom_site.type_symbol 
_atom_site.label_atom_id 
_atom_site.label_alt_id 
_atom_site.label_comp_id 
_atom_site.label_asym_id 
_atom_site.label_entity_id 
_atom_site.label_seq_id 
_atom_site.pdbx_PDB_ins_code 
_atom_site.Cartn_x 
_atom_site.Cartn_y 
_atom_site.Cartn_z 
_atom_site.occupancy 
_atom_site.B_iso_or_equiv 
_atom_site.pdbx_formal_charge 
_atom_site.auth_seq_id 
_atom_site.auth_comp_id 
_atom_site.auth_asym_id 
_atom_site.auth_atom_id 
_atom_site.pdbx_PDB_model_num 
HETATM 1    P PG    . GTP A 1 1  ? 17.21188  16.88224  17.99962  1.000 184.80374 ? 6   GTP V PG    1 
HETATM 2    O O1G   . GTP A 1 1  ? 17.48551  17.01479  16.51470  1.000 156.39991 ? 6   GTP V O1G   1 
HETATM 3    O O2G   . GTP A 1 1  ? 18.25391  17.58685  18.84531  1.000 184.53331 ? 6   GTP V O2G   1 
HETATM 4    O O3G   . GTP A 1 1  ? 15.79933  17.27290  18.38657  1.000 163.94068 ? 6   GTP V O3G   1 
HETATM 5    O O3B   . GTP A 1 1  ? 17.35314  15.30664  18.34717  1.000 185.60589 ? 6   GTP V O3B   1 
HETATM 6    P PB    . GTP A 1 1  ? 16.66968  13.98257  17.76218  1.000 203.60422 ? 6   GTP V PB    1 
HETATM 7    O O1B   . GTP A 1 1  ? 16.98872  12.85113  18.65783  1.000 184.81378 ? 6   GTP V O1B   1 
HETATM 8    O O2B   . GTP A 1 1  ? 17.00066  13.89145  16.32450  1.000 190.71264 ? 6   GTP V O2B   1 
HETATM 9    O O3A   . GTP A 1 1  ? 15.11770  14.35428  17.89640  1.000 163.29834 ? 6   GTP V O3A   1 
HETATM 10   P PA    . GTP A 1 1  ? 14.05439  15.00350  16.89158  1.000 156.56987 ? 6   GTP V PA    1 
HETATM 11   O O1A   . GTP A 1 1  ? 13.63779  13.98088  15.89864  1.000 165.44061 ? 6   GTP V O1A   1 
HETATM 12   O O2A   . GTP A 1 1  ? 14.59294  16.28738  16.37542  1.000 147.57541 ? 6   GTP V O2A   1 
HETATM 13   O "O5'" . GTP A 1 1  ? 12.86050  15.30425  17.91008  1.000 141.00672 ? 6   GTP V "O5'" 1 
HETATM 14   C "C5'" . GTP A 1 1  ? 12.50427  14.23626  18.81488  1.000 126.87614 ? 6   GTP V "C5'" 1 
HETATM 15   C "C4'" . GTP A 1 1  ? 11.32721  14.66462  19.65579  1.000 123.93547 ? 6   GTP V "C4'" 1 
HETATM 16   O "O4'" . GTP A 1 1  ? 11.60208  15.93171  20.29485  1.000 127.48078 ? 6   GTP V "O4'" 1 
HETATM 17   C "C3'" . GTP A 1 1  ? 10.01056  14.88969  18.90970  1.000 122.53866 ? 6   GTP V "C3'" 1 
HETATM 18   O "O3'" . GTP A 1 1  ? 9.35483   13.66639  18.60037  1.000 120.06490 ? 6   GTP V "O3'" 1 
HETATM 19   C "C2'" . GTP A 1 1  ? 9.27764   15.77644  19.91738  1.000 113.82205 ? 6   GTP V "C2'" 1 
HETATM 20   O "O2'" . GTP A 1 1  ? 8.90576   15.03578  21.05999  1.000 123.24387 ? 6   GTP V "O2'" 1 
HETATM 21   C "C1'" . GTP A 1 1  ? 10.41773  16.72611  20.28228  1.000 117.22016 ? 6   GTP V "C1'" 1 
HETATM 22   N N9    . GTP A 1 1  ? 10.58914  17.81116  19.31755  1.000 107.76459 ? 6   GTP V N9    1 
HETATM 23   C C8    . GTP A 1 1  ? 11.70648  18.09236  18.57433  1.000 108.27933 ? 6   GTP V C8    1 
HETATM 24   N N7    . GTP A 1 1  ? 11.56735  19.13231  17.78880  1.000 96.99505  ? 6   GTP V N7    1 
HETATM 25   C C5    . GTP A 1 1  ? 10.26859  19.56700  18.03291  1.000 105.35221 ? 6   GTP V C5    1 
HETATM 26   C C6    . GTP A 1 1  ? 9.55546   20.65720  17.47246  1.000 102.27663 ? 6   GTP V C6    1 
HETATM 27   O O6    . GTP A 1 1  ? 9.94220   21.47581  16.62590  1.000 99.29360  ? 6   GTP V O6    1 
HETATM 28   N N1    . GTP A 1 1  ? 8.26639   20.74401  17.99622  1.000 110.71317 ? 6   GTP V N1    1 
HETATM 29   C C2    . GTP A 1 1  ? 7.73108   19.89655  18.93533  1.000 119.80881 ? 6   GTP V C2    1 
HETATM 30   N N2    . GTP A 1 1  ? 6.46854   20.14112  19.31666  1.000 109.02564 ? 6   GTP V N2    1 
HETATM 31   N N3    . GTP A 1 1  ? 8.39480   18.87102  19.46484  1.000 117.39427 ? 6   GTP V N3    1 
HETATM 32   C C4    . GTP A 1 1  ? 9.65310   18.76783  18.96904  1.000 109.77946 ? 6   GTP V C4    1 
ATOM   33   P P     . G   A 1 2  ? 8.83715   13.40208  17.11079  1.000 134.23546 ? 7   G   V P     1 
ATOM   34   O OP1   . G   A 1 2  ? 8.61932   11.94277  16.94246  1.000 139.55889 ? 7   G   V OP1   1 
ATOM   35   O OP2   . G   A 1 2  ? 9.72479   14.12821  16.16637  1.000 124.34047 ? 7   G   V OP2   1 
ATOM   36   O "O5'" . G   A 1 2  ? 7.41712   14.12164  17.11279  1.000 123.00647 ? 7   G   V "O5'" 1 
ATOM   37   C "C5'" . G   A 1 2  ? 6.50146   13.91269  18.17619  1.000 106.20902 ? 7   G   V "C5'" 1 
ATOM   38   C "C4'" . G   A 1 2  ? 5.43674   14.97884  18.20664  1.000 113.42869 ? 7   G   V "C4'" 1 
ATOM   39   O "O4'" . G   A 1 2  ? 6.03497   16.27016  18.49109  1.000 115.64141 ? 7   G   V "O4'" 1 
ATOM   40   C "C3'" . G   A 1 2  ? 4.68257   15.20697  16.90763  1.000 124.91702 ? 7   G   V "C3'" 1 
ATOM   41   O "O3'" . G   A 1 2  ? 3.66818   14.24626  16.67595  1.000 143.19729 ? 7   G   V "O3'" 1 
ATOM   42   C "C2'" . G   A 1 2  ? 4.15807   16.62573  17.07887  1.000 118.40101 ? 7   G   V "C2'" 1 
ATOM   43   O "O2'" . G   A 1 2  ? 3.02552   16.64234  17.93510  1.000 114.94385 ? 7   G   V "O2'" 1 
ATOM   44   C "C1'" . G   A 1 2  ? 5.32482   17.28680  17.81295  1.000 116.39626 ? 7   G   V "C1'" 1 
ATOM   45   N N9    . G   A 1 2  ? 6.24246   17.96868  16.88143  1.000 115.20714 ? 7   G   V N9    1 
ATOM   46   C C8    . G   A 1 2  ? 7.53519   17.62285  16.57007  1.000 104.78310 ? 7   G   V C8    1 
ATOM   47   N N7    . G   A 1 2  ? 8.08426   18.43211  15.70477  1.000 98.76979  ? 7   G   V N7    1 
ATOM   48   C C5    . G   A 1 2  ? 7.09511   19.36635  15.42697  1.000 103.48652 ? 7   G   V C5    1 
ATOM   49   C C6    . G   A 1 2  ? 7.10235   20.49160  14.56127  1.000 101.45131 ? 7   G   V C6    1 
ATOM   50   O O6    . G   A 1 2  ? 8.01623   20.90423  13.83593  1.000 106.89172 ? 7   G   V O6    1 
ATOM   51   N N1    . G   A 1 2  ? 5.88372   21.16235  14.58643  1.000 103.02808 ? 7   G   V N1    1 
ATOM   52   C C2    . G   A 1 2  ? 4.79789   20.80306  15.34587  1.000 108.54280 ? 7   G   V C2    1 
ATOM   53   N N2    . G   A 1 2  ? 3.70995   21.57972  15.23338  1.000 103.19534 ? 7   G   V N2    1 
ATOM   54   N N3    . G   A 1 2  ? 4.77790   19.75902  16.15688  1.000 105.15301 ? 7   G   V N3    1 
ATOM   55   C C4    . G   A 1 2  ? 5.95202   19.09276  16.14675  1.000 111.02534 ? 7   G   V C4    1 
ATOM   56   P P     . C   A 1 3  ? 3.35704   13.75011  15.17942  1.000 134.27265 ? 8   C   V P     1 
ATOM   57   O OP1   . C   A 1 3  ? 2.47784   12.55683  15.26875  1.000 130.96065 ? 8   C   V OP1   1 
ATOM   58   O OP2   . C   A 1 3  ? 4.64426   13.65872  14.44320  1.000 130.62613 ? 8   C   V OP2   1 
ATOM   59   O "O5'" . C   A 1 3  ? 2.50958   14.94246  14.54911  1.000 118.74685 ? 8   C   V "O5'" 1 
ATOM   60   C "C5'" . C   A 1 3  ? 1.29118   15.35908  15.14600  1.000 112.21917 ? 8   C   V "C5'" 1 
ATOM   61   C "C4'" . C   A 1 3  ? 0.75170   16.60941  14.49885  1.000 115.50973 ? 8   C   V "C4'" 1 
ATOM   62   O "O4'" . C   A 1 3  ? 1.61151   17.73931  14.80203  1.000 110.25888 ? 8   C   V "O4'" 1 
ATOM   63   C "C3'" . C   A 1 3  ? 0.68332   16.60406  12.98089  1.000 119.68915 ? 8   C   V "C3'" 1 
ATOM   64   O "O3'" . C   A 1 3  ? -0.42954  15.89343  12.46951  1.000 138.55593 ? 8   C   V "O3'" 1 
ATOM   65   C "C2'" . C   A 1 3  ? 0.66788   18.08944  12.65107  1.000 120.63732 ? 8   C   V "C2'" 1 
ATOM   66   O "O2'" . C   A 1 3  ? -0.61858  18.64282  12.88570  1.000 124.37892 ? 8   C   V "O2'" 1 
ATOM   67   C "C1'" . C   A 1 3  ? 1.62705   18.63550  13.70866  1.000 114.32650 ? 8   C   V "C1'" 1 
ATOM   68   N N1    . C   A 1 3  ? 3.00904   18.73018  13.18957  1.000 112.91179 ? 8   C   V N1    1 
ATOM   69   C C2    . C   A 1 3  ? 3.34127   19.82542  12.38878  1.000 115.71285 ? 8   C   V C2    1 
ATOM   70   O O2    . C   A 1 3  ? 2.47247   20.67766  12.15166  1.000 107.68649 ? 8   C   V O2    1 
ATOM   71   N N3    . C   A 1 3  ? 4.59765   19.92875  11.89849  1.000 118.10742 ? 8   C   V N3    1 
ATOM   72   C C4    . C   A 1 3  ? 5.50026   18.98689  12.17737  1.000 112.39576 ? 8   C   V C4    1 
ATOM   73   N N4    . C   A 1 3  ? 6.72787   19.13087  11.67349  1.000 108.14979 ? 8   C   V N4    1 
ATOM   74   C C5    . C   A 1 3  ? 5.18719   17.85847  12.98990  1.000 108.27709 ? 8   C   V C5    1 
ATOM   75   C C6    . C   A 1 3  ? 3.93970   17.76863  13.46857  1.000 107.05880 ? 8   C   V C6    1 
ATOM   76   P P     . G   A 1 4  ? -0.38487  15.31070  10.97301  1.000 126.27628 ? 9   G   V P     1 
ATOM   77   O OP1   . G   A 1 4  ? -1.63729  14.54971  10.73393  1.000 142.06292 ? 9   G   V OP1   1 
ATOM   78   O OP2   . G   A 1 4  ? 0.92880   14.64528  10.77874  1.000 117.96603 ? 9   G   V OP2   1 
ATOM   79   O "O5'" . G   A 1 4  ? -0.41700  16.61269  10.05601  1.000 120.71246 ? 9   G   V "O5'" 1 
ATOM   80   C "C5'" . G   A 1 4  ? -1.46956  17.55868  10.17286  1.000 115.14728 ? 9   G   V "C5'" 1 
ATOM   81   C "C4'" . G   A 1 4  ? -1.28464  18.71191  9.21949   1.000 106.34284 ? 9   G   V "C4'" 1 
ATOM   82   O "O4'" . G   A 1 4  ? -0.18772  19.55167  9.66528   1.000 115.68777 ? 9   G   V "O4'" 1 
ATOM   83   C "C3'" . G   A 1 4  ? -0.90675  18.34105  7.79518   1.000 108.01927 ? 9   G   V "C3'" 1 
ATOM   84   O "O3'" . G   A 1 4  ? -2.01523  17.93429  7.01330   1.000 124.24534 ? 9   G   V "O3'" 1 
ATOM   85   C "C2'" . G   A 1 4  ? -0.23001  19.60877  7.29174   1.000 111.58579 ? 9   G   V "C2'" 1 
ATOM   86   O "O2'" . G   A 1 4  ? -1.19515  20.59198  6.94752   1.000 109.03272 ? 9   G   V "O2'" 1 
ATOM   87   C "C1'" . G   A 1 4  ? 0.50455   20.07306  8.54923   1.000 111.26346 ? 9   G   V "C1'" 1 
ATOM   88   N N9    . G   A 1 4  ? 1.89309   19.57755  8.58818   1.000 113.80605 ? 9   G   V N9    1 
ATOM   89   C C8    . G   A 1 4  ? 2.36441   18.49749  9.29507   1.000 109.24646 ? 9   G   V C8    1 
ATOM   90   N N7    . G   A 1 4  ? 3.64374   18.29936  9.13338   1.000 93.36535  ? 9   G   V N7    1 
ATOM   91   C C5    . G   A 1 4  ? 4.04189   19.30771  8.26615   1.000 108.70213 ? 9   G   V C5    1 
ATOM   92   C C6    . G   A 1 4  ? 5.32116   19.60435  7.72780   1.000 111.79884 ? 9   G   V C6    1 
ATOM   93   O O6    . G   A 1 4  ? 6.39238   19.01436  7.91484   1.000 99.25112  ? 9   G   V O6    1 
ATOM   94   N N1    . G   A 1 4  ? 5.27703   20.71494  6.89118   1.000 120.60799 ? 9   G   V N1    1 
ATOM   95   C C2    . G   A 1 4  ? 4.15077   21.44777  6.60744   1.000 116.84840 ? 9   G   V C2    1 
ATOM   96   N N2    . G   A 1 4  ? 4.31370   22.48695  5.77530   1.000 107.87600 ? 9   G   V N2    1 
ATOM   97   N N3    . G   A 1 4  ? 2.95283   21.18223  7.10340   1.000 115.00650 ? 9   G   V N3    1 
ATOM   98   C C4    . G   A 1 4  ? 2.97209   20.10629  7.91938   1.000 110.61529 ? 9   G   V C4    1 
ATOM   99   P P     . U   A 1 5  ? -1.81374  16.86182  5.83475   1.000 120.04146 ? 10  U   V P     1 
ATOM   100  O OP1   . U   A 1 5  ? -3.14752  16.54234  5.26609   1.000 140.65214 ? 10  U   V OP1   1 
ATOM   101  O OP2   . U   A 1 5  ? -0.95451  15.76668  6.35348   1.000 110.48258 ? 10  U   V OP2   1 
ATOM   102  O "O5'" . U   A 1 5  ? -0.98515  17.66039  4.73444   1.000 106.98334 ? 10  U   V "O5'" 1 
ATOM   103  C "C5'" . U   A 1 5  ? -1.44768  18.90952  4.24399   1.000 106.64700 ? 10  U   V "C5'" 1 
ATOM   104  C "C4'" . U   A 1 5  ? -0.44512  19.54201  3.31365   1.000 110.02531 ? 10  U   V "C4'" 1 
ATOM   105  O "O4'" . U   A 1 5  ? 0.67144   20.07506  4.07366   1.000 112.81098 ? 10  U   V "O4'" 1 
ATOM   106  C "C3'" . U   A 1 5  ? 0.21174   18.60879  2.31104   1.000 105.67530 ? 10  U   V "C3'" 1 
ATOM   107  O "O3'" . U   A 1 5  ? -0.60440  18.32519  1.18940   1.000 112.57444 ? 10  U   V "O3'" 1 
ATOM   108  C "C2'" . U   A 1 5  ? 1.49567   19.35025  1.96982   1.000 106.36242 ? 10  U   V "C2'" 1 
ATOM   109  O "O2'" . U   A 1 5  ? 1.23067   20.42589  1.08152   1.000 112.86807 ? 10  U   V "O2'" 1 
ATOM   110  C "C1'" . U   A 1 5  ? 1.86710   19.93271  3.33317   1.000 112.13619 ? 10  U   V "C1'" 1 
ATOM   111  N N1    . U   A 1 5  ? 2.77719   19.03482  4.07860   1.000 110.02235 ? 10  U   V N1    1 
ATOM   112  C C2    . U   A 1 5  ? 4.13125   19.14936  3.83289   1.000 107.92335 ? 10  U   V C2    1 
ATOM   113  O O2    . U   A 1 5  ? 4.59320   19.95706  3.04433   1.000 106.55217 ? 10  U   V O2    1 
ATOM   114  N N3    . U   A 1 5  ? 4.92539   18.28820  4.54881   1.000 111.14923 ? 10  U   V N3    1 
ATOM   115  C C4    . U   A 1 5  ? 4.51042   17.34105  5.46231   1.000 117.04460 ? 10  U   V C4    1 
ATOM   116  O O4    . U   A 1 5  ? 5.34894   16.63725  6.02880   1.000 118.42021 ? 10  U   V O4    1 
ATOM   117  C C5    . U   A 1 5  ? 3.09335   17.28205  5.65783   1.000 114.39386 ? 10  U   V C5    1 
ATOM   118  C C6    . U   A 1 5  ? 2.29496   18.10913  4.97389   1.000 110.33935 ? 10  U   V C6    1 
ATOM   119  P P     . G   A 1 6  ? -0.36720  16.97696  0.34864   1.000 127.53253 ? 11  G   V P     1 
ATOM   120  O OP1   . G   A 1 6  ? -1.47348  16.84955  -0.63402  1.000 104.81100 ? 11  G   V OP1   1 
ATOM   121  O OP2   . G   A 1 6  ? -0.11250  15.87417  1.31033   1.000 116.61100 ? 11  G   V OP2   1 
ATOM   122  O "O5'" . G   A 1 6  ? 0.98344   17.26144  -0.44753  1.000 113.21050 ? 11  G   V "O5'" 1 
ATOM   123  C "C5'" . G   A 1 6  ? 1.14247   18.46356  -1.18515  1.000 103.50590 ? 11  G   V "C5'" 1 
ATOM   124  C "C4'" . G   A 1 6  ? 2.45576   18.50935  -1.92755  1.000 111.81209 ? 11  G   V "C4'" 1 
ATOM   125  O "O4'" . G   A 1 6  ? 3.50865   19.02396  -1.07478  1.000 108.69010 ? 11  G   V "O4'" 1 
ATOM   126  C "C3'" . G   A 1 6  ? 3.01169   17.18599  -2.42544  1.000 108.05511 ? 11  G   V "C3'" 1 
ATOM   127  O "O3'" . G   A 1 6  ? 2.36747   16.71930  -3.59848  1.000 102.91232 ? 11  G   V "O3'" 1 
ATOM   128  C "C2'" . G   A 1 6  ? 4.48772   17.50870  -2.63401  1.000 110.46269 ? 11  G   V "C2'" 1 
ATOM   129  O "O2'" . G   A 1 6  ? 4.68338   18.17624  -3.87213  1.000 126.98931 ? 11  G   V "O2'" 1 
ATOM   130  C "C1'" . G   A 1 6  ? 4.75330   18.50700  -1.50079  1.000 109.28752 ? 11  G   V "C1'" 1 
ATOM   131  N N9    . G   A 1 6  ? 5.47662   17.90641  -0.35989  1.000 112.52249 ? 11  G   V N9    1 
ATOM   132  C C8    . G   A 1 6  ? 6.82459   18.04830  -0.12958  1.000 108.63463 ? 11  G   V C8    1 
ATOM   133  N N7    . G   A 1 6  ? 7.24246   17.42259  0.93334   1.000 97.58531  ? 11  G   V N7    1 
ATOM   134  C C5    . G   A 1 6  ? 6.10158   16.82305  1.44254   1.000 103.98759 ? 11  G   V C5    1 
ATOM   135  C C6    . G   A 1 6  ? 5.94409   16.00946  2.59369   1.000 104.95232 ? 11  G   V C6    1 
ATOM   136  O O6    . G   A 1 6  ? 6.80458   15.65260  3.40815   1.000 98.05731  ? 11  G   V O6    1 
ATOM   137  N N1    . G   A 1 6  ? 4.62456   15.60456  2.75402   1.000 104.35746 ? 11  G   V N1    1 
ATOM   138  C C2    . G   A 1 6  ? 3.59107   15.93963  1.91471   1.000 113.18298 ? 11  G   V C2    1 
ATOM   139  N N2    . G   A 1 6  ? 2.38814   15.44653  2.24375   1.000 129.15266 ? 11  G   V N2    1 
ATOM   140  N N3    . G   A 1 6  ? 3.72398   16.69816  0.83607   1.000 105.14362 ? 11  G   V N3    1 
ATOM   141  C C4    . G   A 1 6  ? 4.99967   17.10427  0.65640   1.000 104.57244 ? 11  G   V C4    1 
ATOM   142  P P     . G   A 1 7  ? 2.15446   15.14306  -3.83201  1.000 111.23623 ? 12  G   V P     1 
ATOM   143  O OP1   . G   A 1 7  ? 1.29110   14.97364  -5.02789  1.000 105.84437 ? 12  G   V OP1   1 
ATOM   144  O OP2   . G   A 1 7  ? 1.74122   14.53991  -2.53929  1.000 112.43140 ? 12  G   V OP2   1 
ATOM   145  O "O5'" . G   A 1 7  ? 3.60828   14.60127  -4.19962  1.000 110.33324 ? 12  G   V "O5'" 1 
ATOM   146  C "C5'" . G   A 1 7  ? 4.16550   14.82750  -5.48675  1.000 103.04292 ? 12  G   V "C5'" 1 
ATOM   147  C "C4'" . G   A 1 7  ? 5.66229   15.01036  -5.42572  1.000 113.46592 ? 12  G   V "C4'" 1 
ATOM   148  O "O4'" . G   A 1 7  ? 6.01427   15.76844  -4.23938  1.000 112.82347 ? 12  G   V "O4'" 1 
ATOM   149  C "C3'" . G   A 1 7  ? 6.49642   13.74348  -5.30829  1.000 98.40691  ? 12  G   V "C3'" 1 
ATOM   150  O "O3'" . G   A 1 7  ? 6.68663   13.07991  -6.54545  1.000 105.54710 ? 12  G   V "O3'" 1 
ATOM   151  C "C2'" . G   A 1 7  ? 7.78962   14.25812  -4.69234  1.000 95.39755  ? 12  G   V "C2'" 1 
ATOM   152  O "O2'" . G   A 1 7  ? 8.59562   14.89369  -5.67347  1.000 98.96729  ? 12  G   V "O2'" 1 
ATOM   153  C "C1'" . G   A 1 7  ? 7.25973   15.32776  -3.73890  1.000 104.41321 ? 12  G   V "C1'" 1 
ATOM   154  N N9    . G   A 1 7  ? 7.06474   14.79425  -2.37845  1.000 94.81715  ? 12  G   V N9    1 
ATOM   155  C C8    . G   A 1 7  ? 5.88050   14.55193  -1.72607  1.000 94.91553  ? 12  G   V C8    1 
ATOM   156  N N7    . G   A 1 7  ? 6.05025   14.07183  -0.52349  1.000 98.64390  ? 12  G   V N7    1 
ATOM   157  C C5    . G   A 1 7  ? 7.42858   13.99207  -0.37400  1.000 82.23802  ? 12  G   V C5    1 
ATOM   158  C C6    . G   A 1 7  ? 8.21676   13.54529  0.71854   1.000 87.80091  ? 12  G   V C6    1 
ATOM   159  O O6    . G   A 1 7  ? 7.84292   13.11565  1.81671   1.000 107.29856 ? 12  G   V O6    1 
ATOM   160  N N1    . G   A 1 7  ? 9.57621   13.63563  0.43605   1.000 91.85645  ? 12  G   V N1    1 
ATOM   161  C C2    . G   A 1 7  ? 10.11161  14.09491  -0.74242  1.000 97.25245  ? 12  G   V C2    1 
ATOM   162  N N2    . G   A 1 7  ? 11.44975  14.10644  -0.82501  1.000 86.85702  ? 12  G   V N2    1 
ATOM   163  N N3    . G   A 1 7  ? 9.38911   14.51246  -1.76690  1.000 101.96967 ? 12  G   V N3    1 
ATOM   164  C C4    . G   A 1 7  ? 8.06680   14.43304  -1.51268  1.000 85.76455  ? 12  G   V C4    1 
ATOM   165  P P     . U   A 1 8  ? 6.99640   11.50308  -6.57142  1.000 99.74157  ? 13  U   V P     1 
ATOM   166  O OP1   . U   A 1 8  ? 7.34026   11.12141  -7.96398  1.000 125.00431 ? 13  U   V OP1   1 
ATOM   167  O OP2   . U   A 1 8  ? 5.88674   10.80892  -5.87000  1.000 83.84789  ? 13  U   V OP2   1 
ATOM   168  O "O5'" . U   A 1 8  ? 8.31319   11.34936  -5.68785  1.000 96.28169  ? 13  U   V "O5'" 1 
ATOM   169  C "C5'" . U   A 1 8  ? 9.59142   11.66606  -6.21948  1.000 89.75562  ? 13  U   V "C5'" 1 
ATOM   170  C "C4'" . U   A 1 8  ? 10.69732  11.11967  -5.35247  1.000 93.26981  ? 13  U   V "C4'" 1 
ATOM   171  O "O4'" . U   A 1 8  ? 10.67205  11.77771  -4.05855  1.000 99.74031  ? 13  U   V "O4'" 1 
ATOM   172  C "C3'" . U   A 1 8  ? 10.60460  9.63831   -5.01713  1.000 84.87054  ? 13  U   V "C3'" 1 
ATOM   173  O "O3'" . U   A 1 8  ? 11.10151  8.80297   -6.04805  1.000 94.50879  ? 13  U   V "O3'" 1 
ATOM   174  C "C2'" . U   A 1 8  ? 11.38861  9.54190   -3.71660  1.000 88.76904  ? 13  U   V "C2'" 1 
ATOM   175  O "O2'" . U   A 1 8  ? 12.78537  9.56410   -3.97103  1.000 93.95683  ? 13  U   V "O2'" 1 
ATOM   176  C "C1'" . U   A 1 8  ? 11.00227  10.85633  -3.04074  1.000 93.07127  ? 13  U   V "C1'" 1 
ATOM   177  N N1    . U   A 1 8  ? 9.82357   10.70012  -2.15938  1.000 93.89064  ? 13  U   V N1    1 
ATOM   178  C C2    . U   A 1 8  ? 10.00940  10.13747  -0.91155  1.000 90.05521  ? 13  U   V C2    1 
ATOM   179  O O2    . U   A 1 8  ? 11.09674  9.76246   -0.50923  1.000 82.26620  ? 13  U   V O2    1 
ATOM   180  N N3    . U   A 1 8  ? 8.86991   10.02663  -0.15235  1.000 82.63034  ? 13  U   V N3    1 
ATOM   181  C C4    . U   A 1 8  ? 7.59346   10.41507  -0.50663  1.000 88.71174  ? 13  U   V C4    1 
ATOM   182  O O4    . U   A 1 8  ? 6.66710   10.25070  0.28808   1.000 97.35809  ? 13  U   V O4    1 
ATOM   183  C C5    . U   A 1 8  ? 7.48628   10.98925  -1.81225  1.000 90.02969  ? 13  U   V C5    1 
ATOM   184  C C6    . U   A 1 8  ? 8.57794   11.10953  -2.57406  1.000 86.90493  ? 13  U   V C6    1 
ATOM   185  P P     . C   A 1 9  ? 10.37646  7.40630   -6.37493  1.000 93.34281  ? 14  C   V P     1 
ATOM   186  O OP1   . C   A 1 9  ? 10.73223  7.01864   -7.76388  1.000 89.20579  ? 14  C   V OP1   1 
ATOM   187  O OP2   . C   A 1 9  ? 8.94743   7.52812   -5.98959  1.000 96.44556  ? 14  C   V OP2   1 
ATOM   188  O "O5'" . C   A 1 9  ? 11.07087  6.36887   -5.38508  1.000 93.70796  ? 14  C   V "O5'" 1 
ATOM   189  C "C5'" . C   A 1 9  ? 12.44430  6.03836   -5.52727  1.000 80.89583  ? 14  C   V "C5'" 1 
ATOM   190  C "C4'" . C   A 1 9  ? 13.02302  5.49619   -4.24450  1.000 84.46330  ? 14  C   V "C4'" 1 
ATOM   191  O "O4'" . C   A 1 9  ? 12.87109  6.47498   -3.18187  1.000 76.29095  ? 14  C   V "O4'" 1 
ATOM   192  C "C3'" . C   A 1 9  ? 12.36188  4.24794   -3.68231  1.000 87.91293  ? 14  C   V "C3'" 1 
ATOM   193  O "O3'" . C   A 1 9  ? 12.77021  3.05257   -4.32214  1.000 90.76302  ? 14  C   V "O3'" 1 
ATOM   194  C "C2'" . C   A 1 9  ? 12.74332  4.31413   -2.21136  1.000 91.19870  ? 14  C   V "C2'" 1 
ATOM   195  O "O2'" . C   A 1 9  ? 14.09458  3.91830   -2.02562  1.000 87.08337  ? 14  C   V "O2'" 1 
ATOM   196  C "C1'" . C   A 1 9  ? 12.64282  5.81577   -1.95202  1.000 78.41507  ? 14  C   V "C1'" 1 
ATOM   197  N N1    . C   A 1 9  ? 11.29932  6.18806   -1.45687  1.000 78.96747  ? 14  C   V N1    1 
ATOM   198  C C2    . C   A 1 9  ? 10.99603  5.94527   -0.11508  1.000 86.52181  ? 14  C   V C2    1 
ATOM   199  O O2    . C   A 1 9  ? 11.86253  5.43708   0.61049   1.000 92.75067  ? 14  C   V O2    1 
ATOM   200  N N3    . C   A 1 9  ? 9.77119   6.27170   0.35687   1.000 87.08559  ? 14  C   V N3    1 
ATOM   201  C C4    . C   A 1 9  ? 8.86790   6.81583   -0.46015  1.000 79.81974  ? 14  C   V C4    1 
ATOM   202  N N4    . C   A 1 9  ? 7.67258   7.12271   0.04690   1.000 84.39005  ? 14  C   V N4    1 
ATOM   203  C C5    . C   A 1 9  ? 9.15008   7.06970   -1.83401  1.000 75.66849  ? 14  C   V C5    1 
ATOM   204  C C6    . C   A 1 9  ? 10.36662  6.74197   -2.28863  1.000 81.27277  ? 14  C   V C6    1 
ATOM   205  P P     . C   A 1 10 ? 11.81729  1.75891   -4.27932  1.000 97.49762  ? 15  C   V P     1 
ATOM   206  O OP1   . C   A 1 10 ? 12.46642  0.68325   -5.07039  1.000 123.29587 ? 15  C   V OP1   1 
ATOM   207  O OP2   . C   A 1 10 ? 10.43888  2.19324   -4.62276  1.000 86.08322  ? 15  C   V OP2   1 
ATOM   208  O "O5'" . C   A 1 10 ? 11.82786  1.32171   -2.74659  1.000 87.62591  ? 15  C   V "O5'" 1 
ATOM   209  C "C5'" . C   A 1 10 ? 13.02757  0.88611   -2.12477  1.000 79.35105  ? 15  C   V "C5'" 1 
ATOM   210  C "C4'" . C   A 1 10 ? 12.78792  0.40043   -0.71622  1.000 76.83549  ? 15  C   V "C4'" 1 
ATOM   211  O "O4'" . C   A 1 10 ? 12.43968  1.51610   0.14530   1.000 84.40739  ? 15  C   V "O4'" 1 
ATOM   212  C "C3'" . C   A 1 10 ? 11.63936  -0.57688  -0.52211  1.000 86.80762  ? 15  C   V "C3'" 1 
ATOM   213  O "O3'" . C   A 1 10 ? 11.95507  -1.90571  -0.89532  1.000 88.30963  ? 15  C   V "O3'" 1 
ATOM   214  C "C2'" . C   A 1 10 ? 11.32556  -0.41742  0.95778   1.000 89.10745  ? 15  C   V "C2'" 1 
ATOM   215  O "O2'" . C   A 1 10 ? 12.28610  -1.10025  1.74975   1.000 99.26267  ? 15  C   V "O2'" 1 
ATOM   216  C "C1'" . C   A 1 10 ? 11.53249  1.08551   1.14124   1.000 75.97771  ? 15  C   V "C1'" 1 
ATOM   217  N N1    . C   A 1 10 ? 10.26340  1.82950   0.98602   1.000 65.71899  ? 15  C   V N1    1 
ATOM   218  C C2    . C   A 1 10 ? 9.34489   1.79185   2.03737   1.000 71.00129  ? 15  C   V C2    1 
ATOM   219  O O2    . C   A 1 10 ? 9.63060   1.14661   3.05653   1.000 75.76407  ? 15  C   V O2    1 
ATOM   220  N N3    . C   A 1 10 ? 8.17465   2.45941   1.91892   1.000 78.12355  ? 15  C   V N3    1 
ATOM   221  C C4    . C   A 1 10 ? 7.90864   3.14147   0.80408   1.000 79.97625  ? 15  C   V C4    1 
ATOM   222  N N4    . C   A 1 10 ? 6.74202   3.78499   0.73014   1.000 73.13314  ? 15  C   V N4    1 
ATOM   223  C C5    . C   A 1 10 ? 8.82636   3.19335   -0.28544  1.000 68.92445  ? 15  C   V C5    1 
ATOM   224  C C6    . C   A 1 10 ? 9.98177   2.52791   -0.15448  1.000 71.22185  ? 15  C   V C6    1 
ATOM   225  P P     . G   A 1 11 ? 10.79178  -2.88859  -1.40937  1.000 92.00194  ? 16  G   V P     1 
ATOM   226  O OP1   . G   A 1 11 ? 11.42084  -4.17676  -1.79784  1.000 95.19947  ? 16  G   V OP1   1 
ATOM   227  O OP2   . G   A 1 11 ? 9.97302   -2.14462  -2.39978  1.000 86.18628  ? 16  G   V OP2   1 
ATOM   228  O "O5'" . G   A 1 11 ? 9.89357   -3.14119  -0.11558  1.000 80.53984  ? 16  G   V "O5'" 1 
ATOM   229  C "C5'" . G   A 1 11 ? 10.41835  -3.83541  1.00705   1.000 90.52274  ? 16  G   V "C5'" 1 
ATOM   230  C "C4'" . G   A 1 11 ? 9.42571   -3.92315  2.14275   1.000 79.12514  ? 16  G   V "C4'" 1 
ATOM   231  O "O4'" . G   A 1 11 ? 9.08928   -2.59556  2.62154   1.000 90.01867  ? 16  G   V "O4'" 1 
ATOM   232  C "C3'" . G   A 1 11 ? 8.07526   -4.54681  1.82716   1.000 83.32128  ? 16  G   V "C3'" 1 
ATOM   233  O "O3'" . G   A 1 11 ? 8.11070   -5.96271  1.78576   1.000 93.94323  ? 16  G   V "O3'" 1 
ATOM   234  C "C2'" . G   A 1 11 ? 7.19332   -3.99619  2.94082   1.000 81.07398  ? 16  G   V "C2'" 1 
ATOM   235  O "O2'" . G   A 1 11 ? 7.40506   -4.71126  4.14935   1.000 87.44364  ? 16  G   V "O2'" 1 
ATOM   236  C "C1'" . G   A 1 11 ? 7.76183   -2.58548  3.10804   1.000 80.02331  ? 16  G   V "C1'" 1 
ATOM   237  N N9    . G   A 1 11 ? 6.97783   -1.58787  2.35749   1.000 61.17707  ? 16  G   V N9    1 
ATOM   238  C C8    . G   A 1 11 ? 7.29646   -0.97905  1.16816   1.000 71.18262  ? 16  G   V C8    1 
ATOM   239  N N7    . G   A 1 11 ? 6.37797   -0.14095  0.76465   1.000 72.89818  ? 16  G   V N7    1 
ATOM   240  C C5    . G   A 1 11 ? 5.39607   -0.20415  1.74466   1.000 62.29763  ? 16  G   V C5    1 
ATOM   241  C C6    . G   A 1 11 ? 4.15706   0.47921   1.85743   1.000 66.54655  ? 16  G   V C6    1 
ATOM   242  O O6    . G   A 1 11 ? 3.65909   1.30856   1.08689   1.000 77.31992  ? 16  G   V O6    1 
ATOM   243  N N1    . G   A 1 11 ? 3.47445   0.11293   3.01315   1.000 65.39443  ? 16  G   V N1    1 
ATOM   244  C C2    . G   A 1 11 ? 3.92216   -0.79365  3.94204   1.000 72.10645  ? 16  G   V C2    1 
ATOM   245  N N2    . G   A 1 11 ? 3.11829   -1.01420  4.99197   1.000 73.64153  ? 16  G   V N2    1 
ATOM   246  N N3    . G   A 1 11 ? 5.07402   -1.43661  3.84897   1.000 66.44460  ? 16  G   V N3    1 
ATOM   247  C C4    . G   A 1 11 ? 5.75238   -1.09483  2.73336   1.000 64.44602  ? 16  G   V C4    1 
ATOM   248  P P     . U   A 1 12 ? 7.06092   -6.77247  0.87617   1.000 90.11315  ? 17  U   V P     1 
ATOM   249  O OP1   . U   A 1 12 ? 7.49190   -8.19283  0.84879   1.000 97.36621  ? 17  U   V OP1   1 
ATOM   250  O OP2   . U   A 1 12 ? 6.89125   -6.03366  -0.40094  1.000 87.79311  ? 17  U   V OP2   1 
ATOM   251  O "O5'" . U   A 1 12 ? 5.68963   -6.68617  1.68584   1.000 81.39793  ? 17  U   V "O5'" 1 
ATOM   252  C "C5'" . U   A 1 12 ? 5.56348   -7.28399  2.97237   1.000 94.13008  ? 17  U   V "C5'" 1 
ATOM   253  C "C4'" . U   A 1 12 ? 4.33807   -6.79857  3.71067   1.000 97.77126  ? 17  U   V "C4'" 1 
ATOM   254  O "O4'" . U   A 1 12 ? 4.10537   -5.39712  3.39566   1.000 87.92371  ? 17  U   V "O4'" 1 
ATOM   255  C "C3'" . U   A 1 12 ? 3.03289   -7.52850  3.38667   1.000 100.21834 ? 17  U   V "C3'" 1 
ATOM   256  O "O3'" . U   A 1 12 ? 2.22602   -7.57905  4.56312   1.000 126.25667 ? 17  U   V "O3'" 1 
ATOM   257  C "C2'" . U   A 1 12 ? 2.37513   -6.59895  2.37369   1.000 85.39249  ? 17  U   V "C2'" 1 
ATOM   258  O "O2'" . U   A 1 12 ? 0.97179   -6.72859  2.28403   1.000 105.98798 ? 17  U   V "O2'" 1 
ATOM   259  C "C1'" . U   A 1 12 ? 2.78431   -5.23497  2.91704   1.000 77.27097  ? 17  U   V "C1'" 1 
ATOM   260  N N1    . U   A 1 12 ? 2.77055   -4.15071  1.92525   1.000 69.03397  ? 17  U   V N1    1 
ATOM   261  C C2    . U   A 1 12 ? 1.77065   -3.20672  2.05501   1.000 70.26343  ? 17  U   V C2    1 
ATOM   262  O O2    . U   A 1 12 ? 0.92862   -3.25648  2.93568   1.000 74.38243  ? 17  U   V O2    1 
ATOM   263  N N3    . U   A 1 12 ? 1.78958   -2.20635  1.11658   1.000 61.19054  ? 17  U   V N3    1 
ATOM   264  C C4    . U   A 1 12 ? 2.69265   -2.05973  0.08449   1.000 67.56879  ? 17  U   V C4    1 
ATOM   265  O O4    . U   A 1 12 ? 2.58036   -1.10279  -0.68393  1.000 78.93667  ? 17  U   V O4    1 
ATOM   266  C C5    . U   A 1 12 ? 3.69932   -3.07656  0.02082   1.000 81.30660  ? 17  U   V C5    1 
ATOM   267  C C6    . U   A 1 12 ? 3.70648   -4.06487  0.92201   1.000 73.94769  ? 17  U   V C6    1 
ATOM   268  P P     . U   A 1 13 ? 1.33501   -8.87555  4.89456   1.000 153.07101 ? 18  U   V P     1 
ATOM   269  O OP1   . U   A 1 13 ? -0.06105  -8.42189  5.12045   1.000 125.80233 ? 18  U   V OP1   1 
ATOM   270  O OP2   . U   A 1 13 ? 2.03794   -9.65124  5.94813   1.000 147.34270 ? 18  U   V OP2   1 
ATOM   271  O "O5'" . U   A 1 13 ? 1.36636   -9.73447  3.55305   1.000 151.79496 ? 18  U   V "O5'" 1 
ATOM   272  C "C5'" . U   A 1 13 ? 0.27481   -9.71554  2.64409   1.000 150.70325 ? 18  U   V "C5'" 1 
ATOM   273  C "C4'" . U   A 1 13 ? 0.53686   -10.60564 1.45542   1.000 156.13946 ? 18  U   V "C4'" 1 
ATOM   274  O "O4'" . U   A 1 13 ? 1.81743   -10.25740 0.86888   1.000 141.34473 ? 18  U   V "O4'" 1 
ATOM   275  C "C3'" . U   A 1 13 ? 0.65201   -12.09555 1.75054   1.000 174.74405 ? 18  U   V "C3'" 1 
ATOM   276  O "O3'" . U   A 1 13 ? -0.60810  -12.74156 1.81828   1.000 183.23597 ? 18  U   V "O3'" 1 
ATOM   277  C "C2'" . U   A 1 13 ? 1.52138   -12.59931 0.60585   1.000 167.40604 ? 18  U   V "C2'" 1 
ATOM   278  O "O2'" . U   A 1 13 ? 0.74941   -12.76619 -0.57426  1.000 154.13911 ? 18  U   V "O2'" 1 
ATOM   279  C "C1'" . U   A 1 13 ? 2.46849   -11.41794 0.39948   1.000 172.83405 ? 18  U   V "C1'" 1 
ATOM   280  N N1    . U   A 1 13 ? 3.73391   -11.58087 1.14919   1.000 191.27413 ? 18  U   V N1    1 
ATOM   281  C C2    . U   A 1 13 ? 4.72255   -12.36161 0.58303   1.000 193.62395 ? 18  U   V C2    1 
ATOM   282  O O2    . U   A 1 13 ? 4.59177   -12.91508 -0.49529  1.000 183.89436 ? 18  U   V O2    1 
ATOM   283  N N3    . U   A 1 13 ? 5.87097   -12.47015 1.32811   1.000 201.13493 ? 18  U   V N3    1 
ATOM   284  C C4    . U   A 1 13 ? 6.12380   -11.88919 2.55438   1.000 187.18892 ? 18  U   V C4    1 
ATOM   285  O O4    . U   A 1 13 ? 7.21002   -12.08091 3.10326   1.000 179.61866 ? 18  U   V O4    1 
ATOM   286  C C5    . U   A 1 13 ? 5.05080   -11.09615 3.07162   1.000 173.44226 ? 18  U   V C5    1 
ATOM   287  C C6    . U   A 1 13 ? 3.92098   -10.97220 2.36780   1.000 172.85245 ? 18  U   V C6    1 
ATOM   288  P P     . C   A 1 14 ? -1.19360  -13.26228 3.22197   1.000 191.14368 ? 19  C   V P     1 
ATOM   289  O OP1   . C   A 1 14 ? -2.33057  -14.17108 2.92612   1.000 194.71538 ? 19  C   V OP1   1 
ATOM   290  O OP2   . C   A 1 14 ? -1.40767  -12.08383 4.09943   1.000 179.26401 ? 19  C   V OP2   1 
ATOM   291  O "O5'" . C   A 1 14 ? -0.01915  -14.14186 3.84337   1.000 175.36470 ? 19  C   V "O5'" 1 
ATOM   292  C "C5'" . C   A 1 14 ? -0.29863  -15.11786 4.84317   1.000 171.33496 ? 19  C   V "C5'" 1 
ATOM   293  C "C4'" . C   A 1 14 ? 0.35176   -14.77773 6.16265   1.000 171.04470 ? 19  C   V "C4'" 1 
ATOM   294  O "O4'" . C   A 1 14 ? 1.69838   -15.32536 6.19256   1.000 175.18924 ? 19  C   V "O4'" 1 
ATOM   295  C "C3'" . C   A 1 14 ? 0.49047   -13.28500 6.45681   1.000 170.97933 ? 19  C   V "C3'" 1 
ATOM   296  O "O3'" . C   A 1 14 ? 0.33750   -13.05891 7.85801   1.000 150.47022 ? 19  C   V "O3'" 1 
ATOM   297  C "C2'" . C   A 1 14 ? 1.93234   -12.99594 6.04873   1.000 183.31172 ? 19  C   V "C2'" 1 
ATOM   298  O "O2'" . C   A 1 14 ? 2.50735   -11.87270 6.68240   1.000 174.96642 ? 19  C   V "O2'" 1 
ATOM   299  C "C1'" . C   A 1 14 ? 2.62876   -14.29208 6.45272   1.000 182.04042 ? 19  C   V "C1'" 1 
ATOM   300  N N1    . C   A 1 14 ? 3.85513   -14.57839 5.69362   1.000 189.73001 ? 19  C   V N1    1 
ATOM   301  C C2    . C   A 1 14 ? 5.06862   -14.67464 6.38068   1.000 190.83220 ? 19  C   V C2    1 
ATOM   302  O O2    . C   A 1 14 ? 5.07612   -14.51586 7.61169   1.000 174.75008 ? 19  C   V O2    1 
ATOM   303  N N3    . C   A 1 14 ? 6.20079   -14.93897 5.68896   1.000 192.68648 ? 19  C   V N3    1 
ATOM   304  C C4    . C   A 1 14 ? 6.15101   -15.10377 4.36678   1.000 187.95795 ? 19  C   V C4    1 
ATOM   305  N N4    . C   A 1 14 ? 7.29298   -15.36183 3.72394   1.000 182.37463 ? 19  C   V N4    1 
ATOM   306  C C5    . C   A 1 14 ? 4.92818   -15.01049 3.64109   1.000 178.84842 ? 19  C   V C5    1 
ATOM   307  C C6    . C   A 1 14 ? 3.81534   -14.74948 4.33787   1.000 178.63058 ? 19  C   V C6    1 
ATOM   308  P P     . A   A 1 15 ? -1.11062  -12.72692 8.47278   1.000 176.59197 ? 20  A   V P     1 
ATOM   309  O OP1   . A   A 1 15 ? -1.08326  -13.03824 9.92424   1.000 141.29765 ? 20  A   V OP1   1 
ATOM   310  O OP2   . A   A 1 15 ? -2.13228  -13.36277 7.60362   1.000 188.60626 ? 20  A   V OP2   1 
ATOM   311  O "O5'" . A   A 1 15 ? -1.24928  -11.14821 8.31449   1.000 137.98411 ? 20  A   V "O5'" 1 
ATOM   312  C "C5'" . A   A 1 15 ? -0.17395  -10.28447 8.64913   1.000 113.27141 ? 20  A   V "C5'" 1 
ATOM   313  C "C4'" . A   A 1 15 ? -0.57369  -9.27703  9.69759   1.000 97.59016  ? 20  A   V "C4'" 1 
ATOM   314  O "O4'" . A   A 1 15 ? 0.41924   -8.21742  9.74941   1.000 84.14755  ? 20  A   V "O4'" 1 
ATOM   315  C "C3'" . A   A 1 15 ? -1.88508  -8.54271  9.45367   1.000 95.38165  ? 20  A   V "C3'" 1 
ATOM   316  O "O3'" . A   A 1 15 ? -3.02600  -9.28084  9.85560   1.000 109.10280 ? 20  A   V "O3'" 1 
ATOM   317  C "C2'" . A   A 1 15 ? -1.68810  -7.25077  10.23111  1.000 88.48008  ? 20  A   V "C2'" 1 
ATOM   318  O "O2'" . A   A 1 15 ? -1.85049  -7.47494  11.62397  1.000 85.66154  ? 20  A   V "O2'" 1 
ATOM   319  C "C1'" . A   A 1 15 ? -0.21285  -6.97268  9.96017   1.000 78.05292  ? 20  A   V "C1'" 1 
ATOM   320  N N9    . A   A 1 15 ? -0.03413  -6.15771  8.74474   1.000 81.67457  ? 20  A   V N9    1 
ATOM   321  C C8    . A   A 1 15 ? 0.40649   -6.57861  7.51467   1.000 84.43591  ? 20  A   V C8    1 
ATOM   322  N N7    . A   A 1 15 ? 0.45848   -5.62450  6.61681   1.000 76.44020  ? 20  A   V N7    1 
ATOM   323  C C5    . A   A 1 15 ? 0.01810   -4.50051  7.30131   1.000 74.21520  ? 20  A   V C5    1 
ATOM   324  C C6    . A   A 1 15 ? -0.15861  -3.16257  6.90781   1.000 78.82251  ? 20  A   V C6    1 
ATOM   325  N N6    . A   A 1 15 ? 0.09735   -2.71241  5.67771   1.000 83.85868  ? 20  A   V N6    1 
ATOM   326  N N1    . A   A 1 15 ? -0.61417  -2.29047  7.83383   1.000 76.60894  ? 20  A   V N1    1 
ATOM   327  C C2    . A   A 1 15 ? -0.87087  -2.74261  9.06810   1.000 70.74984  ? 20  A   V C2    1 
ATOM   328  N N3    . A   A 1 15 ? -0.74492  -3.97383  9.55774   1.000 63.19304  ? 20  A   V N3    1 
ATOM   329  C C4    . A   A 1 15 ? -0.29038  -4.81458  8.61279   1.000 65.73365  ? 20  A   V C4    1 
ATOM   330  P P     . A   A 1 16 ? -4.44141  -9.03144  9.13516   1.000 94.11334  ? 21  A   V P     1 
ATOM   331  O OP1   . A   A 1 16 ? -5.41229  -10.01501 9.67815   1.000 101.98384 ? 21  A   V OP1   1 
ATOM   332  O OP2   . A   A 1 16 ? -4.20607  -8.96409  7.67038   1.000 103.59043 ? 21  A   V OP2   1 
ATOM   333  O "O5'" . A   A 1 16 ? -4.88311  -7.58396  9.63430   1.000 91.23426  ? 21  A   V "O5'" 1 
ATOM   334  C "C5'" . A   A 1 16 ? -5.19980  -7.34870  10.99854  1.000 83.62688  ? 21  A   V "C5'" 1 
ATOM   335  C "C4'" . A   A 1 16 ? -5.58009  -5.90902  11.23909  1.000 85.32605  ? 21  A   V "C4'" 1 
ATOM   336  O "O4'" . A   A 1 16 ? -4.48129  -5.04184  10.85699  1.000 78.85340  ? 21  A   V "O4'" 1 
ATOM   337  C "C3'" . A   A 1 16 ? -6.76020  -5.38472  10.43507  1.000 83.30441  ? 21  A   V "C3'" 1 
ATOM   338  O "O3'" . A   A 1 16 ? -8.01297  -5.73998  10.99447  1.000 97.25035  ? 21  A   V "O3'" 1 
ATOM   339  C "C2'" . A   A 1 16 ? -6.50780  -3.88303  10.41454  1.000 85.51598  ? 21  A   V "C2'" 1 
ATOM   340  O "O2'" . A   A 1 16 ? -6.90155  -3.29155  11.64375  1.000 94.95492  ? 21  A   V "O2'" 1 
ATOM   341  C "C1'" . A   A 1 16 ? -4.98275  -3.83433  10.32323  1.000 68.45039  ? 21  A   V "C1'" 1 
ATOM   342  N N9    . A   A 1 16 ? -4.51384  -3.70326  8.93119   1.000 70.22857  ? 21  A   V N9    1 
ATOM   343  C C8    . A   A 1 16 ? -3.85642  -4.63815  8.17062   1.000 76.82070  ? 21  A   V C8    1 
ATOM   344  N N7    . A   A 1 16 ? -3.56349  -4.22248  6.96197   1.000 88.38152  ? 21  A   V N7    1 
ATOM   345  C C5    . A   A 1 16 ? -4.06047  -2.92662  6.92514   1.000 71.80273  ? 21  A   V C5    1 
ATOM   346  C C6    . A   A 1 16 ? -4.06972  -1.94156  5.92124   1.000 74.85021  ? 21  A   V C6    1 
ATOM   347  N N6    . A   A 1 16 ? -3.54275  -2.11398  4.70626   1.000 84.30934  ? 21  A   V N6    1 
ATOM   348  N N1    . A   A 1 16 ? -4.64633  -0.75472  6.21099   1.000 73.69902  ? 21  A   V N1    1 
ATOM   349  C C2    . A   A 1 16 ? -5.17573  -0.57865  7.42728   1.000 78.09459  ? 21  A   V C2    1 
ATOM   350  N N3    . A   A 1 16 ? -5.22878  -1.42525  8.45329   1.000 79.25945  ? 21  A   V N3    1 
ATOM   351  C C4    . A   A 1 16 ? -4.64686  -2.59403  8.13275   1.000 70.67881  ? 21  A   V C4    1 
ATOM   352  P P     . C   A 1 17 ? -9.13052  -6.45599  10.08782  1.000 99.39372  ? 22  C   V P     1 
ATOM   353  O OP1   . C   A 1 17 ? -10.32838 -6.68825  10.93460  1.000 96.20144  ? 22  C   V OP1   1 
ATOM   354  O OP2   . C   A 1 17 ? -8.48912  -7.60010  9.39148   1.000 90.27854  ? 22  C   V OP2   1 
ATOM   355  O "O5'" . C   A 1 17 ? -9.50517  -5.36163  8.99156   1.000 96.05944  ? 22  C   V "O5'" 1 
ATOM   356  C "C5'" . C   A 1 17 ? -10.09363 -4.12390  9.36403   1.000 86.36522  ? 22  C   V "C5'" 1 
ATOM   357  C "C4'" . C   A 1 17 ? -9.95427  -3.09553  8.26958   1.000 83.87680  ? 22  C   V "C4'" 1 
ATOM   358  O "O4'" . C   A 1 17 ? -8.55002  -2.90132  7.95924   1.000 87.60687  ? 22  C   V "O4'" 1 
ATOM   359  C "C3'" . C   A 1 17 ? -10.58376 -3.45465  6.93163   1.000 84.86639  ? 22  C   V "C3'" 1 
ATOM   360  O "O3'" . C   A 1 17 ? -11.97812 -3.20049  6.89248   1.000 89.31847  ? 22  C   V "O3'" 1 
ATOM   361  C "C2'" . C   A 1 17 ? -9.78162  -2.61214  5.94779   1.000 85.68062  ? 22  C   V "C2'" 1 
ATOM   362  O "O2'" . C   A 1 17 ? -10.23469 -1.26604  5.95164   1.000 97.90822  ? 22  C   V "O2'" 1 
ATOM   363  C "C1'" . C   A 1 17 ? -8.38917  -2.65396  6.57842   1.000 82.43659  ? 22  C   V "C1'" 1 
ATOM   364  N N1    . C   A 1 17 ? -7.54540  -3.72656  6.00428   1.000 71.45868  ? 22  C   V N1    1 
ATOM   365  C C2    . C   A 1 17 ? -6.91274  -3.50526  4.77786   1.000 85.28887  ? 22  C   V C2    1 
ATOM   366  O O2    . C   A 1 17 ? -7.08118  -2.41845  4.20769   1.000 77.43919  ? 22  C   V O2    1 
ATOM   367  N N3    . C   A 1 17 ? -6.13636  -4.47726  4.24446   1.000 88.93933  ? 22  C   V N3    1 
ATOM   368  C C4    . C   A 1 17 ? -5.98062  -5.63332  4.89182   1.000 92.44734  ? 22  C   V C4    1 
ATOM   369  N N4    . C   A 1 17 ? -5.20626  -6.56558  4.33123   1.000 101.60131 ? 22  C   V N4    1 
ATOM   370  C C5    . C   A 1 17 ? -6.61331  -5.88413  6.14454   1.000 93.84227  ? 22  C   V C5    1 
ATOM   371  C C6    . C   A 1 17 ? -7.37839  -4.91379  6.66109   1.000 83.77531  ? 22  C   V C6    1 
ATOM   372  P P     . U   A 1 18 ? -12.88317 -3.80678  5.71031   1.000 97.90007  ? 23  U   V P     1 
ATOM   373  O OP1   . U   A 1 18 ? -12.25098 -3.45014  4.41476   1.000 89.37911  ? 23  U   V OP1   1 
ATOM   374  O OP2   . U   A 1 18 ? -14.29263 -3.41903  5.96897   1.000 89.73361  ? 23  U   V OP2   1 
ATOM   375  O "O5'" . U   A 1 18 ? -12.76522 -5.38423  5.89822   1.000 94.18747  ? 23  U   V "O5'" 1 
ATOM   376  C "C5'" . U   A 1 18 ? -13.29546 -6.02783  7.05269   1.000 84.59356  ? 23  U   V "C5'" 1 
ATOM   377  C "C4'" . U   A 1 18 ? -13.97090 -7.33039  6.70047   1.000 86.52436  ? 23  U   V "C4'" 1 
ATOM   378  O "O4'" . U   A 1 18 ? -15.17768 -7.04848  5.93975   1.000 95.38458  ? 23  U   V "O4'" 1 
ATOM   379  C "C3'" . U   A 1 18 ? -13.13932 -8.27882  5.83924   1.000 84.75589  ? 23  U   V "C3'" 1 
ATOM   380  O "O3'" . U   A 1 18 ? -13.46755 -9.62968  6.16421   1.000 91.13247  ? 23  U   V "O3'" 1 
ATOM   381  C "C2'" . U   A 1 18 ? -13.63137 -7.96523  4.43162   1.000 89.57730  ? 23  U   V "C2'" 1 
ATOM   382  O "O2'" . U   A 1 18 ? -13.43936 -9.00709  3.49837   1.000 91.33666  ? 23  U   V "O2'" 1 
ATOM   383  C "C1'" . U   A 1 18 ? -15.11172 -7.69635  4.68323   1.000 87.68392  ? 23  U   V "C1'" 1 
ATOM   384  N N1    . U   A 1 18 ? -15.74186 -6.82488  3.68119   1.000 94.43549  ? 23  U   V N1    1 
ATOM   385  C C2    . U   A 1 18 ? -16.66235 -7.39625  2.82316   1.000 93.45611  ? 23  U   V C2    1 
ATOM   386  O O2    . U   A 1 18 ? -16.96241 -8.57729  2.86711   1.000 107.04098 ? 23  U   V O2    1 
ATOM   387  N N3    . U   A 1 18 ? -17.21721 -6.53263  1.91073   1.000 94.63021  ? 23  U   V N3    1 
ATOM   388  C C4    . U   A 1 18 ? -16.95021 -5.18545  1.77460   1.000 95.63601  ? 23  U   V C4    1 
ATOM   389  O O4    . U   A 1 18 ? -17.53263 -4.53875  0.90157   1.000 94.26280  ? 23  U   V O4    1 
ATOM   390  C C5    . U   A 1 18 ? -15.98782 -4.67081  2.70012   1.000 111.48786 ? 23  U   V C5    1 
ATOM   391  C C6    . U   A 1 18 ? -15.43103 -5.48741  3.59951   1.000 106.55286 ? 23  U   V C6    1 
ATOM   392  P P     . C   A 1 19 ? -12.30268 -10.70362 6.43390   1.000 99.70027  ? 24  C   V P     1 
ATOM   393  O OP1   . C   A 1 19 ? -12.92738 -12.04823 6.51701   1.000 107.56040 ? 24  C   V OP1   1 
ATOM   394  O OP2   . C   A 1 19 ? -11.47448 -10.21051 7.56327   1.000 97.77691  ? 24  C   V OP2   1 
ATOM   395  O "O5'" . C   A 1 19 ? -11.40853 -10.64319 5.11693   1.000 86.84768  ? 24  C   V "O5'" 1 
ATOM   396  C "C5'" . C   A 1 19 ? -11.47557 -11.66547 4.12769   1.000 91.22319  ? 24  C   V "C5'" 1 
ATOM   397  C "C4'" . C   A 1 19 ? -10.14985 -11.82962 3.42605   1.000 102.12543 ? 24  C   V "C4'" 1 
ATOM   398  O "O4'" . C   A 1 19 ? -10.26146 -12.86716 2.41127   1.000 107.88327 ? 24  C   V "O4'" 1 
ATOM   399  C "C3'" . C   A 1 19 ? -9.63789  -10.58138 2.70697   1.000 121.52241 ? 24  C   V "C3'" 1 
ATOM   400  O "O3'" . C   A 1 19 ? -8.21536  -10.52242 2.80856   1.000 116.50134 ? 24  C   V "O3'" 1 
ATOM   401  C "C2'" . C   A 1 19 ? -10.03645 -10.84014 1.25719   1.000 133.58864 ? 24  C   V "C2'" 1 
ATOM   402  O "O2'" . C   A 1 19 ? -9.25358  -10.15507 0.30275   1.000 147.99958 ? 24  C   V "O2'" 1 
ATOM   403  C "C1'" . C   A 1 19 ? -9.85665  -12.35087 1.15797   1.000 123.40969 ? 24  C   V "C1'" 1 
ATOM   404  N N1    . C   A 1 19 ? -10.66115 -12.98622 0.10252   1.000 121.26198 ? 24  C   V N1    1 
ATOM   405  C C2    . C   A 1 19 ? -10.00256 -13.46109 -1.03501  1.000 135.14254 ? 24  C   V C2    1 
ATOM   406  O O2    . C   A 1 19 ? -8.77136  -13.32951 -1.11141  1.000 145.70336 ? 24  C   V O2    1 
ATOM   407  N N3    . C   A 1 19 ? -10.71782 -14.04764 -2.02195  1.000 151.72961 ? 24  C   V N3    1 
ATOM   408  C C4    . C   A 1 19 ? -12.04019 -14.16907 -1.90304  1.000 164.54905 ? 24  C   V C4    1 
ATOM   409  N N4    . C   A 1 19 ? -12.70590 -14.75556 -2.90142  1.000 176.31782 ? 24  C   V N4    1 
ATOM   410  C C5    . C   A 1 19 ? -12.73863 -13.69495 -0.75395  1.000 154.01350 ? 24  C   V C5    1 
ATOM   411  C C6    . C   A 1 19 ? -12.01778 -13.11523 0.21582   1.000 133.18955 ? 24  C   V C6    1 
ATOM   412  P P     . G   A 1 20 ? -7.45888  -9.10335  2.84284   1.000 105.25058 ? 25  G   V P     1 
ATOM   413  O OP1   . G   A 1 20 ? -6.52512  -9.05592  1.68952   1.000 104.30725 ? 25  G   V OP1   1 
ATOM   414  O OP2   . G   A 1 20 ? -6.93819  -8.89401  4.21765   1.000 105.75214 ? 25  G   V OP2   1 
ATOM   415  O "O5'" . G   A 1 20 ? -8.61017  -8.03436  2.57492   1.000 86.67949  ? 25  G   V "O5'" 1 
ATOM   416  C "C5'" . G   A 1 20 ? -9.35600  -7.46970  3.64386   1.000 86.17570  ? 25  G   V "C5'" 1 
ATOM   417  C "C4'" . G   A 1 20 ? -9.98139  -6.15708  3.24153   1.000 85.00930  ? 25  G   V "C4'" 1 
ATOM   418  O "O4'" . G   A 1 20 ? -8.95899  -5.13035  3.15552   1.000 99.75593  ? 25  G   V "O4'" 1 
ATOM   419  C "C3'" . G   A 1 20 ? -10.64820 -6.13183  1.87449   1.000 94.69866  ? 25  G   V "C3'" 1 
ATOM   420  O "O3'" . G   A 1 20 ? -11.95682 -6.67547  1.88811   1.000 95.59808  ? 25  G   V "O3'" 1 
ATOM   421  C "C2'" . G   A 1 20 ? -10.60297 -4.65437  1.50733   1.000 92.58036  ? 25  G   V "C2'" 1 
ATOM   422  O "O2'" . G   A 1 20 ? -11.63198 -3.93933  2.17491   1.000 100.18994 ? 25  G   V "O2'" 1 
ATOM   423  C "C1'" . G   A 1 20 ? -9.25942  -4.23538  2.10512   1.000 89.77012  ? 25  G   V "C1'" 1 
ATOM   424  N N9    . G   A 1 20 ? -8.16599  -4.29281  1.11623   1.000 77.12818  ? 25  G   V N9    1 
ATOM   425  C C8    . G   A 1 20 ? -7.08668  -5.14226  1.13881   1.000 82.08730  ? 25  G   V C8    1 
ATOM   426  N N7    . G   A 1 20 ? -6.27240  -4.96495  0.13502   1.000 79.96322  ? 25  G   V N7    1 
ATOM   427  C C5    . G   A 1 20 ? -6.84685  -3.93414  -0.59563  1.000 72.51913  ? 25  G   V C5    1 
ATOM   428  C C6    . G   A 1 20 ? -6.41399  -3.30691  -1.79254  1.000 76.40052  ? 25  G   V C6    1 
ATOM   429  O O6    . G   A 1 20 ? -5.40534  -3.54495  -2.46833  1.000 82.33677  ? 25  G   V O6    1 
ATOM   430  N N1    . G   A 1 20 ? -7.29405  -2.30641  -2.18985  1.000 67.99486  ? 25  G   V N1    1 
ATOM   431  C C2    . G   A 1 20 ? -8.44203  -1.95302  -1.52442  1.000 83.41688  ? 25  G   V C2    1 
ATOM   432  N N2    . G   A 1 20 ? -9.15933  -0.95962  -2.06975  1.000 81.47424  ? 25  G   V N2    1 
ATOM   433  N N3    . G   A 1 20 ? -8.85736  -2.52961  -0.40798  1.000 79.68042  ? 25  G   V N3    1 
ATOM   434  C C4    . G   A 1 20 ? -8.01600  -3.50471  -0.00213  1.000 77.63358  ? 25  G   V C4    1 
ATOM   435  P P     . U   A 1 21 ? -12.46501 -7.59601  0.67268   1.000 103.98574 ? 26  U   V P     1 
ATOM   436  O OP1   . U   A 1 21 ? -13.75107 -8.21742  1.07794   1.000 99.55655  ? 26  U   V OP1   1 
ATOM   437  O OP2   . U   A 1 21 ? -11.33779 -8.45650  0.23436   1.000 98.76221  ? 26  U   V OP2   1 
ATOM   438  O "O5'" . U   A 1 21 ? -12.77156 -6.55769  -0.49484  1.000 97.58888  ? 26  U   V "O5'" 1 
ATOM   439  C "C5'" . U   A 1 21 ? -13.75500 -5.54748  -0.32949  1.000 100.73316 ? 26  U   V "C5'" 1 
ATOM   440  C "C4'" . U   A 1 21 ? -13.71459 -4.54805  -1.45743  1.000 101.54673 ? 26  U   V "C4'" 1 
ATOM   441  O "O4'" . U   A 1 21 ? -12.45508 -3.82679  -1.43214  1.000 97.65805  ? 26  U   V "O4'" 1 
ATOM   442  C "C3'" . U   A 1 21 ? -13.77721 -5.12562  -2.86227  1.000 108.19258 ? 26  U   V "C3'" 1 
ATOM   443  O "O3'" . U   A 1 21 ? -15.09252 -5.45798  -3.26984  1.000 120.36649 ? 26  U   V "O3'" 1 
ATOM   444  C "C2'" . U   A 1 21 ? -13.13514 -4.02803  -3.69932  1.000 106.26970 ? 26  U   V "C2'" 1 
ATOM   445  O "O2'" . U   A 1 21 ? -14.05242 -2.96801  -3.92507  1.000 112.10795 ? 26  U   V "O2'" 1 
ATOM   446  C "C1'" . U   A 1 21 ? -12.04464 -3.52866  -2.75094  1.000 94.80973  ? 26  U   V "C1'" 1 
ATOM   447  N N1    . U   A 1 21 ? -10.74651 -4.19325  -3.00350  1.000 78.69781  ? 26  U   V N1    1 
ATOM   448  C C2    . U   A 1 21 ? -9.98792  -3.73364  -4.06283  1.000 82.57153  ? 26  U   V C2    1 
ATOM   449  O O2    . U   A 1 21 ? -10.34404 -2.81645  -4.78219  1.000 95.32425  ? 26  U   V O2    1 
ATOM   450  N N3    . U   A 1 21 ? -8.79547  -4.38799  -4.24928  1.000 72.93754  ? 26  U   V N3    1 
ATOM   451  C C4    . U   A 1 21 ? -8.29725  -5.43376  -3.49925  1.000 79.50120  ? 26  U   V C4    1 
ATOM   452  O O4    . U   A 1 21 ? -7.20354  -5.92015  -3.79114  1.000 87.22588  ? 26  U   V O4    1 
ATOM   453  C C5    . U   A 1 21 ? -9.14164  -5.85008  -2.42110  1.000 86.41191  ? 26  U   V C5    1 
ATOM   454  C C6    . U   A 1 21 ? -10.30962 -5.23200  -2.21519  1.000 82.91878  ? 26  U   V C6    1 
ATOM   455  P P     . U   A 1 22 ? -15.33301 -6.66327  -4.30450  1.000 116.97573 ? 27  U   V P     1 
ATOM   456  O OP1   . U   A 1 22 ? -16.79824 -6.85492  -4.45387  1.000 110.22763 ? 27  U   V OP1   1 
ATOM   457  O OP2   . U   A 1 22 ? -14.48323 -7.80598  -3.88431  1.000 118.03162 ? 27  U   V OP2   1 
ATOM   458  O "O5'" . U   A 1 22 ? -14.76728 -6.10222  -5.68428  1.000 104.45160 ? 27  U   V "O5'" 1 
ATOM   459  C "C5'" . U   A 1 22 ? -15.37633 -4.98586  -6.31545  1.000 102.75336 ? 27  U   V "C5'" 1 
ATOM   460  C "C4'" . U   A 1 22 ? -14.60238 -4.53175  -7.52845  1.000 102.09867 ? 27  U   V "C4'" 1 
ATOM   461  O "O4'" . U   A 1 22 ? -13.30165 -4.02706  -7.13154  1.000 111.38845 ? 27  U   V "O4'" 1 
ATOM   462  C "C3'" . U   A 1 22 ? -14.27758 -5.59668  -8.56277  1.000 116.05913 ? 27  U   V "C3'" 1 
ATOM   463  O "O3'" . U   A 1 22 ? -15.36945 -5.90068  -9.41253  1.000 118.20275 ? 27  U   V "O3'" 1 
ATOM   464  C "C2'" . U   A 1 22 ? -13.08777 -4.99022  -9.29552  1.000 115.83832 ? 27  U   V "C2'" 1 
ATOM   465  O "O2'" . U   A 1 22 ? -13.51911 -4.01036  -10.22840 1.000 109.85340 ? 27  U   V "O2'" 1 
ATOM   466  C "C1'" . U   A 1 22 ? -12.35796 -4.28092  -8.15281  1.000 100.97462 ? 27  U   V "C1'" 1 
ATOM   467  N N1    . U   A 1 22 ? -11.25733 -5.10345  -7.60165  1.000 88.28148  ? 27  U   V N1    1 
ATOM   468  C C2    . U   A 1 22 ? -10.04771 -5.05765  -8.26805  1.000 100.31672 ? 27  U   V C2    1 
ATOM   469  O O2    . U   A 1 22 ? -9.86854  -4.37662  -9.26378  1.000 109.46641 ? 27  U   V O2    1 
ATOM   470  N N3    . U   A 1 22 ? -9.05497  -5.83478  -7.72627  1.000 92.69125  ? 27  U   V N3    1 
ATOM   471  C C4    . U   A 1 22 ? -9.14902  -6.63853  -6.60918  1.000 89.33708  ? 27  U   V C4    1 
ATOM   472  O O4    . U   A 1 22 ? -8.16312  -7.28195  -6.24329  1.000 93.68889  ? 27  U   V O4    1 
ATOM   473  C C5    . U   A 1 22 ? -10.43400 -6.63344  -5.97688  1.000 89.04339  ? 27  U   V C5    1 
ATOM   474  C C6    . U   A 1 22 ? -11.42139 -5.88497  -6.48179  1.000 90.13858  ? 27  U   V C6    1 
ATOM   475  P P     . C   A 1 23 ? -15.38553 -7.27840  -10.24004 1.000 114.22706 ? 28  C   V P     1 
ATOM   476  O OP1   . C   A 1 23 ? -16.60650 -7.28891  -11.08602 1.000 110.04981 ? 28  C   V OP1   1 
ATOM   477  O OP2   . C   A 1 23 ? -15.14348 -8.39092  -9.28714  1.000 116.23429 ? 28  C   V OP2   1 
ATOM   478  O "O5'" . C   A 1 23 ? -14.12250 -7.16367  -11.20560 1.000 96.80421  ? 28  C   V "O5'" 1 
ATOM   479  C "C5'" . C   A 1 23 ? -14.07096 -6.16614  -12.21461 1.000 96.88231  ? 28  C   V "C5'" 1 
ATOM   480  C "C4'" . C   A 1 23 ? -12.74926 -6.16542  -12.94300 1.000 97.42942  ? 28  C   V "C4'" 1 
ATOM   481  O "O4'" . C   A 1 23 ? -11.67242 -5.83839  -12.02746 1.000 99.84409  ? 28  C   V "O4'" 1 
ATOM   482  C "C3'" . C   A 1 23 ? -12.31164 -7.48414  -13.55959 1.000 108.55460 ? 28  C   V "C3'" 1 
ATOM   483  O "O3'" . C   A 1 23 ? -12.95695 -7.76830  -14.78845 1.000 133.57725 ? 28  C   V "O3'" 1 
ATOM   484  C "C2'" . C   A 1 23 ? -10.80562 -7.29921  -13.69254 1.000 110.69114 ? 28  C   V "C2'" 1 
ATOM   485  O "O2'" . C   A 1 23 ? -10.49692 -6.49577  -14.82196 1.000 99.03427  ? 28  C   V "O2'" 1 
ATOM   486  C "C1'" . C   A 1 23 ? -10.48732 -6.49672  -12.42905 1.000 102.82618 ? 28  C   V "C1'" 1 
ATOM   487  N N1    . C   A 1 23 ? -10.01440 -7.36319  -11.32576 1.000 94.80384  ? 28  C   V N1    1 
ATOM   488  C C2    . C   A 1 23 ? -8.67427  -7.75988  -11.33293 1.000 99.32740  ? 28  C   V C2    1 
ATOM   489  O O2    . C   A 1 23 ? -7.94148  -7.37057  -12.25464 1.000 94.59792  ? 28  C   V O2    1 
ATOM   490  N N3    . C   A 1 23 ? -8.21132  -8.55310  -10.33959 1.000 99.67014  ? 28  C   V N3    1 
ATOM   491  C C4    . C   A 1 23 ? -9.03326  -8.94867  -9.36670  1.000 101.71889 ? 28  C   V C4    1 
ATOM   492  N N4    . C   A 1 23 ? -8.53271  -9.73047  -8.40727  1.000 111.78676 ? 28  C   V N4    1 
ATOM   493  C C5    . C   A 1 23 ? -10.40481 -8.56047  -9.33585  1.000 101.72240 ? 28  C   V C5    1 
ATOM   494  C C6    . C   A 1 23 ? -10.85083 -7.77417  -10.32540 1.000 95.52851  ? 28  C   V C6    1 
ATOM   495  P P     . C   A 1 24 ? -12.93908 -9.26292  -15.37913 1.000 125.65854 ? 29  C   V P     1 
ATOM   496  O OP1   . C   A 1 24 ? -13.73436 -9.27094  -16.63289 1.000 124.18985 ? 29  C   V OP1   1 
ATOM   497  O OP2   . C   A 1 24 ? -13.29320 -10.19577 -14.27881 1.000 107.35333 ? 29  C   V OP2   1 
ATOM   498  O "O5'" . C   A 1 24 ? -11.41212 -9.50775  -15.76379 1.000 92.83257  ? 29  C   V "O5'" 1 
ATOM   499  C "C5'" . C   A 1 24 ? -10.77851 -8.72435  -16.76462 1.000 87.70352  ? 29  C   V "C5'" 1 
ATOM   500  C "C4'" . C   A 1 24 ? -9.32021  -9.08158  -16.91175 1.000 98.33789  ? 29  C   V "C4'" 1 
ATOM   501  O "O4'" . C   A 1 24 ? -8.60013  -8.73182  -15.70070 1.000 106.41225 ? 29  C   V "O4'" 1 
ATOM   502  C "C3'" . C   A 1 24 ? -9.00854  -10.55684 -17.10988 1.000 93.03101  ? 29  C   V "C3'" 1 
ATOM   503  O "O3'" . C   A 1 24 ? -9.19963  -10.99441 -18.44366 1.000 103.88315 ? 29  C   V "O3'" 1 
ATOM   504  C "C2'" . C   A 1 24 ? -7.56610  -10.65600 -16.63393 1.000 99.70249  ? 29  C   V "C2'" 1 
ATOM   505  O "O2'" . C   A 1 24 ? -6.67523  -10.17029 -17.62719 1.000 100.16753 ? 29  C   V "O2'" 1 
ATOM   506  C "C1'" . C   A 1 24 ? -7.56942  -9.66978  -15.46609 1.000 101.34486 ? 29  C   V "C1'" 1 
ATOM   507  N N1    . C   A 1 24 ? -7.82866  -10.34531 -14.17495 1.000 102.43117 ? 29  C   V N1    1 
ATOM   508  C C2    . C   A 1 24 ? -6.78757  -11.05167 -13.56647 1.000 92.24535  ? 29  C   V C2    1 
ATOM   509  O O2    . C   A 1 24 ? -5.68231  -11.08992 -14.12761 1.000 89.00619  ? 29  C   V O2    1 
ATOM   510  N N3    . C   A 1 24 ? -7.01124  -11.67413 -12.38603 1.000 92.15538  ? 29  C   V N3    1 
ATOM   511  C C4    . C   A 1 24 ? -8.21587  -11.60835 -11.81628 1.000 103.90563 ? 29  C   V C4    1 
ATOM   512  N N4    . C   A 1 24 ? -8.39219  -12.23651 -10.65174 1.000 91.37085  ? 29  C   V N4    1 
ATOM   513  C C5    . C   A 1 24 ? -9.29521  -10.89534 -12.41472 1.000 110.40216 ? 29  C   V C5    1 
ATOM   514  C C6    . C   A 1 24 ? -9.05947  -10.28418 -13.58291 1.000 106.59794 ? 29  C   V C6    1 
ATOM   515  P P     . U   A 1 25 ? -9.47127  -12.54844 -18.74849 1.000 109.09885 ? 30  U   V P     1 
ATOM   516  O OP1   . U   A 1 25 ? -9.84682  -12.67842 -20.17880 1.000 110.80111 ? 30  U   V OP1   1 
ATOM   517  O OP2   . U   A 1 25 ? -10.38500 -13.06843 -17.69960 1.000 90.94489  ? 30  U   V OP2   1 
ATOM   518  O "O5'" . U   A 1 25 ? -8.04611  -13.23291 -18.55343 1.000 93.83455  ? 30  U   V "O5'" 1 
ATOM   519  C "C5'" . U   A 1 25 ? -6.93818  -12.84482 -19.35229 1.000 77.30602  ? 30  U   V "C5'" 1 
ATOM   520  C "C4'" . U   A 1 25 ? -5.69059  -13.60552 -18.97960 1.000 86.49562  ? 30  U   V "C4'" 1 
ATOM   521  O "O4'" . U   A 1 25 ? -5.24654  -13.20880 -17.65662 1.000 94.71236  ? 30  U   V "O4'" 1 
ATOM   522  C "C3'" . U   A 1 25 ? -5.83442  -15.11607 -18.88122 1.000 87.28052  ? 30  U   V "C3'" 1 
ATOM   523  O "O3'" . U   A 1 25 ? -5.79015  -15.76286 -20.14057 1.000 92.32456  ? 30  U   V "O3'" 1 
ATOM   524  C "C2'" . U   A 1 25 ? -4.68755  -15.49900 -17.95648 1.000 95.82802  ? 30  U   V "C2'" 1 
ATOM   525  O "O2'" . U   A 1 25 ? -3.45656  -15.51227 -18.66353 1.000 90.40098  ? 30  U   V "O2'" 1 
ATOM   526  C "C1'" . U   A 1 25 ? -4.67472  -14.31506 -16.98913 1.000 89.84627  ? 30  U   V "C1'" 1 
ATOM   527  N N1    . U   A 1 25 ? -5.46282  -14.58951 -15.76699 1.000 84.94216  ? 30  U   V N1    1 
ATOM   528  C C2    . U   A 1 25 ? -4.86662  -15.34834 -14.77863 1.000 81.58974  ? 30  U   V C2    1 
ATOM   529  O O2    . U   A 1 25 ? -3.73547  -15.79191 -14.87928 1.000 81.30902  ? 30  U   V O2    1 
ATOM   530  N N3    . U   A 1 25 ? -5.64415  -15.56978 -13.66900 1.000 77.91639  ? 30  U   V N3    1 
ATOM   531  C C4    . U   A 1 25 ? -6.92943  -15.11676 -13.45363 1.000 85.45298  ? 30  U   V C4    1 
ATOM   532  O O4    . U   A 1 25 ? -7.50255  -15.39926 -12.40001 1.000 85.92672  ? 30  U   V O4    1 
ATOM   533  C C5    . U   A 1 25 ? -7.47555  -14.33855 -14.52299 1.000 79.84378  ? 30  U   V C5    1 
ATOM   534  C C6    . U   A 1 25 ? -6.74135  -14.10730 -15.61589 1.000 87.27793  ? 30  U   V C6    1 
ATOM   535  P P     . C   A 1 26 ? -6.55601  -17.15888 -20.35243 1.000 101.41829 ? 31  C   V P     1 
ATOM   536  O OP1   . C   A 1 26 ? -6.31943  -17.60630 -21.74828 1.000 105.87539 ? 31  C   V OP1   1 
ATOM   537  O OP2   . C   A 1 26 ? -7.94707  -16.99702 -19.85794 1.000 85.42409  ? 31  C   V OP2   1 
ATOM   538  O "O5'" . C   A 1 26 ? -5.79228  -18.16592 -19.38252 1.000 92.68084  ? 31  C   V "O5'" 1 
ATOM   539  C "C5'" . C   A 1 26 ? -4.42883  -18.49470 -19.60457 1.000 85.90341  ? 31  C   V "C5'" 1 
ATOM   540  C "C4'" . C   A 1 26 ? -3.95327  -19.56510 -18.65468 1.000 84.71138  ? 31  C   V "C4'" 1 
ATOM   541  O "O4'" . C   A 1 26 ? -3.76299  -19.00462 -17.32959 1.000 89.42870  ? 31  C   V "O4'" 1 
ATOM   542  C "C3'" . C   A 1 26 ? -4.90646  -20.72628 -18.42507 1.000 92.56715  ? 31  C   V "C3'" 1 
ATOM   543  O "O3'" . C   A 1 26 ? -4.87785  -21.68926 -19.46306 1.000 94.78006  ? 31  C   V "O3'" 1 
ATOM   544  C "C2'" . C   A 1 26 ? -4.44996  -21.26455 -17.07629 1.000 96.78920  ? 31  C   V "C2'" 1 
ATOM   545  O "O2'" . C   A 1 26 ? -3.27335  -22.04611 -17.22066 1.000 98.73869  ? 31  C   V "O2'" 1 
ATOM   546  C "C1'" . C   A 1 26 ? -4.08291  -19.97097 -16.34879 1.000 79.86215  ? 31  C   V "C1'" 1 
ATOM   547  N N1    . C   A 1 26 ? -5.20594  -19.46243 -15.53004 1.000 73.29694  ? 31  C   V N1    1 
ATOM   548  C C2    . C   A 1 26 ? -5.38531  -19.98258 -14.24594 1.000 77.17127  ? 31  C   V C2    1 
ATOM   549  O O2    . C   A 1 26 ? -4.59775  -20.84794 -13.83579 1.000 81.68296  ? 31  C   V O2    1 
ATOM   550  N N3    . C   A 1 26 ? -6.40747  -19.53007 -13.48424 1.000 65.58783  ? 31  C   V N3    1 
ATOM   551  C C4    . C   A 1 26 ? -7.23237  -18.59848 -13.96421 1.000 76.69127  ? 31  C   V C4    1 
ATOM   552  N N4    . C   A 1 26 ? -8.22833  -18.18059 -13.18017 1.000 81.78401  ? 31  C   V N4    1 
ATOM   553  C C5    . C   A 1 26 ? -7.07433  -18.05271 -15.27121 1.000 75.59616  ? 31  C   V C5    1 
ATOM   554  C C6    . C   A 1 26 ? -6.05789  -18.50964 -16.01386 1.000 71.44684  ? 31  C   V C6    1 
ATOM   555  P P     . G   A 1 27 ? -6.21120  -22.50625 -19.83121 1.000 97.88242  ? 32  G   V P     1 
ATOM   556  O OP1   . G   A 1 27 ? -5.86347  -23.52386 -20.85472 1.000 99.93807  ? 32  G   V OP1   1 
ATOM   557  O OP2   . G   A 1 27 ? -7.28919  -21.52264 -20.10579 1.000 94.68090  ? 32  G   V OP2   1 
ATOM   558  O "O5'" . G   A 1 27 ? -6.57420  -23.27225 -18.48288 1.000 92.35405  ? 32  G   V "O5'" 1 
ATOM   559  C "C5'" . G   A 1 27 ? -5.67223  -24.21174 -17.91871 1.000 78.99347  ? 32  G   V "C5'" 1 
ATOM   560  C "C4'" . G   A 1 27 ? -6.19184  -24.77232 -16.61918 1.000 87.54536  ? 32  G   V "C4'" 1 
ATOM   561  O "O4'" . G   A 1 27 ? -6.10544  -23.76900 -15.57275 1.000 69.58331  ? 32  G   V "O4'" 1 
ATOM   562  C "C3'" . G   A 1 27 ? -7.65407  -25.18341 -16.60254 1.000 79.79346  ? 32  G   V "C3'" 1 
ATOM   563  O "O3'" . G   A 1 27 ? -7.89942  -26.43538 -17.21722 1.000 87.03904  ? 32  G   V "O3'" 1 
ATOM   564  C "C2'" . G   A 1 27 ? -7.98051  -25.15037 -15.11713 1.000 87.40008  ? 32  G   V "C2'" 1 
ATOM   565  O "O2'" . G   A 1 27 ? -7.44175  -26.29018 -14.46291 1.000 90.63850  ? 32  G   V "O2'" 1 
ATOM   566  C "C1'" . G   A 1 27 ? -7.18566  -23.92258 -14.67297 1.000 71.73291  ? 32  G   V "C1'" 1 
ATOM   567  N N9    . G   A 1 27 ? -8.01073  -22.69967 -14.70935 1.000 67.79254  ? 32  G   V N9    1 
ATOM   568  C C8    . G   A 1 27 ? -8.05653  -21.74804 -15.70017 1.000 77.04609  ? 32  G   V C8    1 
ATOM   569  N N7    . G   A 1 27 ? -8.89705  -20.78184 -15.44485 1.000 77.13507  ? 32  G   V N7    1 
ATOM   570  C C5    . G   A 1 27 ? -9.44278  -21.11566 -14.21272 1.000 72.37979  ? 32  G   V C5    1 
ATOM   571  C C6    . G   A 1 27 ? -10.41397 -20.44681 -13.42165 1.000 85.15972  ? 32  G   V C6    1 
ATOM   572  O O6    . G   A 1 27 ? -11.00685 -19.38796 -13.65841 1.000 100.90914 ? 32  G   V O6    1 
ATOM   573  N N1    . G   A 1 27 ? -10.67603 -21.13710 -12.24191 1.000 83.73430  ? 32  G   V N1    1 
ATOM   574  C C2    . G   A 1 27 ? -10.08308 -22.31833 -11.86921 1.000 75.56920  ? 32  G   V C2    1 
ATOM   575  N N2    . G   A 1 27 ? -10.46967 -22.83012 -10.69167 1.000 69.66753  ? 32  G   V N2    1 
ATOM   576  N N3    . G   A 1 27 ? -9.17806  -22.95063 -12.59724 1.000 79.84567  ? 32  G   V N3    1 
ATOM   577  C C4    . G   A 1 27 ? -8.90771  -22.29857 -13.74774 1.000 71.60140  ? 32  G   V C4    1 
ATOM   578  P P     . A   A 1 28 ? -9.27382  -26.66922 -18.01632 1.000 93.87016  ? 33  A   V P     1 
ATOM   579  O OP1   . A   A 1 28 ? -9.48768  -28.13128 -18.16029 1.000 88.76635  ? 33  A   V OP1   1 
ATOM   580  O OP2   . A   A 1 28 ? -9.25115  -25.80919 -19.22854 1.000 108.75766 ? 33  A   V OP2   1 
ATOM   581  O "O5'" . A   A 1 28 ? -10.38611 -26.10310 -17.02520 1.000 96.48321  ? 33  A   V "O5'" 1 
ATOM   582  C "C5'" . A   A 1 28 ? -11.75184 -26.04822 -17.40971 1.000 83.60157  ? 33  A   V "C5'" 1 
ATOM   583  C "C4'" . A   A 1 28 ? -12.61371 -26.88360 -16.49628 1.000 72.06261  ? 33  A   V "C4'" 1 
ATOM   584  O "O4'" . A   A 1 28 ? -12.18845 -28.26809 -16.56155 1.000 81.57765  ? 33  A   V "O4'" 1 
ATOM   585  C "C3'" . A   A 1 28 ? -12.55072 -26.53941 -15.01436 1.000 87.21441  ? 33  A   V "C3'" 1 
ATOM   586  O "O3'" . A   A 1 28 ? -13.40982 -25.46363 -14.67195 1.000 100.48971 ? 33  A   V "O3'" 1 
ATOM   587  C "C2'" . A   A 1 28 ? -12.94362 -27.85149 -14.34351 1.000 76.99186  ? 33  A   V "C2'" 1 
ATOM   588  O "O2'" . A   A 1 28 ? -14.35508 -28.00424 -14.33012 1.000 89.85874  ? 33  A   V "O2'" 1 
ATOM   589  C "C1'" . A   A 1 28 ? -12.35468 -28.88628 -15.30494 1.000 75.91772  ? 33  A   V "C1'" 1 
ATOM   590  N N9    . A   A 1 28 ? -11.04949 -29.40706 -14.85495 1.000 71.26181  ? 33  A   V N9    1 
ATOM   591  C C8    . A   A 1 28 ? -9.83975  -29.30969 -15.49600 1.000 73.82766  ? 33  A   V C8    1 
ATOM   592  N N7    . A   A 1 28 ? -8.85229  -29.88435 -14.85402 1.000 77.54737  ? 33  A   V N7    1 
ATOM   593  C C5    . A   A 1 28 ? -9.45313  -30.40159 -13.71520 1.000 67.69383  ? 33  A   V C5    1 
ATOM   594  C C6    . A   A 1 28 ? -8.94416  -31.12854 -12.62457 1.000 74.45158  ? 33  A   V C6    1 
ATOM   595  N N6    . A   A 1 28 ? -7.66067  -31.47368 -12.49741 1.000 82.75258  ? 33  A   V N6    1 
ATOM   596  N N1    . A   A 1 28 ? -9.81158  -31.49234 -11.65501 1.000 70.13090  ? 33  A   V N1    1 
ATOM   597  C C2    . A   A 1 28 ? -11.09872 -31.14529 -11.78230 1.000 76.95291  ? 33  A   V C2    1 
ATOM   598  N N3    . A   A 1 28 ? -11.69627 -30.46509 -12.75809 1.000 75.70934  ? 33  A   V N3    1 
ATOM   599  C C4    . A   A 1 28 ? -10.80749 -30.11856 -13.70500 1.000 69.67473  ? 33  A   V C4    1 
ATOM   600  P P     . A   A 1 29 ? -12.83438 -24.12542 -13.98982 1.000 82.42510  ? 34  A   V P     1 
ATOM   601  O OP1   . A   A 1 29 ? -13.77854 -23.02789 -14.31949 1.000 86.49264  ? 34  A   V OP1   1 
ATOM   602  O OP2   . A   A 1 29 ? -11.39933 -23.98505 -14.34739 1.000 82.73105  ? 34  A   V OP2   1 
ATOM   603  O "O5'" . A   A 1 29 ? -12.92993 -24.40713 -12.42302 1.000 66.82456  ? 34  A   V "O5'" 1 
ATOM   604  C "C5'" . A   A 1 29 ? -14.17568 -24.68988 -11.79987 1.000 77.62260  ? 34  A   V "C5'" 1 
ATOM   605  C "C4'" . A   A 1 29 ? -14.01391 -25.69223 -10.68435 1.000 74.49498  ? 34  A   V "C4'" 1 
ATOM   606  O "O4'" . A   A 1 29 ? -13.40035 -26.89682 -11.20928 1.000 86.87935  ? 34  A   V "O4'" 1 
ATOM   607  C "C3'" . A   A 1 29 ? -13.10507 -25.26744 -9.53751  1.000 80.10567  ? 34  A   V "C3'" 1 
ATOM   608  O "O3'" . A   A 1 29 ? -13.79152 -24.49586 -8.56551  1.000 83.05576  ? 34  A   V "O3'" 1 
ATOM   609  C "C2'" . A   A 1 29 ? -12.58834 -26.59542 -8.99684  1.000 81.47542  ? 34  A   V "C2'" 1 
ATOM   610  O "O2'" . A   A 1 29 ? -13.54150 -27.19365 -8.13099  1.000 86.49361  ? 34  A   V "O2'" 1 
ATOM   611  C "C1'" . A   A 1 29 ? -12.49604 -27.43440 -10.27130 1.000 70.91311  ? 34  A   V "C1'" 1 
ATOM   612  N N9    . A   A 1 29 ? -11.14843 -27.39987 -10.86647 1.000 75.23599  ? 34  A   V N9    1 
ATOM   613  C C8    . A   A 1 29 ? -10.73189 -26.62986 -11.92303 1.000 80.28956  ? 34  A   V C8    1 
ATOM   614  N N7    . A   A 1 29 ? -9.47432  -26.80842 -12.24124 1.000 80.61455  ? 34  A   V N7    1 
ATOM   615  C C5    . A   A 1 29 ? -9.03581  -27.76239 -11.33352 1.000 68.69209  ? 34  A   V C5    1 
ATOM   616  C C6    . A   A 1 29 ? -7.78876  -28.38017 -11.14542 1.000 71.41349  ? 34  A   V C6    1 
ATOM   617  N N6    . A   A 1 29 ? -6.71497  -28.11577 -11.89318 1.000 65.26089  ? 34  A   V N6    1 
ATOM   618  N N1    . A   A 1 29 ? -7.68068  -29.28882 -10.15175 1.000 70.47163  ? 34  A   V N1    1 
ATOM   619  C C2    . A   A 1 29 ? -8.75970  -29.55095 -9.40297  1.000 75.71617  ? 34  A   V C2    1 
ATOM   620  N N3    . A   A 1 29 ? -9.98516  -29.03623 -9.48240  1.000 78.50969  ? 34  A   V N3    1 
ATOM   621  C C4    . A   A 1 29 ? -10.05655 -28.13716 -10.47961 1.000 70.12707  ? 34  A   V C4    1 
ATOM   622  P P     . A   A 1 30 ? -13.04460 -23.31937 -7.76343  1.000 86.47941  ? 35  A   V P     1 
ATOM   623  O OP1   . A   A 1 30 ? -14.06150 -22.64279 -6.91891  1.000 76.60813  ? 35  A   V OP1   1 
ATOM   624  O OP2   . A   A 1 30 ? -12.24655 -22.51829 -8.72704  1.000 77.41301  ? 35  A   V OP2   1 
ATOM   625  O "O5'" . A   A 1 30 ? -12.04052 -24.08415 -6.79174  1.000 77.62105  ? 35  A   V "O5'" 1 
ATOM   626  C "C5'" . A   A 1 30 ? -12.52108 -24.92472 -5.75242  1.000 71.23641  ? 35  A   V "C5'" 1 
ATOM   627  C "C4'" . A   A 1 30 ? -11.40936 -25.76515 -5.17941  1.000 78.75895  ? 35  A   V "C4'" 1 
ATOM   628  O "O4'" . A   A 1 30 ? -10.88869 -26.64056 -6.21412  1.000 84.56359  ? 35  A   V "O4'" 1 
ATOM   629  C "C3'" . A   A 1 30 ? -10.19079 -24.99468 -4.69216  1.000 83.16002  ? 35  A   V "C3'" 1 
ATOM   630  O "O3'" . A   A 1 30 ? -10.34170 -24.48710 -3.37828  1.000 77.98629  ? 35  A   V "O3'" 1 
ATOM   631  C "C2'" . A   A 1 30 ? -9.06959  -26.01425 -4.82996  1.000 82.01645  ? 35  A   V "C2'" 1 
ATOM   632  O "O2'" . A   A 1 30 ? -9.09431  -26.94056 -3.75416  1.000 84.55585  ? 35  A   V "O2'" 1 
ATOM   633  C "C1'" . A   A 1 30 ? -9.48535  -26.73960 -6.10699  1.000 69.97237  ? 35  A   V "C1'" 1 
ATOM   634  N N9    . A   A 1 30 ? -8.89710  -26.10465 -7.29848  1.000 72.60070  ? 35  A   V N9    1 
ATOM   635  C C8    . A   A 1 30 ? -9.41026  -25.04487 -8.00240  1.000 75.85950  ? 35  A   V C8    1 
ATOM   636  N N7    . A   A 1 30 ? -8.67063  -24.67813 -9.01790  1.000 78.11159  ? 35  A   V N7    1 
ATOM   637  C C5    . A   A 1 30 ? -7.59578  -25.55389 -8.97624  1.000 58.31133  ? 35  A   V C5    1 
ATOM   638  C C6    . A   A 1 30 ? -6.45765  -25.68492 -9.78882  1.000 60.51463  ? 35  A   V C6    1 
ATOM   639  N N6    . A   A 1 30 ? -6.20801  -24.90312 -10.84157 1.000 65.49206  ? 35  A   V N6    1 
ATOM   640  N N1    . A   A 1 30 ? -5.57622  -26.66069 -9.47837  1.000 72.18522  ? 35  A   V N1    1 
ATOM   641  C C2    . A   A 1 30 ? -5.83025  -27.44376 -8.42114  1.000 66.76831  ? 35  A   V C2    1 
ATOM   642  N N3    . A   A 1 30 ? -6.86347  -27.41833 -7.58183  1.000 71.90047  ? 35  A   V N3    1 
ATOM   643  C C4    . A   A 1 30 ? -7.71893  -26.43798 -7.91885  1.000 68.88806  ? 35  A   V C4    1 
ATOM   644  P P     . G   A 1 31 ? -9.34653  -23.34635 -2.84132  1.000 93.06563  ? 37  G   V P     1 
ATOM   645  O OP1   . G   A 1 31 ? -9.56473  -23.19122 -1.38072  1.000 95.47083  ? 37  G   V OP1   1 
ATOM   646  O OP2   . G   A 1 31 ? -9.47513  -22.16597 -3.73309  1.000 82.28166  ? 37  G   V OP2   1 
ATOM   647  O "O5'" . G   A 1 31 ? -7.89818  -23.97164 -3.06106  1.000 85.00759  ? 37  G   V "O5'" 1 
ATOM   648  C "C5'" . G   A 1 31 ? -6.75474  -23.13818 -3.17096  1.000 85.14410  ? 37  G   V "C5'" 1 
ATOM   649  C "C4'" . G   A 1 31 ? -5.81087  -23.63859 -4.23420  1.000 69.87999  ? 37  G   V "C4'" 1 
ATOM   650  O "O4'" . G   A 1 31 ? -6.56749  -24.06715 -5.39703  1.000 81.10026  ? 37  G   V "O4'" 1 
ATOM   651  C "C3'" . G   A 1 31 ? -4.83056  -22.61462 -4.78557  1.000 74.48488  ? 37  G   V "C3'" 1 
ATOM   652  O "O3'" . G   A 1 31 ? -3.69365  -22.43463 -3.95981  1.000 76.02926  ? 37  G   V "O3'" 1 
ATOM   653  C "C2'" . G   A 1 31 ? -4.50844  -23.17328 -6.16416  1.000 70.73251  ? 37  G   V "C2'" 1 
ATOM   654  O "O2'" . G   A 1 31 ? -3.58718  -24.24945 -6.06594  1.000 83.44011  ? 37  G   V "O2'" 1 
ATOM   655  C "C1'" . G   A 1 31 ? -5.86615  -23.73859 -6.57757  1.000 62.97090  ? 37  G   V "C1'" 1 
ATOM   656  N N9    . G   A 1 31 ? -6.66656  -22.75152 -7.32502  1.000 64.71501  ? 37  G   V N9    1 
ATOM   657  C C8    . G   A 1 31 ? -7.85247  -22.18903 -6.91990  1.000 70.47587  ? 37  G   V C8    1 
ATOM   658  N N7    . G   A 1 31 ? -8.34031  -21.34360 -7.78551  1.000 77.01676  ? 37  G   V N7    1 
ATOM   659  C C5    . G   A 1 31 ? -7.42141  -21.34794 -8.82582  1.000 69.17141  ? 37  G   V C5    1 
ATOM   660  C C6    . G   A 1 31 ? -7.41748  -20.62429 -10.04664 1.000 70.34974  ? 37  G   V C6    1 
ATOM   661  O O6    . G   A 1 31 ? -8.25024  -19.81106 -10.46495 1.000 79.66510  ? 37  G   V O6    1 
ATOM   662  N N1    . G   A 1 31 ? -6.29752  -20.92650 -10.81423 1.000 70.27102  ? 37  G   V N1    1 
ATOM   663  C C2    . G   A 1 31 ? -5.30880  -21.80998 -10.45579 1.000 68.57079  ? 37  G   V C2    1 
ATOM   664  N N2    . G   A 1 31 ? -4.30894  -21.96441 -11.33487 1.000 79.34261  ? 37  G   V N2    1 
ATOM   665  N N3    . G   A 1 31 ? -5.30090  -22.49098 -9.32045  1.000 59.56971  ? 37  G   V N3    1 
ATOM   666  C C4    . G   A 1 31 ? -6.38080  -22.21364 -8.55839  1.000 60.50100  ? 37  G   V C4    1 
ATOM   667  P P     . A   A 1 32 ? -3.05277  -20.97251 -3.77445  1.000 80.64708  ? 38  A   V P     1 
ATOM   668  O OP1   . A   A 1 32 ? -2.02240  -21.06446 -2.70902  1.000 76.88615  ? 38  A   V OP1   1 
ATOM   669  O OP2   . A   A 1 32 ? -4.15823  -19.98856 -3.64158  1.000 73.08889  ? 38  A   V OP2   1 
ATOM   670  O "O5'" . A   A 1 32 ? -2.31594  -20.69851 -5.15986  1.000 78.61090  ? 38  A   V "O5'" 1 
ATOM   671  C "C5'" . A   A 1 32 ? -1.33386  -21.59861 -5.64980  1.000 72.54044  ? 38  A   V "C5'" 1 
ATOM   672  C "C4'" . A   A 1 32 ? -0.87812  -21.22246 -7.03685  1.000 73.51963  ? 38  A   V "C4'" 1 
ATOM   673  O "O4'" . A   A 1 32 ? -1.94848  -21.44799 -7.99041  1.000 83.15623  ? 38  A   V "O4'" 1 
ATOM   674  C "C3'" . A   A 1 32 ? -0.50464  -19.76401 -7.24574  1.000 90.29343  ? 38  A   V "C3'" 1 
ATOM   675  O "O3'" . A   A 1 32 ? 0.79394   -19.44900 -6.77690  1.000 102.28679 ? 38  A   V "O3'" 1 
ATOM   676  C "C2'" . A   A 1 32 ? -0.66992  -19.59485 -8.74926  1.000 84.49464  ? 38  A   V "C2'" 1 
ATOM   677  O "O2'" . A   A 1 32 ? 0.44082   -20.14518 -9.44184  1.000 84.07884  ? 38  A   V "O2'" 1 
ATOM   678  C "C1'" . A   A 1 32 ? -1.88938  -20.47785 -9.01612  1.000 82.07993  ? 38  A   V "C1'" 1 
ATOM   679  N N9    . A   A 1 32 ? -3.14211  -19.70017 -9.00505  1.000 66.69363  ? 38  A   V N9    1 
ATOM   680  C C8    . A   A 1 32 ? -4.11472  -19.67312 -8.03647  1.000 64.41815  ? 38  A   V C8    1 
ATOM   681  N N7    . A   A 1 32 ? -5.11499  -18.87416 -8.31814  1.000 73.62960  ? 38  A   V N7    1 
ATOM   682  C C5    . A   A 1 32 ? -4.77703  -18.33760 -9.55419  1.000 75.81305  ? 38  A   V C5    1 
ATOM   683  C C6    . A   A 1 32 ? -5.42367  -17.41795 -10.39940 1.000 79.47493  ? 38  A   V C6    1 
ATOM   684  N N6    . A   A 1 32 ? -6.59837  -16.85099 -10.11701 1.000 82.74937  ? 38  A   V N6    1 
ATOM   685  N N1    . A   A 1 32 ? -4.81548  -17.09577 -11.56232 1.000 77.37960  ? 38  A   V N1    1 
ATOM   686  C C2    . A   A 1 32 ? -3.63687  -17.66351 -11.84808 1.000 71.46719  ? 38  A   V C2    1 
ATOM   687  N N3    . A   A 1 32 ? -2.93166  -18.53891 -11.13626 1.000 69.95543  ? 38  A   V N3    1 
ATOM   688  C C4    . A   A 1 32 ? -3.56345  -18.83758 -9.98791  1.000 70.46441  ? 38  A   V C4    1 
ATOM   689  P P     . G   A 1 33 ? 1.14430   -17.94788 -6.32262  1.000 90.27623  ? 39  G   V P     1 
ATOM   690  O OP1   . G   A 1 33 ? 2.54302   -17.94171 -5.82317  1.000 106.13771 ? 39  G   V OP1   1 
ATOM   691  O OP2   . G   A 1 33 ? 0.05062   -17.45918 -5.44435  1.000 77.14272  ? 39  G   V OP2   1 
ATOM   692  O "O5'" . G   A 1 33 ? 1.10175   -17.11680 -7.68135  1.000 90.97549  ? 39  G   V "O5'" 1 
ATOM   693  C "C5'" . G   A 1 33 ? 1.93013   -17.47920 -8.77577  1.000 103.62022 ? 39  G   V "C5'" 1 
ATOM   694  C "C4'" . G   A 1 33 ? 1.71335   -16.57970 -9.96683  1.000 106.04073 ? 39  G   V "C4'" 1 
ATOM   695  O "O4'" . G   A 1 33 ? 0.42039   -16.84740 -10.56773 1.000 91.87907  ? 39  G   V "O4'" 1 
ATOM   696  C "C3'" . G   A 1 33 ? 1.68184   -15.08703 -9.68730  1.000 96.76667  ? 39  G   V "C3'" 1 
ATOM   697  O "O3'" . G   A 1 33 ? 2.97165   -14.52146 -9.53267  1.000 126.58531 ? 39  G   V "O3'" 1 
ATOM   698  C "C2'" . G   A 1 33 ? 0.91588   -14.54404 -10.88754 1.000 96.13973  ? 39  G   V "C2'" 1 
ATOM   699  O "O2'" . G   A 1 33 ? 1.76006   -14.45579 -12.02605 1.000 110.34884 ? 39  G   V "O2'" 1 
ATOM   700  C "C1'" . G   A 1 33 ? -0.10354  -15.65972 -11.12617 1.000 81.34148  ? 39  G   V "C1'" 1 
ATOM   701  N N9    . G   A 1 33 ? -1.40349  -15.36543 -10.49483 1.000 72.24730  ? 39  G   V N9    1 
ATOM   702  C C8    . G   A 1 33 ? -1.87056  -15.81472 -9.28431  1.000 67.20810  ? 39  G   V C8    1 
ATOM   703  N N7    . G   A 1 33 ? -3.06570  -15.37039 -9.00267  1.000 66.19925  ? 39  G   V N7    1 
ATOM   704  C C5    . G   A 1 33 ? -3.40634  -14.57950 -10.09218 1.000 64.98910  ? 39  G   V C5    1 
ATOM   705  C C6    . G   A 1 33 ? -4.58359  -13.83248 -10.35978 1.000 75.52168  ? 39  G   V C6    1 
ATOM   706  O O6    . G   A 1 33 ? -5.59999  -13.71511 -9.66349  1.000 71.46113  ? 39  G   V O6    1 
ATOM   707  N N1    . G   A 1 33 ? -4.50459  -13.17649 -11.58453 1.000 77.88744  ? 39  G   V N1    1 
ATOM   708  C C2    . G   A 1 33 ? -3.43412  -13.22972 -12.44310 1.000 84.73776  ? 39  G   V C2    1 
ATOM   709  N N2    . G   A 1 33 ? -3.54747  -12.52691 -13.57960 1.000 85.39509  ? 39  G   V N2    1 
ATOM   710  N N3    . G   A 1 33 ? -2.33243  -13.92126 -12.20523 1.000 83.80086  ? 39  G   V N3    1 
ATOM   711  C C4    . G   A 1 33 ? -2.38874  -14.56576 -11.02076 1.000 76.51280  ? 39  G   V C4    1 
ATOM   712  P P     . G   A 1 34 ? 3.12780   -13.02764 -8.96185  1.000 113.22626 ? 40  G   V P     1 
ATOM   713  O OP1   . G   A 1 34 ? 4.39604   -12.45690 -9.48491  1.000 119.23316 ? 40  G   V OP1   1 
ATOM   714  O OP2   . G   A 1 34 ? 2.88443   -13.06168 -7.49750  1.000 99.57817  ? 40  G   V OP2   1 
ATOM   715  O "O5'" . G   A 1 34 ? 1.91507   -12.24500 -9.63198  1.000 100.80739 ? 40  G   V "O5'" 1 
ATOM   716  C "C5'" . G   A 1 34 ? 2.01379   -10.86574 -9.94343  1.000 100.16522 ? 40  G   V "C5'" 1 
ATOM   717  C "C4'" . G   A 1 34 ? 1.32013   -10.55306 -11.24395 1.000 96.80444  ? 40  G   V "C4'" 1 
ATOM   718  O "O4'" . G   A 1 34 ? 0.19650   -11.45410 -11.43025 1.000 91.16644  ? 40  G   V "O4'" 1 
ATOM   719  C "C3'" . G   A 1 34 ? 0.70669   -9.16655  -11.34528 1.000 98.13397  ? 40  G   V "C3'" 1 
ATOM   720  O "O3'" . G   A 1 34 ? 1.65226   -8.17132  -11.68974 1.000 93.73066  ? 40  G   V "O3'" 1 
ATOM   721  C "C2'" . G   A 1 34 ? -0.38939  -9.36310  -12.38242 1.000 87.88230  ? 40  G   V "C2'" 1 
ATOM   722  O "O2'" . G   A 1 34 ? 0.15976   -9.39883  -13.69176 1.000 91.45898  ? 40  G   V "O2'" 1 
ATOM   723  C "C1'" . G   A 1 34 ? -0.88042  -10.76559 -12.02871 1.000 86.40597  ? 40  G   V "C1'" 1 
ATOM   724  N N9    . G   A 1 34 ? -1.99156  -10.73192 -11.06046 1.000 80.59623  ? 40  G   V N9    1 
ATOM   725  C C8    . G   A 1 34 ? -2.02978  -11.36445 -9.84154  1.000 76.85492  ? 40  G   V C8    1 
ATOM   726  N N7    . G   A 1 34 ? -3.14297  -11.16073 -9.19254  1.000 79.38501  ? 40  G   V N7    1 
ATOM   727  C C5    . G   A 1 34 ? -3.88464  -10.34451 -10.03499 1.000 84.52903  ? 40  G   V C5    1 
ATOM   728  C C6    . G   A 1 34 ? -5.18054  -9.79334  -9.86728  1.000 98.11807  ? 40  G   V C6    1 
ATOM   729  O O6    . G   A 1 34 ? -5.95446  -9.92055  -8.91107  1.000 104.56760 ? 40  G   V O6    1 
ATOM   730  N N1    . G   A 1 34 ? -5.55270  -9.02347  -10.96481 1.000 95.50659  ? 40  G   V N1    1 
ATOM   731  C C2    . G   A 1 34 ? -4.78003  -8.81081  -12.08048 1.000 94.49952  ? 40  G   V C2    1 
ATOM   732  N N2    . G   A 1 34 ? -5.31817  -8.03639  -13.03310 1.000 102.40160 ? 40  G   V N2    1 
ATOM   733  N N3    . G   A 1 34 ? -3.57034  -9.31945  -12.24860 1.000 95.17211  ? 40  G   V N3    1 
ATOM   734  C C4    . G   A 1 34 ? -3.18922  -10.07166 -11.19464 1.000 84.81792  ? 40  G   V C4    1 
ATOM   735  P P     . A   A 1 35 ? 1.82004   -6.86827  -10.76616 1.000 108.95564 ? 41  A   V P     1 
ATOM   736  O OP1   . A   A 1 35 ? 3.13197   -6.24799  -11.08119 1.000 98.96402  ? 41  A   V OP1   1 
ATOM   737  O OP2   . A   A 1 35 ? 1.50521   -7.24788  -9.36498  1.000 94.25883  ? 41  A   V OP2   1 
ATOM   738  O "O5'" . A   A 1 35 ? 0.67125   -5.89325  -11.27865 1.000 99.22119  ? 41  A   V "O5'" 1 
ATOM   739  C "C5'" . A   A 1 35 ? 0.52521   -5.61128  -12.66176 1.000 95.23279  ? 41  A   V "C5'" 1 
ATOM   740  C "C4'" . A   A 1 35 ? -0.78062  -4.91595  -12.94714 1.000 90.04884  ? 41  A   V "C4'" 1 
ATOM   741  O "O4'" . A   A 1 35 ? -1.88178  -5.84907  -12.80516 1.000 99.38013  ? 41  A   V "O4'" 1 
ATOM   742  C "C3'" . A   A 1 35 ? -1.14334  -3.77550  -12.01114 1.000 94.91885  ? 41  A   V "C3'" 1 
ATOM   743  O "O3'" . A   A 1 35 ? -0.47553  -2.56796  -12.32988 1.000 101.58751 ? 41  A   V "O3'" 1 
ATOM   744  C "C2'" . A   A 1 35 ? -2.65745  -3.69765  -12.15439 1.000 95.89448  ? 41  A   V "C2'" 1 
ATOM   745  O "O2'" . A   A 1 35 ? -3.01485  -3.01797  -13.34853 1.000 94.63383  ? 41  A   V "O2'" 1 
ATOM   746  C "C1'" . A   A 1 35 ? -3.02169  -5.17555  -12.31228 1.000 93.19693  ? 41  A   V "C1'" 1 
ATOM   747  N N9    . A   A 1 35 ? -3.41754  -5.78903  -11.03054 1.000 85.86381  ? 41  A   V N9    1 
ATOM   748  C C8    . A   A 1 35 ? -2.64766  -6.54213  -10.17861 1.000 86.92115  ? 41  A   V C8    1 
ATOM   749  N N7    . A   A 1 35 ? -3.28805  -6.94845  -9.10940  1.000 87.60543  ? 41  A   V N7    1 
ATOM   750  C C5    . A   A 1 35 ? -4.56507  -6.42645  -9.26596  1.000 88.42015  ? 41  A   V C5    1 
ATOM   751  C C6    . A   A 1 35 ? -5.72296  -6.49889  -8.47098  1.000 94.73050  ? 41  A   V C6    1 
ATOM   752  N N6    . A   A 1 35 ? -5.78302  -7.15313  -7.30952  1.000 92.59258  ? 41  A   V N6    1 
ATOM   753  N N1    . A   A 1 35 ? -6.83226  -5.86684  -8.91425  1.000 97.85021  ? 41  A   V N1    1 
ATOM   754  C C2    . A   A 1 35 ? -6.77179  -5.20986  -10.07980 1.000 103.20200 ? 41  A   V C2    1 
ATOM   755  N N3    . A   A 1 35 ? -5.74456  -5.07099  -10.91488 1.000 97.94456  ? 41  A   V N3    1 
ATOM   756  C C4    . A   A 1 35 ? -4.65863  -5.70951  -10.44475 1.000 86.71295  ? 41  A   V C4    1 
ATOM   757  P P     . A   A 1 36 ? -0.27232  -1.43824  -11.20640 1.000 105.33582 ? 42  A   V P     1 
ATOM   758  O OP1   . A   A 1 36 ? 0.60930   -0.38307  -11.76775 1.000 118.80682 ? 42  A   V OP1   1 
ATOM   759  O OP2   . A   A 1 36 ? 0.10564   -2.11082  -9.93684  1.000 99.39187  ? 42  A   V OP2   1 
ATOM   760  O "O5'" . A   A 1 36 ? -1.72869  -0.82190  -11.02310 1.000 92.07151  ? 42  A   V "O5'" 1 
ATOM   761  C "C5'" . A   A 1 36 ? -2.46742  -0.36109  -12.14396 1.000 91.65395  ? 42  A   V "C5'" 1 
ATOM   762  C "C4'" . A   A 1 36 ? -3.89354  -0.04656  -11.77276 1.000 84.83286  ? 42  A   V "C4'" 1 
ATOM   763  O "O4'" . A   A 1 36 ? -4.61072  -1.27169  -11.47729 1.000 98.45353  ? 42  A   V "O4'" 1 
ATOM   764  C "C3'" . A   A 1 36 ? -4.08135  0.80160   -10.52618 1.000 101.40850 ? 42  A   V "C3'" 1 
ATOM   765  O "O3'" . A   A 1 36 ? -3.89161  2.18359   -10.77185 1.000 96.57674  ? 42  A   V "O3'" 1 
ATOM   766  C "C2'" . A   A 1 36 ? -5.49583  0.44383   -10.08793 1.000 100.49892 ? 42  A   V "C2'" 1 
ATOM   767  O "O2'" . A   A 1 36 ? -6.45613  1.14718   -10.86190 1.000 104.63246 ? 42  A   V "O2'" 1 
ATOM   768  C "C1'" . A   A 1 36 ? -5.56469  -1.03856  -10.46239 1.000 101.62182 ? 42  A   V "C1'" 1 
ATOM   769  N N9    . A   A 1 36 ? -5.26266  -1.92003  -9.31833  1.000 91.01232  ? 42  A   V N9    1 
ATOM   770  C C8    . A   A 1 36 ? -4.06925  -2.52708  -9.01272  1.000 85.50642  ? 42  A   V C8    1 
ATOM   771  N N7    . A   A 1 36 ? -4.11150  -3.25794  -7.92558  1.000 76.38029  ? 42  A   V N7    1 
ATOM   772  C C5    . A   A 1 36 ? -5.42183  -3.12501  -7.48521  1.000 80.28024  ? 42  A   V C5    1 
ATOM   773  C C6    . A   A 1 36 ? -6.10808  -3.65634  -6.37824  1.000 86.83778  ? 42  A   V C6    1 
ATOM   774  N N6    . A   A 1 36 ? -5.54392  -4.46136  -5.47571  1.000 92.12562  ? 42  A   V N6    1 
ATOM   775  N N1    . A   A 1 36 ? -7.41002  -3.32740  -6.22576  1.000 78.66965  ? 42  A   V N1    1 
ATOM   776  C C2    . A   A 1 36 ? -7.97565  -2.51943  -7.13165  1.000 89.01499  ? 42  A   V C2    1 
ATOM   777  N N3    . A   A 1 36 ? -7.43608  -1.95872  -8.21148  1.000 100.92862 ? 42  A   V N3    1 
ATOM   778  C C4    . A   A 1 36 ? -6.14237  -2.30398  -8.33322  1.000 85.90004  ? 42  A   V C4    1 
ATOM   779  P P     . C   A 1 37 ? -3.43123  3.16037   -9.58309  1.000 104.34578 ? 43  C   V P     1 
ATOM   780  O OP1   . C   A 1 37 ? -3.24969  4.52108   -10.15041 1.000 114.71712 ? 43  C   V OP1   1 
ATOM   781  O OP2   . C   A 1 37 ? -2.30835  2.51339   -8.85828  1.000 92.76059  ? 43  C   V OP2   1 
ATOM   782  O "O5'" . C   A 1 37 ? -4.69573  3.19825   -8.61669  1.000 101.02340 ? 43  C   V "O5'" 1 
ATOM   783  C "C5'" . C   A 1 37 ? -5.97855  3.54689   -9.11558  1.000 96.26242  ? 43  C   V "C5'" 1 
ATOM   784  C "C4'" . C   A 1 37 ? -7.05617  3.27703   -8.09767  1.000 93.04952  ? 43  C   V "C4'" 1 
ATOM   785  O "O4'" . C   A 1 37 ? -7.24853  1.84602   -7.95030  1.000 96.75926  ? 43  C   V "O4'" 1 
ATOM   786  C "C3'" . C   A 1 37 ? -6.76500  3.75649   -6.68573  1.000 96.66066  ? 43  C   V "C3'" 1 
ATOM   787  O "O3'" . C   A 1 37 ? -7.01537  5.13919   -6.50862  1.000 108.02295 ? 43  C   V "O3'" 1 
ATOM   788  C "C2'" . C   A 1 37 ? -7.65369  2.85521   -5.83957  1.000 99.52173  ? 43  C   V "C2'" 1 
ATOM   789  O "O2'" . C   A 1 37 ? -9.00160  3.29998   -5.87825  1.000 89.60163  ? 43  C   V "O2'" 1 
ATOM   790  C "C1'" . C   A 1 37 ? -7.55807  1.53680   -6.60737  1.000 94.35683  ? 43  C   V "C1'" 1 
ATOM   791  N N1    . C   A 1 37 ? -6.49247  0.66030   -6.07199  1.000 90.03519  ? 43  C   V N1    1 
ATOM   792  C C2    . C   A 1 37 ? -6.76058  -0.11302  -4.93973  1.000 89.08097  ? 43  C   V C2    1 
ATOM   793  O O2    . C   A 1 37 ? -7.88327  -0.04078  -4.41697  1.000 90.89303  ? 43  C   V O2    1 
ATOM   794  N N3    . C   A 1 37 ? -5.79158  -0.91746  -4.44454  1.000 86.09533  ? 43  C   V N3    1 
ATOM   795  C C4    . C   A 1 37 ? -4.59719  -0.96524  -5.03731  1.000 86.37431  ? 43  C   V C4    1 
ATOM   796  N N4    . C   A 1 37 ? -3.67086  -1.77246  -4.51476  1.000 80.73873  ? 43  C   V N4    1 
ATOM   797  C C5    . C   A 1 37 ? -4.29751  -0.18625  -6.19220  1.000 82.03047  ? 43  C   V C5    1 
ATOM   798  C C6    . C   A 1 37 ? -5.26504  0.60475   -6.67168  1.000 85.47332  ? 43  C   V C6    1 
ATOM   799  P P     . U   A 1 38 ? -6.11998  5.99241   -5.48401  1.000 112.29836 ? 44  U   V P     1 
ATOM   800  O OP1   . U   A 1 38 ? -6.42945  7.43038   -5.68502  1.000 142.00947 ? 44  U   V OP1   1 
ATOM   801  O OP2   . U   A 1 38 ? -4.71626  5.51975   -5.59741  1.000 104.40687 ? 44  U   V OP2   1 
ATOM   802  O "O5'" . U   A 1 38 ? -6.66968  5.56297   -4.05308  1.000 94.80023  ? 44  U   V "O5'" 1 
ATOM   803  C "C5'" . U   A 1 38 ? -8.05607  5.63196   -3.75831  1.000 94.29790  ? 44  U   V "C5'" 1 
ATOM   804  C "C4'" . U   A 1 38 ? -8.41539  4.74692   -2.59333  1.000 97.99498  ? 44  U   V "C4'" 1 
ATOM   805  O "O4'" . U   A 1 38 ? -8.23978  3.35173   -2.95956  1.000 100.08098 ? 44  U   V "O4'" 1 
ATOM   806  C "C3'" . U   A 1 38 ? -7.55640  4.90460   -1.35003  1.000 90.23884  ? 44  U   V "C3'" 1 
ATOM   807  O "O3'" . U   A 1 38 ? -7.90030  6.02755   -0.55896  1.000 104.39740 ? 44  U   V "O3'" 1 
ATOM   808  C "C2'" . U   A 1 38 ? -7.75256  3.56880   -0.65082  1.000 90.39144  ? 44  U   V "C2'" 1 
ATOM   809  O "O2'" . U   A 1 38 ? -9.02357  3.51441   -0.01976  1.000 92.84469  ? 44  U   V "O2'" 1 
ATOM   810  C "C1'" . U   A 1 38 ? -7.76773  2.61984   -1.84562  1.000 83.13573  ? 44  U   V "C1'" 1 
ATOM   811  N N1    . U   A 1 38 ? -6.40643  2.12902   -2.15130  1.000 70.90337  ? 44  U   V N1    1 
ATOM   812  C C2    . U   A 1 38 ? -5.88680  1.13291   -1.34785  1.000 76.86534  ? 44  U   V C2    1 
ATOM   813  O O2    . U   A 1 38 ? -6.50577  0.64415   -0.41768  1.000 73.99241  ? 44  U   V O2    1 
ATOM   814  N N3    . U   A 1 38 ? -4.61783  0.72741   -1.67595  1.000 59.47633  ? 44  U   V N3    1 
ATOM   815  C C4    . U   A 1 38 ? -3.83287  1.21105   -2.70120  1.000 73.84820  ? 44  U   V C4    1 
ATOM   816  O O4    . U   A 1 38 ? -2.70616  0.74307   -2.87437  1.000 75.17616  ? 44  U   V O4    1 
ATOM   817  C C5    . U   A 1 38 ? -4.44047  2.24361   -3.48365  1.000 89.60668  ? 44  U   V C5    1 
ATOM   818  C C6    . U   A 1 38 ? -5.67551  2.65915   -3.18667  1.000 78.88962  ? 44  U   V C6    1 
ATOM   819  P P     . A   A 1 39 ? -6.77274  6.74267   0.33510   1.000 113.58035 ? 45  A   V P     1 
ATOM   820  O OP1   . A   A 1 39 ? -7.41964  7.82268   1.12293   1.000 121.19921 ? 45  A   V OP1   1 
ATOM   821  O OP2   . A   A 1 39 ? -5.62279  7.06412   -0.54859  1.000 124.39606 ? 45  A   V OP2   1 
ATOM   822  O "O5'" . A   A 1 39 ? -6.31482  5.60047   1.34630   1.000 98.28309  ? 45  A   V "O5'" 1 
ATOM   823  C "C5'" . A   A 1 39 ? -7.28148  4.86195   2.07646   1.000 99.75907  ? 45  A   V "C5'" 1 
ATOM   824  C "C4'" . A   A 1 39 ? -6.65697  3.76201   2.89740   1.000 98.34886  ? 45  A   V "C4'" 1 
ATOM   825  O "O4'" . A   A 1 39 ? -6.19529  2.68109   2.04814   1.000 101.13266 ? 45  A   V "O4'" 1 
ATOM   826  C "C3'" . A   A 1 39 ? -5.42699  4.13289   3.70206   1.000 92.50457  ? 45  A   V "C3'" 1 
ATOM   827  O "O3'" . A   A 1 39 ? -5.73719  4.85854   4.87678   1.000 110.59995 ? 45  A   V "O3'" 1 
ATOM   828  C "C2'" . A   A 1 39 ? -4.79163  2.77298   3.96913   1.000 87.56030  ? 45  A   V "C2'" 1 
ATOM   829  O "O2'" . A   A 1 39 ? -5.45620  2.10683   5.03271   1.000 92.32387  ? 45  A   V "O2'" 1 
ATOM   830  C "C1'" . A   A 1 39 ? -5.10137  2.03041   2.66505   1.000 77.37182  ? 45  A   V "C1'" 1 
ATOM   831  N N9    . A   A 1 39 ? -3.94705  2.01707   1.74593   1.000 66.72969  ? 45  A   V N9    1 
ATOM   832  C C8    . A   A 1 39 ? -3.66552  2.84514   0.68772   1.000 77.45049  ? 45  A   V C8    1 
ATOM   833  N N7    . A   A 1 39 ? -2.53872  2.55394   0.07978   1.000 70.90153  ? 45  A   V N7    1 
ATOM   834  C C5    . A   A 1 39 ? -2.04501  1.46531   0.78694   1.000 67.43712  ? 45  A   V C5    1 
ATOM   835  C C6    . A   A 1 39 ? -0.88356  0.68358   0.64791   1.000 70.38920  ? 45  A   V C6    1 
ATOM   836  N N6    . A   A 1 39 ? 0.03912   0.88643   -0.29540  1.000 68.14493  ? 45  A   V N6    1 
ATOM   837  N N1    . A   A 1 39 ? -0.69607  -0.32914  1.52314   1.000 71.81345  ? 45  A   V N1    1 
ATOM   838  C C2    . A   A 1 39 ? -1.61875  -0.53594  2.47036   1.000 75.85508  ? 45  A   V C2    1 
ATOM   839  N N3    . A   A 1 39 ? -2.74841  0.12831   2.70251   1.000 65.86351  ? 45  A   V N3    1 
ATOM   840  C C4    . A   A 1 39 ? -2.90287  1.12775   1.81583   1.000 70.23928  ? 45  A   V C4    1 
ATOM   841  P P     . C   A 1 40 ? -4.55720  5.46850   5.77748   1.000 97.18668  ? 46  C   V P     1 
ATOM   842  O OP1   . C   A 1 40 ? -4.99608  6.79361   6.28523   1.000 109.53966 ? 46  C   V OP1   1 
ATOM   843  O OP2   . C   A 1 40 ? -3.28854  5.35700   5.01255   1.000 84.44223  ? 46  C   V OP2   1 
ATOM   844  O "O5'" . C   A 1 40 ? -4.46710  4.46449   7.00817   1.000 82.54574  ? 46  C   V "O5'" 1 
ATOM   845  C "C5'" . C   A 1 40 ? -3.24652  4.28749   7.70563   1.000 77.50459  ? 46  C   V "C5'" 1 
ATOM   846  C "C4'" . C   A 1 40 ? -2.83865  2.83748   7.74141   1.000 75.05843  ? 46  C   V "C4'" 1 
ATOM   847  O "O4'" . C   A 1 40 ? -2.88632  2.27312   6.40476   1.000 72.81900  ? 46  C   V "O4'" 1 
ATOM   848  C "C3'" . C   A 1 40 ? -1.41760  2.56849   8.20366   1.000 80.43423  ? 46  C   V "C3'" 1 
ATOM   849  O "O3'" . C   A 1 40 ? -1.28513  2.59822   9.61222   1.000 89.93607  ? 46  C   V "O3'" 1 
ATOM   850  C "C2'" . C   A 1 40 ? -1.11561  1.21221   7.58211   1.000 76.20231  ? 46  C   V "C2'" 1 
ATOM   851  O "O2'" . C   A 1 40 ? -1.71847  0.17071   8.33541   1.000 83.36376  ? 46  C   V "O2'" 1 
ATOM   852  C "C1'" . C   A 1 40 ? -1.84948  1.32624   6.24536   1.000 71.99379  ? 46  C   V "C1'" 1 
ATOM   853  N N1    . C   A 1 40 ? -0.95955  1.78185   5.15296   1.000 67.08847  ? 46  C   V N1    1 
ATOM   854  C C2    . C   A 1 40 ? 0.14158   0.99605   4.79510   1.000 72.79354  ? 46  C   V C2    1 
ATOM   855  O O2    . C   A 1 40 ? 0.35298   -0.06014  5.41093   1.000 83.65908  ? 46  C   V O2    1 
ATOM   856  N N3    . C   A 1 40 ? 0.95339   1.41037   3.79405   1.000 60.15622  ? 46  C   V N3    1 
ATOM   857  C C4    . C   A 1 40 ? 0.69422   2.55293   3.15607   1.000 69.57123  ? 46  C   V C4    1 
ATOM   858  N N4    . C   A 1 40 ? 1.51968   2.92325   2.17352   1.000 57.21276  ? 46  C   V N4    1 
ATOM   859  C C5    . C   A 1 40 ? -0.42355  3.36904   3.49610   1.000 66.54589  ? 46  C   V C5    1 
ATOM   860  C C6    . C   A 1 40 ? -1.21779  2.94906   4.48887   1.000 61.15652  ? 46  C   V C6    1 
ATOM   861  P P     . G   A 1 41 ? -0.24729  3.61457   10.29526  1.000 94.33183  ? 47  G   V P     1 
ATOM   862  O OP1   . G   A 1 41 ? -0.55282  3.67490   11.74767  1.000 91.85417  ? 47  G   V OP1   1 
ATOM   863  O OP2   . G   A 1 41 ? -0.24086  4.86775   9.49711   1.000 70.38255  ? 47  G   V OP2   1 
ATOM   864  O "O5'" . G   A 1 41 ? 1.15988   2.89282   10.10727  1.000 93.56038  ? 47  G   V "O5'" 1 
ATOM   865  C "C5'" . G   A 1 41 ? 1.33383   1.54091   10.50409  1.000 76.76490  ? 47  G   V "C5'" 1 
ATOM   866  C "C4'" . G   A 1 41 ? 2.71819   1.03523   10.18593  1.000 90.90960  ? 47  G   V "C4'" 1 
ATOM   867  O "O4'" . G   A 1 41 ? 2.78570   0.58350   8.80970   1.000 78.05502  ? 47  G   V "O4'" 1 
ATOM   868  C "C3'" . G   A 1 41 ? 3.84566   2.04695   10.28961  1.000 81.84888  ? 47  G   V "C3'" 1 
ATOM   869  O "O3'" . G   A 1 41 ? 4.25917   2.29253   11.62193  1.000 104.54397 ? 47  G   V "O3'" 1 
ATOM   870  C "C2'" . G   A 1 41 ? 4.92762   1.42311   9.41697   1.000 73.59575  ? 47  G   V "C2'" 1 
ATOM   871  O "O2'" . G   A 1 41 ? 5.60867   0.39196   10.11613  1.000 82.06680  ? 47  G   V "O2'" 1 
ATOM   872  C "C1'" . G   A 1 41 ? 4.09052   0.78568   8.30526   1.000 77.74082  ? 47  G   V "C1'" 1 
ATOM   873  N N9    . G   A 1 41 ? 4.02165   1.64448   7.10904   1.000 70.76966  ? 47  G   V N9    1 
ATOM   874  C C8    . G   A 1 41 ? 3.02171   2.51156   6.74256   1.000 63.20817  ? 47  G   V C8    1 
ATOM   875  N N7    . G   A 1 41 ? 3.27362   3.13186   5.62022   1.000 61.71869  ? 47  G   V N7    1 
ATOM   876  C C5    . G   A 1 41 ? 4.51453   2.64695   5.22703   1.000 52.66125  ? 47  G   V C5    1 
ATOM   877  C C6    . G   A 1 41 ? 5.30713   2.94765   4.08862   1.000 57.04636  ? 47  G   V C6    1 
ATOM   878  O O6    . G   A 1 41 ? 5.06492   3.73348   3.16363   1.000 72.23066  ? 47  G   V O6    1 
ATOM   879  N N1    . G   A 1 41 ? 6.49603   2.22366   4.08782   1.000 59.78943  ? 47  G   V N1    1 
ATOM   880  C C2    . G   A 1 41 ? 6.87618   1.32519   5.05457   1.000 63.20832  ? 47  G   V C2    1 
ATOM   881  N N2    . G   A 1 41 ? 8.06201   0.72529   4.87675   1.000 70.90893  ? 47  G   V N2    1 
ATOM   882  N N3    . G   A 1 41 ? 6.14717   1.03702   6.11870   1.000 60.02974  ? 47  G   V N3    1 
ATOM   883  C C4    . G   A 1 41 ? 4.98911   1.72966   6.13820   1.000 65.89222  ? 47  G   V C4    1 
ATOM   884  P P     . G   A 1 42 ? 5.16692   3.57676   11.94714  1.000 100.69952 ? 48  G   V P     1 
ATOM   885  O OP1   . G   A 1 42 ? 6.00073   3.27045   13.13827  1.000 95.38796  ? 48  G   V OP1   1 
ATOM   886  O OP2   . G   A 1 42 ? 4.28237   4.76934   11.95649  1.000 82.86035  ? 48  G   V OP2   1 
ATOM   887  O "O5'" . G   A 1 42 ? 6.11688   3.68592   10.67335  1.000 92.01297  ? 48  G   V "O5'" 1 
ATOM   888  C "C5'" . G   A 1 42 ? 7.37102   4.34609   10.73830  1.000 82.28240  ? 48  G   V "C5'" 1 
ATOM   889  C "C4'" . G   A 1 42 ? 8.40240   3.63113   9.90192   1.000 83.30127  ? 48  G   V "C4'" 1 
ATOM   890  O "O4'" . G   A 1 42 ? 7.77763   3.09358   8.70682   1.000 75.02314  ? 48  G   V "O4'" 1 
ATOM   891  C "C3'" . G   A 1 42 ? 9.54122   4.48801   9.37354   1.000 65.21992  ? 48  G   V "C3'" 1 
ATOM   892  O "O3'" . G   A 1 42 ? 10.56441  4.69372   10.33060  1.000 75.79137  ? 48  G   V "O3'" 1 
ATOM   893  C "C2'" . G   A 1 42 ? 9.99857   3.71514   8.14367   1.000 74.42907  ? 48  G   V "C2'" 1 
ATOM   894  O "O2'" . G   A 1 42 ? 10.81189  2.61281   8.51731   1.000 85.96353  ? 48  G   V "O2'" 1 
ATOM   895  C "C1'" . G   A 1 42 ? 8.66892   3.17721   7.61559   1.000 64.48784  ? 48  G   V "C1'" 1 
ATOM   896  N N9    . G   A 1 42 ? 8.07503   4.06725   6.60073   1.000 71.36503  ? 48  G   V N9    1 
ATOM   897  C C8    . G   A 1 42 ? 6.86290   4.70913   6.67712   1.000 61.98667  ? 48  G   V C8    1 
ATOM   898  N N7    . G   A 1 42 ? 6.59785   5.43146   5.62347   1.000 58.40064  ? 48  G   V N7    1 
ATOM   899  C C5    . G   A 1 42 ? 7.70200   5.25543   4.80074   1.000 64.33071  ? 48  G   V C5    1 
ATOM   900  C C6    . G   A 1 42 ? 7.98679   5.79147   3.51871   1.000 69.10558  ? 48  G   V C6    1 
ATOM   901  O O6    . G   A 1 42 ? 7.29745   6.55508   2.83288   1.000 73.72181  ? 48  G   V O6    1 
ATOM   902  N N1    . G   A 1 42 ? 9.21919   5.35314   3.04457   1.000 73.08772  ? 48  G   V N1    1 
ATOM   903  C C2    . G   A 1 42 ? 10.06951  4.50841   3.71514   1.000 82.28787  ? 48  G   V C2    1 
ATOM   904  N N2    . G   A 1 42 ? 11.21414  4.20111   3.08888   1.000 77.69423  ? 48  G   V N2    1 
ATOM   905  N N3    . G   A 1 42 ? 9.81523   4.00090   4.91017   1.000 67.13826  ? 48  G   V N3    1 
ATOM   906  C C4    . G   A 1 42 ? 8.62240   4.41355   5.38877   1.000 66.92191  ? 48  G   V C4    1 
ATOM   907  P P     . G   A 1 43 ? 11.27760  6.12779   10.44934  1.000 80.33434  ? 49  G   V P     1 
ATOM   908  O OP1   . G   A 1 43 ? 12.07900  6.14101   11.69981  1.000 87.57377  ? 49  G   V OP1   1 
ATOM   909  O OP2   . G   A 1 43 ? 10.24530  7.17259   10.22763  1.000 62.45328  ? 49  G   V OP2   1 
ATOM   910  O "O5'" . G   A 1 43 ? 12.28588  6.15555   9.21705   1.000 89.23365  ? 49  G   V "O5'" 1 
ATOM   911  C "C5'" . G   A 1 43 ? 13.30821  5.17863   9.09742   1.000 76.79023  ? 49  G   V "C5'" 1 
ATOM   912  C "C4'" . G   A 1 43 ? 14.17090  5.42176   7.88571   1.000 77.08565  ? 49  G   V "C4'" 1 
ATOM   913  O "O4'" . G   A 1 43 ? 13.45459  5.05224   6.67936   1.000 73.74563  ? 49  G   V "O4'" 1 
ATOM   914  C "C3'" . G   A 1 43 ? 14.58404  6.86198   7.63480   1.000 77.09208  ? 49  G   V "C3'" 1 
ATOM   915  O "O3'" . G   A 1 43 ? 15.65872  7.28574   8.45373   1.000 80.18743  ? 49  G   V "O3'" 1 
ATOM   916  C "C2'" . G   A 1 43 ? 14.91301  6.85228   6.14886   1.000 74.54351  ? 49  G   V "C2'" 1 
ATOM   917  O "O2'" . G   A 1 43 ? 16.18917  6.27221   5.92224   1.000 78.94572  ? 49  G   V "O2'" 1 
ATOM   918  C "C1'" . G   A 1 43 ? 13.84720  5.89404   5.61399   1.000 72.67703  ? 49  G   V "C1'" 1 
ATOM   919  N N9    . G   A 1 43 ? 12.66266  6.61480   5.11117   1.000 73.18785  ? 49  G   V N9    1 
ATOM   920  C C8    . G   A 1 43 ? 11.46461  6.81443   5.75340   1.000 63.60930  ? 49  G   V C8    1 
ATOM   921  N N7    . G   A 1 43 ? 10.61121  7.49999   5.04132   1.000 75.73231  ? 49  G   V N7    1 
ATOM   922  C C5    . G   A 1 43 ? 11.28659  7.77162   3.85894   1.000 72.82197  ? 49  G   V C5    1 
ATOM   923  C C6    . G   A 1 43 ? 10.87280  8.48261   2.70200   1.000 77.71997  ? 49  G   V C6    1 
ATOM   924  O O6    . G   A 1 43 ? 9.78898   9.03509   2.48088   1.000 88.23807  ? 49  G   V O6    1 
ATOM   925  N N1    . G   A 1 43 ? 11.87570  8.51825   1.73807   1.000 79.22094  ? 49  G   V N1    1 
ATOM   926  C C2    . G   A 1 43 ? 13.11650  7.94429   1.86721   1.000 83.86597  ? 49  G   V C2    1 
ATOM   927  N N2    . G   A 1 43 ? 13.94643  8.08754   0.82383   1.000 91.51177  ? 49  G   V N2    1 
ATOM   928  N N3    . G   A 1 43 ? 13.51359  7.27948   2.93912   1.000 84.63001  ? 49  G   V N3    1 
ATOM   929  C C4    . G   A 1 43 ? 12.55537  7.23336   3.88832   1.000 76.43281  ? 49  G   V C4    1 
ATOM   930  P P     . A   A 1 44 ? 15.78643  8.83167   8.87276   1.000 87.28708  ? 50  A   V P     1 
ATOM   931  O OP1   . A   A 1 44 ? 16.97404  8.96976   9.75343   1.000 86.05824  ? 50  A   V OP1   1 
ATOM   932  O OP2   . A   A 1 44 ? 14.45895  9.29099   9.35601   1.000 76.95932  ? 50  A   V OP2   1 
ATOM   933  O "O5'" . A   A 1 44 ? 16.10403  9.57595   7.50020   1.000 89.77410  ? 50  A   V "O5'" 1 
ATOM   934  C "C5'" . A   A 1 44 ? 17.29591  9.29316   6.78199   1.000 80.65645  ? 50  A   V "C5'" 1 
ATOM   935  C "C4'" . A   A 1 44 ? 17.32667  9.99589   5.44728   1.000 81.37568  ? 50  A   V "C4'" 1 
ATOM   936  O "O4'" . A   A 1 44 ? 16.28346  9.46919   4.58654   1.000 79.12904  ? 50  A   V "O4'" 1 
ATOM   937  C "C3'" . A   A 1 44 ? 17.06169  11.49298  5.46731   1.000 83.35065  ? 50  A   V "C3'" 1 
ATOM   938  O "O3'" . A   A 1 44 ? 18.19409  12.25859  5.83860   1.000 85.06821  ? 50  A   V "O3'" 1 
ATOM   939  C "C2'" . A   A 1 44 ? 16.58724  11.76204  4.04613   1.000 90.76750  ? 50  A   V "C2'" 1 
ATOM   940  O "O2'" . A   A 1 44 ? 17.68807  11.81037  3.15016   1.000 91.34967  ? 50  A   V "O2'" 1 
ATOM   941  C "C1'" . A   A 1 44 ? 15.78253  10.49552  3.75464   1.000 77.66379  ? 50  A   V "C1'" 1 
ATOM   942  N N9    . A   A 1 44 ? 14.34897  10.68036  4.04370   1.000 78.67047  ? 50  A   V N9    1 
ATOM   943  C C8    . A   A 1 44 ? 13.66311  10.32712  5.17800   1.000 75.17557  ? 50  A   V C8    1 
ATOM   944  N N7    . A   A 1 44 ? 12.38746  10.62911  5.13780   1.000 83.47166  ? 50  A   V N7    1 
ATOM   945  C C5    . A   A 1 44 ? 12.22535  11.22386  3.89421   1.000 75.64008  ? 50  A   V C5    1 
ATOM   946  C C6    . A   A 1 44 ? 11.10351  11.76398  3.24140   1.000 78.16660  ? 50  A   V C6    1 
ATOM   947  N N6    . A   A 1 44 ? 9.87946   11.79832  3.77457   1.000 99.95049  ? 50  A   V N6    1 
ATOM   948  N N1    . A   A 1 44 ? 11.28585  12.27855  2.00575   1.000 86.37307  ? 50  A   V N1    1 
ATOM   949  C C2    . A   A 1 44 ? 12.51285  12.24543  1.47119   1.000 86.10135  ? 50  A   V C2    1 
ATOM   950  N N3    . A   A 1 44 ? 13.64250  11.76490  1.98352   1.000 82.10551  ? 50  A   V N3    1 
ATOM   951  C C4    . A   A 1 44 ? 13.42658  11.26237  3.21072   1.000 83.79563  ? 50  A   V C4    1 
ATOM   952  P P     . G   A 1 45 ? 17.99823  13.67450  6.57408   1.000 86.42346  ? 51  G   V P     1 
ATOM   953  O OP1   . G   A 1 45 ? 19.34421  14.25793  6.80736   1.000 118.37127 ? 51  G   V OP1   1 
ATOM   954  O OP2   . G   A 1 45 ? 17.07483  13.47272  7.71941   1.000 98.47876  ? 51  G   V OP2   1 
ATOM   955  O "O5'" . G   A 1 45 ? 17.26086  14.58167  5.49007   1.000 91.13318  ? 51  G   V "O5'" 1 
ATOM   956  C "C5'" . G   A 1 45 ? 18.01085  15.36247  4.57132   1.000 99.46869  ? 51  G   V "C5'" 1 
ATOM   957  C "C4'" . G   A 1 45 ? 17.17983  15.80110  3.39094   1.000 101.30047 ? 51  G   V "C4'" 1 
ATOM   958  O "O4'" . G   A 1 45 ? 16.24886  14.74935  3.01914   1.000 87.42802  ? 51  G   V "O4'" 1 
ATOM   959  C "C3'" . G   A 1 45 ? 16.28554  17.01200  3.60193   1.000 97.15228  ? 51  G   V "C3'" 1 
ATOM   960  O "O3'" . G   A 1 45 ? 16.97761  18.24626  3.54192   1.000 92.43757  ? 51  G   V "O3'" 1 
ATOM   961  C "C2'" . G   A 1 45 ? 15.24654  16.83642  2.50531   1.000 96.91444  ? 51  G   V "C2'" 1 
ATOM   962  O "O2'" . G   A 1 45 ? 15.78848  17.18940  1.24087   1.000 101.67677 ? 51  G   V "O2'" 1 
ATOM   963  C "C1'" . G   A 1 45 ? 15.04906  15.32228  2.53671   1.000 84.49920  ? 51  G   V "C1'" 1 
ATOM   964  N N9    . G   A 1 45 ? 13.94848  14.94986  3.44417   1.000 82.37903  ? 51  G   V N9    1 
ATOM   965  C C8    . G   A 1 45 ? 14.02626  14.26509  4.63289   1.000 89.39935  ? 51  G   V C8    1 
ATOM   966  N N7    . G   A 1 45 ? 12.86303  14.10463  5.20438   1.000 78.70787  ? 51  G   V N7    1 
ATOM   967  C C5    . G   A 1 45 ? 11.96589  14.72577  4.34506   1.000 86.10866  ? 51  G   V C5    1 
ATOM   968  C C6    . G   A 1 45 ? 10.55689  14.87809  4.43066   1.000 92.44261  ? 51  G   V C6    1 
ATOM   969  O O6    . G   A 1 45 ? 9.79108   14.48068  5.31734   1.000 115.08844 ? 51  G   V O6    1 
ATOM   970  N N1    . G   A 1 45 ? 10.04913  15.57586  3.33916   1.000 94.32435  ? 51  G   V N1    1 
ATOM   971  C C2    . G   A 1 45 ? 10.79631  16.06478  2.29637   1.000 95.27559  ? 51  G   V C2    1 
ATOM   972  N N2    . G   A 1 45 ? 10.12195  16.71227  1.33467   1.000 95.69663  ? 51  G   V N2    1 
ATOM   973  N N3    . G   A 1 45 ? 12.10925  15.92950  2.20443   1.000 90.79065  ? 51  G   V N3    1 
ATOM   974  C C4    . G   A 1 45 ? 12.62214  15.25370  3.25493   1.000 89.07161  ? 51  G   V C4    1 
ATOM   975  P P     . A   A 1 46 ? 16.50910  19.46912  4.47401   1.000 98.92217  ? 52  A   V P     1 
ATOM   976  O OP1   . A   A 1 46 ? 17.63527  20.43060  4.58304   1.000 102.47141 ? 52  A   V OP1   1 
ATOM   977  O OP2   . A   A 1 46 ? 15.91263  18.89522  5.70753   1.000 105.05152 ? 52  A   V OP2   1 
ATOM   978  O "O5'" . A   A 1 46 ? 15.33733  20.16107  3.64505   1.000 100.61598 ? 52  A   V "O5'" 1 
ATOM   979  C "C5'" . A   A 1 46 ? 15.58168  20.71497  2.36073   1.000 98.40782  ? 52  A   V "C5'" 1 
ATOM   980  C "C4'" . A   A 1 46 ? 14.31237  21.22517  1.72564   1.000 97.64150  ? 52  A   V "C4'" 1 
ATOM   981  O "O4'" . A   A 1 46 ? 13.41189  20.11775  1.46415   1.000 105.64576 ? 52  A   V "O4'" 1 
ATOM   982  C "C3'" . A   A 1 46 ? 13.48226  22.18377  2.56553   1.000 118.23721 ? 52  A   V "C3'" 1 
ATOM   983  O "O3'" . A   A 1 46 ? 13.96785  23.51416  2.53497   1.000 122.83898 ? 52  A   V "O3'" 1 
ATOM   984  C "C2'" . A   A 1 46 ? 12.09027  22.02674  1.96929   1.000 118.58832 ? 52  A   V "C2'" 1 
ATOM   985  O "O2'" . A   A 1 46 ? 11.97675  22.75590  0.75582   1.000 122.45209 ? 52  A   V "O2'" 1 
ATOM   986  C "C1'" . A   A 1 46 ? 12.07310  20.53392  1.63952   1.000 111.85762 ? 52  A   V "C1'" 1 
ATOM   987  N N9    . A   A 1 46 ? 11.47197  19.73799  2.72534   1.000 107.73058 ? 52  A   V N9    1 
ATOM   988  C C8    . A   A 1 46 ? 12.11979  19.00230  3.68582   1.000 101.75484 ? 52  A   V C8    1 
ATOM   989  N N7    . A   A 1 46 ? 11.30989  18.39967  4.52367   1.000 99.77416  ? 52  A   V N7    1 
ATOM   990  C C5    . A   A 1 46 ? 10.04458  18.76480  4.08520   1.000 100.06073 ? 52  A   V C5    1 
ATOM   991  C C6    . A   A 1 46 ? 8.75551   18.45262  4.55119   1.000 100.63009 ? 52  A   V C6    1 
ATOM   992  N N6    . A   A 1 46 ? 8.51779   17.67106  5.60659   1.000 98.99373  ? 52  A   V N6    1 
ATOM   993  N N1    . A   A 1 46 ? 7.70351   18.98103  3.88735   1.000 99.77109  ? 52  A   V N1    1 
ATOM   994  C C2    . A   A 1 46 ? 7.94249   19.76619  2.82890   1.000 103.97725 ? 52  A   V C2    1 
ATOM   995  N N3    . A   A 1 46 ? 9.10532   20.13078  2.29564   1.000 108.84848 ? 52  A   V N3    1 
ATOM   996  C C4    . A   A 1 46 ? 10.12938  19.59012  2.97823   1.000 104.61899 ? 52  A   V C4    1 
ATOM   997  P P     . C   A 1 47 ? 13.73402  24.48444  3.79411   1.000 131.25325 ? 53  C   V P     1 
ATOM   998  O OP1   . C   A 1 47 ? 14.51196  25.72824  3.56652   1.000 150.37925 ? 53  C   V OP1   1 
ATOM   999  O OP2   . C   A 1 47 ? 13.95926  23.69348  5.03132   1.000 113.30153 ? 53  C   V OP2   1 
ATOM   1000 O "O5'" . C   A 1 47 ? 12.18566  24.85114  3.71584   1.000 118.94057 ? 53  C   V "O5'" 1 
ATOM   1001 C "C5'" . C   A 1 47 ? 11.66232  25.57012  2.60893   1.000 120.23945 ? 53  C   V "C5'" 1 
ATOM   1002 C "C4'" . C   A 1 47 ? 10.16160  25.69433  2.68861   1.000 124.84446 ? 53  C   V "C4'" 1 
ATOM   1003 O "O4'" . C   A 1 47 ? 9.54839   24.39006  2.50962   1.000 129.67933 ? 53  C   V "O4'" 1 
ATOM   1004 C "C3'" . C   A 1 47 ? 9.60226   26.18105  4.01647   1.000 135.71510 ? 53  C   V "C3'" 1 
ATOM   1005 O "O3'" . C   A 1 47 ? 9.68011   27.58533  4.18206   1.000 130.53677 ? 53  C   V "O3'" 1 
ATOM   1006 C "C2'" . C   A 1 47 ? 8.18019   25.64207  3.98944   1.000 132.09739 ? 53  C   V "C2'" 1 
ATOM   1007 O "O2'" . C   A 1 47 ? 7.36020   26.43244  3.14118   1.000 123.91494 ? 53  C   V "O2'" 1 
ATOM   1008 C "C1'" . C   A 1 47 ? 8.39617   24.28513  3.32167   1.000 125.31395 ? 53  C   V "C1'" 1 
ATOM   1009 N N1    . C   A 1 47 ? 8.62666   23.22019  4.32245   1.000 114.32267 ? 53  C   V N1    1 
ATOM   1010 C C2    . C   A 1 47 ? 7.52462   22.62304  4.94097   1.000 114.22274 ? 53  C   V C2    1 
ATOM   1011 O O2    . C   A 1 47 ? 6.38450   22.99676  4.62718   1.000 110.95935 ? 53  C   V O2    1 
ATOM   1012 N N3    . C   A 1 47 ? 7.73109   21.65228  5.86131   1.000 121.77584 ? 53  C   V N3    1 
ATOM   1013 C C4    . C   A 1 47 ? 8.97510   21.28018  6.17087   1.000 112.21123 ? 53  C   V C4    1 
ATOM   1014 N N4    . C   A 1 47 ? 9.13188   20.31816  7.08380   1.000 107.91249 ? 53  C   V N4    1 
ATOM   1015 C C5    . C   A 1 47 ? 10.11530  21.87489  5.55721   1.000 109.54495 ? 53  C   V C5    1 
ATOM   1016 C C6    . C   A 1 47 ? 9.89685   22.83330  4.64885   1.000 116.59530 ? 53  C   V C6    1 
ATOM   1017 P P     . G   A 1 48 ? 9.81043   28.20957  5.65707   1.000 137.47310 ? 54  G   V P     1 
ATOM   1018 O OP1   . G   A 1 48 ? 10.08862  29.66170  5.52180   1.000 158.53595 ? 54  G   V OP1   1 
ATOM   1019 O OP2   . G   A 1 48 ? 10.74139  27.35276  6.43527   1.000 123.25523 ? 54  G   V OP2   1 
ATOM   1020 O "O5'" . G   A 1 48 ? 8.35154   28.04195  6.27501   1.000 122.34320 ? 54  G   V "O5'" 1 
ATOM   1021 C "C5'" . G   A 1 48 ? 7.23352   28.68246  5.67921   1.000 125.93962 ? 54  G   V "C5'" 1 
ATOM   1022 C "C4'" . G   A 1 48 ? 5.93035   28.16760  6.23751   1.000 120.41043 ? 54  G   V "C4'" 1 
ATOM   1023 O "O4'" . G   A 1 48 ? 5.77250   26.76086  5.91427   1.000 115.52486 ? 54  G   V "O4'" 1 
ATOM   1024 C "C3'" . G   A 1 48 ? 5.78100   28.21031  7.74987   1.000 127.50710 ? 54  G   V "C3'" 1 
ATOM   1025 O "O3'" . G   A 1 48 ? 5.44861   29.49345  8.24871   1.000 129.73191 ? 54  G   V "O3'" 1 
ATOM   1026 C "C2'" . G   A 1 48 ? 4.71096   27.15815  7.99983   1.000 120.77437 ? 54  G   V "C2'" 1 
ATOM   1027 O "O2'" . G   A 1 48 ? 3.42515   27.66242  7.67029   1.000 118.95961 ? 54  G   V "O2'" 1 
ATOM   1028 C "C1'" . G   A 1 48 ? 5.09273   26.10175  6.96417   1.000 115.93533 ? 54  G   V "C1'" 1 
ATOM   1029 N N9    . G   A 1 48 ? 5.98834   25.08187  7.53944   1.000 115.90259 ? 54  G   V N9    1 
ATOM   1030 C C8    . G   A 1 48 ? 7.33905   24.94147  7.33305   1.000 123.63969 ? 54  G   V C8    1 
ATOM   1031 N N7    . G   A 1 48 ? 7.85407   23.93781  7.99140   1.000 125.08575 ? 54  G   V N7    1 
ATOM   1032 C C5    . G   A 1 48 ? 6.77962   23.38557  8.67598   1.000 117.99864 ? 54  G   V C5    1 
ATOM   1033 C C6    . G   A 1 48 ? 6.71831   22.27303  9.55529   1.000 109.53703 ? 54  G   V C6    1 
ATOM   1034 O O6    . G   A 1 48 ? 7.63382   21.52541  9.92076   1.000 105.07492 ? 54  G   V O6    1 
ATOM   1035 N N1    . G   A 1 48 ? 5.42528   22.06452  10.02511  1.000 105.27990 ? 54  G   V N1    1 
ATOM   1036 C C2    . G   A 1 48 ? 4.33060   22.82411  9.69263   1.000 112.56996 ? 54  G   V C2    1 
ATOM   1037 N N2    . G   A 1 48 ? 3.16550   22.46356  10.25040  1.000 113.66455 ? 54  G   V N2    1 
ATOM   1038 N N3    . G   A 1 48 ? 4.37397   23.86226  8.87496   1.000 113.29503 ? 54  G   V N3    1 
ATOM   1039 C C4    . G   A 1 48 ? 5.62083   24.08262  8.40768   1.000 112.09322 ? 54  G   V C4    1 
ATOM   1040 P P     . C   A 1 49 ? 5.95328   29.93993  9.70781   1.000 139.44499 ? 55  C   V P     1 
ATOM   1041 O OP1   . C   A 1 49 ? 5.55806   31.35598  9.91444   1.000 150.77067 ? 55  C   V OP1   1 
ATOM   1042 O OP2   . C   A 1 49 ? 7.37994   29.54942  9.83997   1.000 120.37988 ? 55  C   V OP2   1 
ATOM   1043 O "O5'" . C   A 1 49 ? 5.09809   29.03733  10.70492  1.000 126.39894 ? 55  C   V "O5'" 1 
ATOM   1044 C "C5'" . C   A 1 49 ? 3.68096   29.12352  10.72636  1.000 125.99992 ? 55  C   V "C5'" 1 
ATOM   1045 C "C4'" . C   A 1 49 ? 3.06225   28.02462  11.55522  1.000 126.73047 ? 55  C   V "C4'" 1 
ATOM   1046 O "O4'" . C   A 1 49 ? 3.40888   26.72754  11.00224  1.000 124.46671 ? 55  C   V "O4'" 1 
ATOM   1047 C "C3'" . C   A 1 49 ? 3.51476   27.93119  13.00311  1.000 133.56696 ? 55  C   V "C3'" 1 
ATOM   1048 O "O3'" . C   A 1 49 ? 2.89326   28.88157  13.84977  1.000 148.96717 ? 55  C   V "O3'" 1 
ATOM   1049 C "C2'" . C   A 1 49 ? 3.18033   26.48835  13.35408  1.000 131.25458 ? 55  C   V "C2'" 1 
ATOM   1050 O "O2'" . C   A 1 49 ? 1.78797   26.34079  13.59000  1.000 134.72758 ? 55  C   V "O2'" 1 
ATOM   1051 C "C1'" . C   A 1 49 ? 3.52344   25.77865  12.04441  1.000 118.91477 ? 55  C   V "C1'" 1 
ATOM   1052 N N1    . C   A 1 49 ? 4.90390   25.24507  12.05853  1.000 116.47112 ? 55  C   V N1    1 
ATOM   1053 C C2    . C   A 1 49 ? 5.14435   24.05666  12.75327  1.000 117.75134 ? 55  C   V C2    1 
ATOM   1054 O O2    . C   A 1 49 ? 4.19685   23.49527  13.32401  1.000 105.91899 ? 55  C   V O2    1 
ATOM   1055 N N3    . C   A 1 49 ? 6.39767   23.54936  12.78527  1.000 113.04924 ? 55  C   V N3    1 
ATOM   1056 C C4    . C   A 1 49 ? 7.38889   24.18523  12.15919  1.000 115.69477 ? 55  C   V C4    1 
ATOM   1057 N N4    . C   A 1 49 ? 8.60984   23.64782  12.21668  1.000 110.85720 ? 55  C   V N4    1 
ATOM   1058 C C5    . C   A 1 49 ? 7.17210   25.39957  11.44430  1.000 118.23918 ? 55  C   V C5    1 
ATOM   1059 C C6    . C   A 1 49 ? 5.92617   25.89147  11.42109  1.000 115.69776 ? 55  C   V C6    1 
ATOM   1060 P P     . C   A 1 50 ? 3.66080   29.41394  15.15787  1.000 153.48602 ? 56  C   V P     1 
ATOM   1061 O OP1   . C   A 1 50 ? 2.88966   30.55604  15.71073  1.000 155.96120 ? 56  C   V OP1   1 
ATOM   1062 O OP2   . C   A 1 50 ? 5.09218   29.59725  14.80666  1.000 135.79622 ? 56  C   V OP2   1 
ATOM   1063 O "O5'" . C   A 1 50 ? 3.55727   28.20198  16.18724  1.000 134.34078 ? 56  C   V "O5'" 1 
ATOM   1064 C "C5'" . C   A 1 50 ? 2.29283   27.71204  16.60704  1.000 136.27040 ? 56  C   V "C5'" 1 
ATOM   1065 C "C4'" . C   A 1 50 ? 2.41666   26.39983  17.34079  1.000 138.60923 ? 56  C   V "C4'" 1 
ATOM   1066 O "O4'" . C   A 1 50 ? 3.05732   25.41388  16.49115  1.000 146.66892 ? 56  C   V "O4'" 1 
ATOM   1067 C "C3'" . C   A 1 50 ? 3.27094   26.40847  18.59814  1.000 132.55558 ? 56  C   V "C3'" 1 
ATOM   1068 O "O3'" . C   A 1 50 ? 2.58844   26.92720  19.72635  1.000 148.59350 ? 56  C   V "O3'" 1 
ATOM   1069 C "C2'" . C   A 1 50 ? 3.65840   24.94276  18.74310  1.000 129.33640 ? 56  C   V "C2'" 1 
ATOM   1070 O "O2'" . C   A 1 50 ? 2.58788   24.19624  19.30191  1.000 135.95021 ? 56  C   V "O2'" 1 
ATOM   1071 C "C1'" . C   A 1 50 ? 3.82412   24.52701  17.27998  1.000 138.44939 ? 56  C   V "C1'" 1 
ATOM   1072 N N1    . C   A 1 50 ? 5.23623   24.58848  16.83902  1.000 129.51454 ? 56  C   V N1    1 
ATOM   1073 C C2    . C   A 1 50 ? 6.07859   23.52146  17.16357  1.000 117.83454 ? 56  C   V C2    1 
ATOM   1074 O O2    . C   A 1 50 ? 5.61441   22.56733  17.80673  1.000 112.76066 ? 56  C   V O2    1 
ATOM   1075 N N3    . C   A 1 50 ? 7.37262   23.55491  16.77146  1.000 114.09675 ? 56  C   V N3    1 
ATOM   1076 C C4    . C   A 1 50 ? 7.83194   24.59929  16.08130  1.000 120.59533 ? 56  C   V C4    1 
ATOM   1077 N N4    . C   A 1 50 ? 9.11626   24.58909  15.71493  1.000 121.59684 ? 56  C   V N4    1 
ATOM   1078 C C5    . C   A 1 50 ? 6.99573   25.70111  15.73603  1.000 125.47838 ? 56  C   V C5    1 
ATOM   1079 C C6    . C   A 1 50 ? 5.71656   25.65482  16.13122  1.000 124.80880 ? 56  C   V C6    1 
HETATM 1080 N N1    . NPR B 2 .  ? -5.82086  -1.61757  1.78792   1.000 73.30241  ? 101 NPR V N1    1 
HETATM 1081 C C2    . NPR B 2 .  ? -4.71447  -2.30610  1.46250   1.000 86.65437  ? 101 NPR V C2    1 
HETATM 1082 N N3    . NPR B 2 .  ? -4.32512  -3.34269  2.22312   1.000 93.87181  ? 101 NPR V N3    1 
HETATM 1083 C C4    . NPR B 2 .  ? -3.22216  -3.98023  1.84515   1.000 84.68100  ? 101 NPR V C4    1 
HETATM 1084 O O5    . NPR B 2 .  ? -2.85659  -4.92412  2.53857   1.000 91.41871  ? 101 NPR V O5    1 
HETATM 1085 C C6    . NPR B 2 .  ? -2.45212  -3.62128  0.68062   1.000 77.99201  ? 101 NPR V C6    1 
HETATM 1086 N N7    . NPR B 2 .  ? -1.30983  -4.29684  0.29379   1.000 98.25585  ? 101 NPR V N7    1 
HETATM 1087 C C8    . NPR B 2 .  ? -0.73043  -3.94441  -0.79192  1.000 84.05505  ? 101 NPR V C8    1 
HETATM 1088 C C9    . NPR B 2 .  ? -0.88695  -2.52487  -1.28020  1.000 75.23774  ? 101 NPR V C9    1 
HETATM 1089 N N10   . NPR B 2 .  ? -2.28174  -2.14969  -1.13322  1.000 71.23033  ? 101 NPR V N10   1 
HETATM 1090 C C11   . NPR B 2 .  ? -2.93851  -2.55071  -0.03510  1.000 68.83562  ? 101 NPR V C11   1 
HETATM 1091 N N12   . NPR B 2 .  ? -4.06723  -1.87822  0.33657   1.000 68.98992  ? 101 NPR V N12   1 
HETATM 1092 C C13   . NPR B 2 .  ? -0.51477  -4.96723  -1.88670  1.000 119.98287 ? 101 NPR V C13   1 
HETATM 1093 O O14   . NPR B 2 .  ? 0.74277   -4.75240  -2.50042  1.000 104.51032 ? 101 NPR V O14   1 
HETATM 1094 C C15   . NPR B 2 .  ? -1.67073  -5.01525  -2.89185  1.000 131.75248 ? 101 NPR V C15   1 
HETATM 1095 O O16   . NPR B 2 .  ? -2.86997  -5.23390  -2.19225  1.000 116.47392 ? 101 NPR V O16   1 
HETATM 1096 C C17   . NPR B 2 .  ? -1.42238  -6.07452  -3.95208  0.000 104.37778 ? 101 NPR V C17   1 
HETATM 1097 O O18   . NPR B 2 .  ? -2.56139  -6.17131  -4.77635  0.400 101.45404 ? 101 NPR V O18   1 
HETATM 1098 H HN11  . NPR B 2 .  ? -5.82324  -0.73564  1.67687   1.000 89.40431  ? 101 NPR V HN11  1 
HETATM 1099 H HN12  . NPR B 2 .  ? -6.55653  -2.00255  2.10932   1.000 89.40431  ? 101 NPR V HN12  1 
HETATM 1100 H H91   . NPR B 2 .  ? -0.62860  -2.43852  -2.21117  1.000 91.72670  ? 101 NPR V H91   1 
HETATM 1101 H H92   . NPR B 2 .  ? -0.33491  -1.91082  -0.77119  1.000 91.72670  ? 101 NPR V H92   1 
HETATM 1102 H H10   . NPR B 2 .  ? -2.73478  -1.92159  -1.86453  1.000 86.91781  ? 101 NPR V H10   1 
HETATM 1103 H H12   . NPR B 2 .  ? -4.15339  -1.05729  0.09520   1.000 84.22931  ? 101 NPR V H12   1 
HETATM 1104 H H13   . NPR B 2 .  ? -0.43565  -5.83762  -1.46593  1.000 145.42086 ? 101 NPR V H13   1 
HETATM 1105 H H14   . NPR B 2 .  ? 1.29710   -4.52576  -1.89931  1.000 126.85380 ? 101 NPR V H14   1 
HETATM 1106 H H15   . NPR B 2 .  ? -1.76503  -4.15388  -3.32778  1.000 159.54438 ? 101 NPR V H15   1 
HETATM 1107 H H16   . NPR B 2 .  ? -2.77049  -5.92804  -1.71205  1.000 141.21011 ? 101 NPR V H16   1 
HETATM 1108 H H171  . NPR B 2 .  ? -1.22696  -6.91997  -3.51860  1.000 126.69475 ? 101 NPR V H171  1 
HETATM 1109 H H172  . NPR B 2 .  ? -0.63464  -5.83427  -4.46458  1.000 126.69475 ? 101 NPR V H172  1 
HETATM 1110 H H18   . NPR B 2 .  ? -3.24963  -6.08622  -4.28543  1.000 123.18625 ? 101 NPR V H18   1 
# 
